data_1RVT
#
_entry.id   1RVT
#
_cell.length_a   204.296
_cell.length_b   83.300
_cell.length_c   177.380
_cell.angle_alpha   90.00
_cell.angle_beta   106.15
_cell.angle_gamma   90.00
#
_symmetry.space_group_name_H-M   'C 1 2 1'
#
loop_
_entity.id
_entity.type
_entity.pdbx_description
1 polymer hemagglutinin
2 polymer hemagglutinin
3 branched 'N-acetyl-alpha-neuraminic acid-(2-6)-beta-D-galactopyranose'
4 branched 'N-acetyl-alpha-neuraminic acid-(2-6)-beta-D-galactopyranose-(1-4)-2-acetamido-2-deoxy-beta-D-glucopyranose-(1-3)-beta-D-galactopyranose-(1-4)-beta-D-glucopyranose'
5 non-polymer 2-acetamido-2-deoxy-alpha-D-glucopyranose
6 water water
#
loop_
_entity_poly.entity_id
_entity_poly.type
_entity_poly.pdbx_seq_one_letter_code
_entity_poly.pdbx_strand_id
1 'polypeptide(L)'
;ATNADTLCIGYHANNSTDTVDTVLEKNVTVTHSVNLLEDSHNGKLCRLGGIAPLQLGKCNIAGWLLGNPECDLLLTVSSW
SYIVETSNSDNGTCYPGDFIDYEELREQLSSVSSFEKFEIFPKTSSWPNHETTRGVTAACPYAGASSFYRNLLWLVKKGN
SYPKLSKSYVNNKGKEVLVLWGVHHPPTSTDQQSLYQNADAYVSVGSSKYDRRFTPEIAARPKVRGQAGRMNYYWTLLEP
GDTITFEATGNLVAPRYAFALNRGSGSGIITSDAPVHDCDTKCQTPHGAINSSLPFQNIHPVTIGECPKYVKSTKLRMAT
GLRNIPAR
;
H,J,L
2 'polypeptide(L)'
;GLFGAIAGFIEGGWTGLIDGWYGYHHQNEQGSGYAADQKSTQNAIDGITNKVNSVIEKMNTQFTAVGKEFNNLERRIKNL
NKKVDDGFLDVWTYNAELLVLLENERTLDFHDSNVKNLYEKARSQLRNNAKEIGNGCFEFYHKCDDACMESVRNGTYDYP
;
I,K,M
#
# COMPACT_ATOMS: atom_id res chain seq x y z
N ASP A 5 51.84 27.62 32.00
CA ASP A 5 50.90 26.47 32.06
C ASP A 5 49.72 26.64 31.10
N THR A 6 49.29 25.54 30.49
CA THR A 6 48.18 25.58 29.53
C THR A 6 47.21 24.41 29.65
N LEU A 7 45.93 24.71 29.40
CA LEU A 7 44.86 23.71 29.44
C LEU A 7 44.07 23.82 28.14
N CYS A 8 43.93 22.70 27.44
CA CYS A 8 43.21 22.69 26.17
C CYS A 8 41.96 21.80 26.20
N ILE A 9 41.00 22.15 25.35
CA ILE A 9 39.76 21.40 25.24
C ILE A 9 39.62 20.82 23.85
N GLY A 10 39.57 19.49 23.77
CA GLY A 10 39.46 18.85 22.48
C GLY A 10 38.54 17.64 22.45
N TYR A 11 38.65 16.88 21.36
CA TYR A 11 37.81 15.71 21.17
C TYR A 11 38.56 14.49 20.63
N HIS A 12 38.08 13.32 21.04
CA HIS A 12 38.65 12.03 20.65
C HIS A 12 38.87 11.88 19.14
N ALA A 13 39.79 10.98 18.80
CA ALA A 13 40.10 10.66 17.41
C ALA A 13 40.84 9.33 17.47
N ASN A 14 40.68 8.52 16.44
CA ASN A 14 41.34 7.21 16.39
C ASN A 14 41.64 6.86 14.95
N ASN A 15 41.89 5.59 14.69
CA ASN A 15 42.23 5.15 13.34
C ASN A 15 41.06 4.54 12.56
N SER A 16 39.85 4.70 13.09
CA SER A 16 38.67 4.15 12.41
C SER A 16 38.62 4.63 10.97
N THR A 17 38.17 3.75 10.08
CA THR A 17 38.04 4.04 8.66
C THR A 17 36.57 4.16 8.29
N ASP A 18 35.71 3.86 9.26
CA ASP A 18 34.27 3.91 9.06
C ASP A 18 33.86 5.22 8.38
N THR A 19 32.87 5.12 7.50
CA THR A 19 32.36 6.29 6.79
C THR A 19 30.83 6.26 6.73
N VAL A 20 30.21 7.45 6.79
CA VAL A 20 28.76 7.54 6.71
C VAL A 20 28.40 8.73 5.85
N ASP A 21 27.15 8.77 5.40
CA ASP A 21 26.69 9.88 4.59
C ASP A 21 25.79 10.78 5.40
N THR A 22 25.71 12.03 5.00
CA THR A 22 24.87 12.99 5.68
C THR A 22 24.23 13.75 4.56
N VAL A 23 23.23 14.54 4.89
CA VAL A 23 22.52 15.33 3.90
C VAL A 23 23.46 16.28 3.17
N LEU A 24 24.34 16.94 3.91
CA LEU A 24 25.27 17.91 3.33
C LEU A 24 26.58 17.39 2.77
N GLU A 25 27.00 16.20 3.21
CA GLU A 25 28.26 15.66 2.76
C GLU A 25 28.30 14.13 2.74
N LYS A 26 28.88 13.59 1.69
CA LYS A 26 29.00 12.14 1.56
C LYS A 26 30.37 11.67 2.04
N ASN A 27 30.47 10.37 2.31
CA ASN A 27 31.71 9.74 2.77
C ASN A 27 32.43 10.54 3.87
N VAL A 28 31.88 10.53 5.07
CA VAL A 28 32.47 11.23 6.21
C VAL A 28 32.98 10.22 7.23
N THR A 29 34.29 10.13 7.34
CA THR A 29 34.91 9.21 8.28
C THR A 29 34.65 9.65 9.70
N VAL A 30 34.15 8.72 10.52
CA VAL A 30 33.84 9.00 11.92
C VAL A 30 34.57 8.03 12.82
N THR A 31 34.56 8.29 14.12
CA THR A 31 35.26 7.45 15.11
C THR A 31 34.53 6.15 15.44
N HIS A 32 33.21 6.24 15.63
CA HIS A 32 32.41 5.07 15.94
C HIS A 32 31.12 5.08 15.12
N SER A 33 30.59 3.89 14.82
CA SER A 33 29.36 3.77 14.05
C SER A 33 28.78 2.36 14.19
N VAL A 34 27.50 2.23 13.92
CA VAL A 34 26.84 0.92 13.99
C VAL A 34 26.22 0.59 12.65
N ASN A 35 26.28 -0.67 12.26
CA ASN A 35 25.68 -1.13 11.01
C ASN A 35 24.27 -1.57 11.32
N LEU A 36 23.31 -1.13 10.50
CA LEU A 36 21.91 -1.47 10.72
C LEU A 36 21.41 -2.43 9.64
N LEU A 37 22.26 -2.71 8.67
CA LEU A 37 21.88 -3.55 7.55
C LEU A 37 22.56 -4.92 7.52
N GLU A 38 21.78 -5.97 7.78
CA GLU A 38 22.29 -7.33 7.75
C GLU A 38 22.35 -7.74 6.29
N ASP A 39 23.45 -8.38 5.91
CA ASP A 39 23.65 -8.83 4.53
C ASP A 39 24.27 -10.22 4.51
N SER A 40 24.27 -10.89 5.66
CA SER A 40 24.85 -12.23 5.76
C SER A 40 23.79 -13.28 6.06
N HIS A 41 23.94 -14.44 5.42
CA HIS A 41 23.06 -15.57 5.62
C HIS A 41 23.90 -16.84 5.40
N ASN A 42 23.55 -17.92 6.08
CA ASN A 42 24.30 -19.18 5.99
C ASN A 42 24.03 -20.05 4.77
N GLY A 43 23.39 -19.48 3.74
CA GLY A 43 23.10 -20.21 2.52
C GLY A 43 22.44 -21.59 2.66
N LYS A 44 21.82 -21.85 3.81
CA LYS A 44 21.20 -23.14 4.03
C LYS A 44 19.74 -23.06 4.51
N LEU A 45 18.94 -24.08 4.18
CA LEU A 45 17.56 -24.14 4.62
C LEU A 45 17.52 -24.81 5.98
N CYS A 46 17.19 -24.05 7.01
CA CYS A 46 17.18 -24.61 8.34
C CYS A 46 15.80 -24.89 8.88
N ARG A 47 15.73 -25.47 10.07
CA ARG A 47 14.44 -25.76 10.66
C ARG A 47 14.01 -24.63 11.56
N LEU A 48 12.69 -24.52 11.75
CA LEU A 48 12.08 -23.48 12.58
C LEU A 48 11.36 -24.14 13.74
N GLY A 49 11.43 -23.52 14.92
CA GLY A 49 10.77 -24.11 16.08
C GLY A 49 11.13 -25.58 16.18
N GLY A 50 12.35 -25.90 15.76
CA GLY A 50 12.81 -27.28 15.82
C GLY A 50 12.16 -28.23 14.83
N ILE A 51 11.35 -27.74 13.90
CA ILE A 51 10.72 -28.64 12.96
C ILE A 51 11.29 -28.49 11.57
N ALA A 52 11.56 -29.62 10.92
CA ALA A 52 12.12 -29.59 9.59
C ALA A 52 11.14 -29.03 8.55
N PRO A 53 11.68 -28.50 7.45
CA PRO A 53 10.78 -27.97 6.43
C PRO A 53 10.38 -29.13 5.52
N LEU A 54 9.29 -28.96 4.78
CA LEU A 54 8.85 -30.01 3.87
C LEU A 54 9.48 -29.82 2.50
N GLN A 55 10.47 -30.64 2.17
CA GLN A 55 11.11 -30.51 0.86
C GLN A 55 10.32 -31.32 -0.15
N LEU A 56 9.66 -30.64 -1.08
CA LEU A 56 8.85 -31.32 -2.10
C LEU A 56 9.76 -31.82 -3.20
N GLY A 57 10.92 -31.19 -3.33
CA GLY A 57 11.90 -31.57 -4.34
C GLY A 57 11.40 -31.48 -5.76
N LYS A 58 11.34 -32.64 -6.41
CA LYS A 58 10.89 -32.74 -7.80
C LYS A 58 9.38 -32.47 -7.92
N CYS A 59 8.66 -32.62 -6.81
CA CYS A 59 7.22 -32.43 -6.78
C CYS A 59 6.78 -31.05 -6.35
N ASN A 60 5.53 -30.72 -6.66
CA ASN A 60 4.97 -29.45 -6.23
C ASN A 60 3.73 -29.76 -5.39
N ILE A 61 3.03 -28.73 -4.92
CA ILE A 61 1.86 -28.96 -4.08
C ILE A 61 0.86 -29.96 -4.67
N ALA A 62 0.52 -29.82 -5.95
CA ALA A 62 -0.44 -30.72 -6.57
C ALA A 62 0.00 -32.19 -6.53
N GLY A 63 1.22 -32.45 -7.02
CA GLY A 63 1.73 -33.81 -7.02
C GLY A 63 1.80 -34.42 -5.64
N TRP A 64 2.06 -33.59 -4.63
CA TRP A 64 2.14 -34.06 -3.26
C TRP A 64 0.75 -34.45 -2.73
N LEU A 65 -0.18 -33.51 -2.70
CA LEU A 65 -1.52 -33.79 -2.19
C LEU A 65 -2.24 -34.88 -2.97
N LEU A 66 -2.22 -34.79 -4.30
CA LEU A 66 -2.87 -35.82 -5.11
C LEU A 66 -2.13 -37.14 -4.91
N GLY A 67 -0.82 -37.06 -4.68
CA GLY A 67 -0.06 -38.27 -4.49
C GLY A 67 0.51 -38.81 -5.78
N ASN A 68 1.17 -37.92 -6.52
CA ASN A 68 1.81 -38.27 -7.78
C ASN A 68 2.77 -39.42 -7.49
N PRO A 69 2.80 -40.44 -8.36
CA PRO A 69 3.66 -41.62 -8.20
C PRO A 69 5.15 -41.31 -7.93
N GLU A 70 5.61 -40.16 -8.40
CA GLU A 70 6.99 -39.75 -8.23
C GLU A 70 7.22 -38.94 -6.95
N CYS A 71 6.26 -38.96 -6.04
CA CYS A 71 6.40 -38.19 -4.81
C CYS A 71 6.26 -39.07 -3.58
N ASP A 72 6.43 -40.37 -3.77
CA ASP A 72 6.32 -41.30 -2.65
C ASP A 72 7.21 -40.93 -1.46
N LEU A 73 8.25 -40.15 -1.69
CA LEU A 73 9.12 -39.74 -0.59
C LEU A 73 8.34 -38.95 0.46
N LEU A 74 7.32 -38.24 0.01
CA LEU A 74 6.53 -37.39 0.89
C LEU A 74 5.44 -38.09 1.70
N LEU A 75 5.02 -39.25 1.22
CA LEU A 75 3.97 -40.04 1.88
C LEU A 75 3.95 -40.11 3.39
N THR A 76 5.13 -40.27 4.03
CA THR A 76 5.18 -40.37 5.49
C THR A 76 5.14 -39.05 6.25
N VAL A 77 5.47 -37.96 5.57
CA VAL A 77 5.51 -36.66 6.23
C VAL A 77 4.15 -36.09 6.58
N SER A 78 4.01 -35.62 7.81
CA SER A 78 2.75 -35.05 8.25
C SER A 78 2.93 -33.81 9.13
N SER A 79 4.15 -33.32 9.25
CA SER A 79 4.43 -32.15 10.07
C SER A 79 5.60 -31.37 9.45
N TRP A 80 5.56 -30.05 9.46
CA TRP A 80 6.63 -29.22 8.86
C TRP A 80 6.58 -27.75 9.29
N SER A 81 7.72 -27.07 9.21
CA SER A 81 7.79 -25.65 9.59
C SER A 81 7.49 -24.75 8.39
N TYR A 82 7.73 -25.26 7.20
CA TYR A 82 7.45 -24.50 5.97
C TYR A 82 7.61 -25.43 4.80
N ILE A 83 7.03 -25.05 3.66
CA ILE A 83 7.10 -25.89 2.46
C ILE A 83 8.04 -25.31 1.43
N VAL A 84 8.87 -26.16 0.86
CA VAL A 84 9.86 -25.76 -0.13
C VAL A 84 9.69 -26.43 -1.48
N GLU A 85 9.63 -25.61 -2.53
CA GLU A 85 9.53 -26.10 -3.91
C GLU A 85 10.84 -25.68 -4.55
N THR A 86 11.38 -26.51 -5.43
CA THR A 86 12.63 -26.18 -6.10
C THR A 86 12.36 -25.68 -7.51
N SER A 87 13.41 -25.55 -8.32
CA SER A 87 13.27 -25.09 -9.69
C SER A 87 12.83 -26.27 -10.52
N ASN A 88 12.86 -27.44 -9.90
CA ASN A 88 12.47 -28.66 -10.60
C ASN A 88 11.27 -29.34 -9.98
N SER A 89 10.40 -28.55 -9.37
CA SER A 89 9.18 -29.10 -8.79
C SER A 89 8.16 -29.14 -9.93
N ASP A 90 8.36 -30.06 -10.86
CA ASP A 90 7.48 -30.18 -12.02
C ASP A 90 6.54 -31.38 -11.93
N ASN A 91 6.72 -32.20 -10.90
CA ASN A 91 5.85 -33.35 -10.70
C ASN A 91 4.58 -32.96 -9.98
N GLY A 92 3.51 -32.82 -10.77
CA GLY A 92 2.23 -32.45 -10.21
C GLY A 92 1.14 -33.35 -10.77
N THR A 93 0.32 -32.80 -11.66
CA THR A 93 -0.76 -33.58 -12.27
C THR A 93 -0.28 -34.32 -13.50
N CYS A 94 0.15 -35.56 -13.31
CA CYS A 94 0.63 -36.36 -14.42
C CYS A 94 -0.43 -36.56 -15.50
N TYR A 95 -1.69 -36.70 -15.12
CA TYR A 95 -2.75 -36.86 -16.12
C TYR A 95 -3.29 -35.46 -16.41
N PRO A 96 -3.20 -35.01 -17.67
CA PRO A 96 -3.65 -33.69 -18.12
C PRO A 96 -5.05 -33.31 -17.64
N GLY A 97 -5.22 -32.02 -17.36
CA GLY A 97 -6.49 -31.52 -16.89
C GLY A 97 -6.30 -30.21 -16.14
N ASP A 98 -7.36 -29.74 -15.51
CA ASP A 98 -7.29 -28.48 -14.80
C ASP A 98 -7.49 -28.71 -13.30
N PHE A 99 -6.65 -28.09 -12.51
CA PHE A 99 -6.73 -28.20 -11.06
C PHE A 99 -7.48 -26.95 -10.63
N ILE A 100 -8.78 -27.12 -10.41
CA ILE A 100 -9.66 -26.03 -10.02
C ILE A 100 -9.25 -25.35 -8.72
N ASP A 101 -9.19 -24.02 -8.77
CA ASP A 101 -8.79 -23.21 -7.62
C ASP A 101 -7.52 -23.74 -6.97
N TYR A 102 -6.54 -24.05 -7.81
CA TYR A 102 -5.26 -24.56 -7.35
C TYR A 102 -4.49 -23.58 -6.47
N GLU A 103 -4.41 -22.31 -6.92
CA GLU A 103 -3.67 -21.28 -6.19
C GLU A 103 -4.29 -21.04 -4.84
N GLU A 104 -5.61 -21.16 -4.79
CA GLU A 104 -6.32 -21.00 -3.53
C GLU A 104 -5.92 -22.13 -2.59
N LEU A 105 -5.84 -23.35 -3.12
CA LEU A 105 -5.47 -24.49 -2.29
C LEU A 105 -4.09 -24.28 -1.69
N ARG A 106 -3.17 -23.75 -2.49
CA ARG A 106 -1.83 -23.46 -2.03
C ARG A 106 -1.89 -22.41 -0.93
N GLU A 107 -2.76 -21.42 -1.10
CA GLU A 107 -2.88 -20.37 -0.10
C GLU A 107 -3.36 -20.98 1.21
N GLN A 108 -4.31 -21.90 1.12
CA GLN A 108 -4.86 -22.57 2.30
C GLN A 108 -3.77 -23.32 3.06
N LEU A 109 -2.87 -23.98 2.35
CA LEU A 109 -1.80 -24.74 2.96
C LEU A 109 -0.76 -23.91 3.70
N SER A 110 -0.67 -22.63 3.37
CA SER A 110 0.29 -21.74 4.02
C SER A 110 0.04 -21.61 5.50
N SER A 111 -1.20 -21.88 5.93
CA SER A 111 -1.55 -21.81 7.34
C SER A 111 -1.79 -23.20 7.93
N VAL A 112 -1.12 -24.20 7.36
CA VAL A 112 -1.23 -25.57 7.82
C VAL A 112 0.16 -26.00 8.29
N SER A 113 0.29 -26.28 9.59
CA SER A 113 1.58 -26.70 10.13
C SER A 113 1.67 -28.23 10.20
N SER A 114 0.53 -28.90 10.10
CA SER A 114 0.53 -30.37 10.14
C SER A 114 -0.85 -30.92 9.81
N PHE A 115 -0.90 -32.21 9.52
CA PHE A 115 -2.17 -32.85 9.22
C PHE A 115 -2.12 -34.32 9.56
N GLU A 116 -3.26 -34.96 9.42
CA GLU A 116 -3.32 -36.38 9.70
C GLU A 116 -4.03 -37.03 8.54
N LYS A 117 -3.23 -37.63 7.67
CA LYS A 117 -3.71 -38.31 6.47
C LYS A 117 -4.46 -39.55 6.91
N PHE A 118 -5.64 -39.79 6.34
CA PHE A 118 -6.40 -40.99 6.70
C PHE A 118 -7.17 -41.46 5.47
N GLU A 119 -7.32 -42.78 5.34
CA GLU A 119 -8.03 -43.36 4.20
C GLU A 119 -9.54 -43.12 4.32
N ILE A 120 -9.99 -41.98 3.85
CA ILE A 120 -11.40 -41.64 3.94
C ILE A 120 -12.34 -42.69 3.33
N PHE A 121 -11.94 -43.25 2.20
CA PHE A 121 -12.74 -44.29 1.54
C PHE A 121 -11.87 -45.51 1.24
N PRO A 122 -11.69 -46.40 2.23
CA PRO A 122 -10.88 -47.61 2.05
C PRO A 122 -11.13 -48.24 0.68
N LYS A 123 -10.05 -48.46 -0.04
CA LYS A 123 -10.11 -49.03 -1.39
C LYS A 123 -10.76 -50.40 -1.51
N THR A 124 -10.44 -51.31 -0.58
CA THR A 124 -10.97 -52.66 -0.63
C THR A 124 -12.32 -52.89 0.03
N SER A 125 -12.97 -51.82 0.48
CA SER A 125 -14.26 -52.01 1.15
C SER A 125 -15.33 -50.95 0.90
N SER A 126 -15.00 -49.89 0.17
CA SER A 126 -15.96 -48.82 -0.09
C SER A 126 -16.75 -48.94 -1.38
N TRP A 127 -16.25 -49.72 -2.32
CA TRP A 127 -16.92 -49.84 -3.62
C TRP A 127 -17.16 -51.27 -4.08
N PRO A 128 -18.10 -51.98 -3.45
CA PRO A 128 -18.43 -53.37 -3.78
C PRO A 128 -18.92 -53.60 -5.21
N ASN A 129 -19.69 -52.67 -5.75
CA ASN A 129 -20.23 -52.82 -7.10
C ASN A 129 -19.50 -52.05 -8.19
N HIS A 130 -18.21 -51.83 -8.02
CA HIS A 130 -17.42 -51.10 -9.01
C HIS A 130 -16.01 -51.65 -9.10
N GLU A 131 -15.35 -51.46 -10.24
CA GLU A 131 -13.99 -51.96 -10.41
C GLU A 131 -12.99 -50.99 -9.81
N THR A 132 -12.23 -51.46 -8.83
CA THR A 132 -11.24 -50.60 -8.17
C THR A 132 -9.79 -50.94 -8.52
N THR A 133 -9.55 -51.79 -9.52
CA THR A 133 -8.18 -52.16 -9.84
C THR A 133 -7.68 -51.85 -11.23
N ARG A 134 -8.44 -51.10 -12.01
CA ARG A 134 -8.00 -50.79 -13.36
C ARG A 134 -7.71 -49.33 -13.58
N GLY A 135 -7.76 -48.54 -12.51
CA GLY A 135 -7.54 -47.10 -12.62
C GLY A 135 -6.10 -46.63 -12.73
N VAL A 136 -5.40 -47.07 -13.77
CA VAL A 136 -4.01 -46.66 -13.95
C VAL A 136 -3.83 -46.11 -15.35
N THR A 137 -2.78 -45.31 -15.54
CA THR A 137 -2.51 -44.72 -16.84
C THR A 137 -1.01 -44.60 -17.08
N ALA A 138 -0.60 -44.65 -18.34
CA ALA A 138 0.82 -44.56 -18.70
C ALA A 138 1.31 -43.13 -18.55
N ALA A 139 0.40 -42.24 -18.17
CA ALA A 139 0.76 -40.84 -17.98
C ALA A 139 1.16 -40.66 -16.52
N CYS A 140 0.91 -41.69 -15.71
CA CYS A 140 1.27 -41.66 -14.30
C CYS A 140 1.96 -42.97 -13.96
N PRO A 141 3.10 -43.23 -14.63
CA PRO A 141 3.89 -44.43 -14.45
C PRO A 141 4.71 -44.48 -13.18
N TYR A 142 4.93 -45.71 -12.71
CA TYR A 142 5.74 -45.94 -11.52
C TYR A 142 6.53 -47.23 -11.76
N ALA A 143 7.86 -47.12 -11.77
CA ALA A 143 8.69 -48.30 -12.02
C ALA A 143 8.37 -48.85 -13.42
N GLY A 144 8.33 -47.96 -14.41
CA GLY A 144 8.05 -48.35 -15.78
C GLY A 144 6.59 -48.67 -16.09
N ALA A 145 5.90 -49.31 -15.16
CA ALA A 145 4.49 -49.68 -15.37
C ALA A 145 3.53 -48.53 -15.11
N SER A 146 2.45 -48.47 -15.90
CA SER A 146 1.44 -47.44 -15.74
C SER A 146 0.94 -47.49 -14.30
N SER A 147 0.67 -46.33 -13.72
CA SER A 147 0.18 -46.28 -12.34
C SER A 147 -0.85 -45.14 -12.18
N PHE A 148 -0.97 -44.61 -10.96
CA PHE A 148 -1.93 -43.55 -10.70
C PHE A 148 -1.61 -42.85 -9.37
N TYR A 149 -2.35 -41.80 -9.07
CA TYR A 149 -2.18 -41.04 -7.84
C TYR A 149 -2.47 -41.92 -6.62
N ARG A 150 -1.62 -41.83 -5.59
CA ARG A 150 -1.77 -42.63 -4.38
C ARG A 150 -2.96 -42.24 -3.51
N ASN A 151 -3.51 -41.05 -3.75
CA ASN A 151 -4.62 -40.56 -2.93
C ASN A 151 -5.99 -40.53 -3.57
N LEU A 152 -6.07 -40.82 -4.85
CA LEU A 152 -7.37 -40.84 -5.53
C LEU A 152 -7.54 -42.27 -6.00
N LEU A 153 -8.75 -42.63 -6.41
CA LEU A 153 -9.06 -43.97 -6.87
C LEU A 153 -9.91 -43.87 -8.14
N TRP A 154 -9.30 -44.15 -9.28
CA TRP A 154 -10.02 -44.10 -10.55
C TRP A 154 -10.89 -45.34 -10.66
N LEU A 155 -12.20 -45.15 -10.46
CA LEU A 155 -13.16 -46.25 -10.53
C LEU A 155 -13.72 -46.37 -11.94
N VAL A 156 -13.94 -47.60 -12.39
CA VAL A 156 -14.51 -47.87 -13.70
C VAL A 156 -15.57 -48.96 -13.56
N LYS A 157 -16.35 -49.16 -14.62
CA LYS A 157 -17.43 -50.14 -14.60
C LYS A 157 -16.98 -51.57 -14.25
N LYS A 158 -17.89 -52.30 -13.62
CA LYS A 158 -17.61 -53.67 -13.22
C LYS A 158 -18.50 -54.63 -14.01
N GLY A 159 -17.92 -55.35 -14.96
CA GLY A 159 -18.69 -56.28 -15.76
C GLY A 159 -19.83 -55.60 -16.48
N ASN A 160 -19.49 -54.59 -17.29
CA ASN A 160 -20.46 -53.84 -18.08
C ASN A 160 -21.58 -53.13 -17.32
N SER A 161 -21.32 -52.79 -16.05
CA SER A 161 -22.33 -52.09 -15.27
C SER A 161 -21.75 -51.11 -14.26
N TYR A 162 -22.13 -49.85 -14.38
CA TYR A 162 -21.68 -48.81 -13.46
C TYR A 162 -22.95 -48.31 -12.77
N PRO A 163 -23.34 -48.98 -11.68
CA PRO A 163 -24.54 -48.59 -10.93
C PRO A 163 -24.36 -47.22 -10.28
N LYS A 164 -25.46 -46.56 -9.96
CA LYS A 164 -25.40 -45.24 -9.33
C LYS A 164 -24.78 -45.39 -7.95
N LEU A 165 -23.55 -44.93 -7.80
CA LEU A 165 -22.90 -45.04 -6.52
C LEU A 165 -23.24 -43.85 -5.64
N SER A 166 -23.18 -44.06 -4.34
CA SER A 166 -23.48 -43.02 -3.37
C SER A 166 -22.65 -43.35 -2.15
N LYS A 167 -21.73 -42.46 -1.80
CA LYS A 167 -20.85 -42.67 -0.66
C LYS A 167 -20.72 -41.42 0.18
N SER A 168 -20.87 -41.57 1.49
CA SER A 168 -20.78 -40.44 2.39
C SER A 168 -19.74 -40.60 3.48
N TYR A 169 -19.18 -39.47 3.89
CA TYR A 169 -18.19 -39.44 4.95
C TYR A 169 -18.52 -38.27 5.86
N VAL A 170 -18.65 -38.56 7.14
CA VAL A 170 -18.98 -37.54 8.13
C VAL A 170 -17.70 -37.02 8.76
N ASN A 171 -17.38 -35.74 8.56
CA ASN A 171 -16.17 -35.22 9.17
C ASN A 171 -16.36 -35.39 10.66
N ASN A 172 -15.47 -36.16 11.22
CA ASN A 172 -15.62 -36.47 12.60
C ASN A 172 -14.29 -36.35 13.37
N LYS A 173 -13.32 -35.74 12.69
CA LYS A 173 -11.97 -35.52 13.19
C LYS A 173 -11.81 -34.31 14.12
N GLY A 174 -12.84 -33.48 14.19
CA GLY A 174 -12.78 -32.30 15.05
C GLY A 174 -12.02 -31.14 14.42
N LYS A 175 -11.75 -31.24 13.13
CA LYS A 175 -11.01 -30.22 12.42
C LYS A 175 -11.34 -30.30 10.94
N GLU A 176 -10.94 -29.29 10.19
CA GLU A 176 -11.18 -29.25 8.76
C GLU A 176 -10.56 -30.47 8.11
N VAL A 177 -11.28 -31.07 7.16
CA VAL A 177 -10.77 -32.23 6.44
C VAL A 177 -10.68 -31.86 4.97
N LEU A 178 -9.47 -31.93 4.42
CA LEU A 178 -9.27 -31.61 3.02
C LEU A 178 -9.60 -32.84 2.19
N VAL A 179 -10.57 -32.71 1.31
CA VAL A 179 -10.98 -33.81 0.45
C VAL A 179 -10.69 -33.44 -1.01
N LEU A 180 -9.99 -34.33 -1.72
CA LEU A 180 -9.67 -34.11 -3.11
C LEU A 180 -10.29 -35.22 -3.94
N TRP A 181 -10.63 -34.90 -5.19
CA TRP A 181 -11.22 -35.88 -6.09
C TRP A 181 -11.08 -35.38 -7.52
N GLY A 182 -11.45 -36.20 -8.49
CA GLY A 182 -11.35 -35.79 -9.87
C GLY A 182 -12.55 -36.25 -10.67
N VAL A 183 -12.70 -35.67 -11.85
CA VAL A 183 -13.77 -36.03 -12.75
C VAL A 183 -13.05 -36.28 -14.05
N HIS A 184 -13.19 -37.49 -14.58
CA HIS A 184 -12.49 -37.82 -15.82
C HIS A 184 -13.31 -37.51 -17.06
N HIS A 185 -12.62 -37.08 -18.11
CA HIS A 185 -13.28 -36.74 -19.36
C HIS A 185 -12.63 -37.46 -20.51
N PRO A 186 -13.26 -38.54 -21.00
CA PRO A 186 -12.74 -39.36 -22.12
C PRO A 186 -12.73 -38.60 -23.45
N PRO A 187 -11.77 -38.92 -24.34
CA PRO A 187 -11.67 -38.25 -25.65
C PRO A 187 -12.82 -38.60 -26.60
N THR A 188 -13.33 -39.83 -26.51
CA THR A 188 -14.44 -40.27 -27.36
C THR A 188 -15.55 -40.98 -26.59
N SER A 189 -16.77 -40.92 -27.13
CA SER A 189 -17.91 -41.57 -26.50
C SER A 189 -17.73 -43.09 -26.45
N THR A 190 -16.88 -43.61 -27.33
CA THR A 190 -16.63 -45.05 -27.33
C THR A 190 -15.83 -45.36 -26.06
N ASP A 191 -14.98 -44.43 -25.65
CA ASP A 191 -14.17 -44.62 -24.44
C ASP A 191 -15.09 -44.43 -23.24
N GLN A 192 -15.97 -43.43 -23.33
CA GLN A 192 -16.90 -43.14 -22.26
C GLN A 192 -17.67 -44.39 -21.87
N GLN A 193 -18.03 -45.19 -22.87
CA GLN A 193 -18.79 -46.41 -22.65
C GLN A 193 -17.95 -47.61 -22.19
N SER A 194 -16.72 -47.70 -22.64
CA SER A 194 -15.87 -48.81 -22.24
C SER A 194 -15.46 -48.64 -20.79
N LEU A 195 -15.41 -47.38 -20.35
CA LEU A 195 -15.03 -47.04 -18.98
C LEU A 195 -16.19 -47.01 -18.00
N TYR A 196 -17.30 -46.38 -18.39
CA TYR A 196 -18.44 -46.22 -17.49
C TYR A 196 -19.83 -46.65 -17.99
N GLN A 197 -19.93 -47.31 -19.13
CA GLN A 197 -21.22 -47.76 -19.68
C GLN A 197 -22.20 -46.63 -19.99
N ASN A 198 -22.67 -45.97 -18.95
CA ASN A 198 -23.63 -44.88 -19.11
C ASN A 198 -23.07 -43.80 -20.00
N ALA A 199 -23.83 -43.41 -21.02
CA ALA A 199 -23.42 -42.38 -21.96
C ALA A 199 -23.71 -40.99 -21.38
N ASP A 200 -24.75 -40.92 -20.55
CA ASP A 200 -25.10 -39.66 -19.91
C ASP A 200 -24.88 -39.77 -18.41
N ALA A 201 -23.61 -39.93 -18.04
CA ALA A 201 -23.21 -40.05 -16.65
C ALA A 201 -23.11 -38.66 -16.03
N TYR A 202 -22.97 -38.63 -14.71
CA TYR A 202 -22.83 -37.38 -13.99
C TYR A 202 -22.23 -37.68 -12.62
N VAL A 203 -21.62 -36.67 -12.04
CA VAL A 203 -21.00 -36.77 -10.72
C VAL A 203 -21.57 -35.62 -9.91
N SER A 204 -22.03 -35.93 -8.70
CA SER A 204 -22.61 -34.93 -7.83
C SER A 204 -21.88 -34.95 -6.48
N VAL A 205 -21.54 -33.79 -5.95
CA VAL A 205 -20.86 -33.72 -4.66
C VAL A 205 -21.57 -32.69 -3.81
N GLY A 206 -21.90 -33.07 -2.58
CA GLY A 206 -22.58 -32.15 -1.71
C GLY A 206 -22.26 -32.28 -0.24
N SER A 207 -22.32 -31.15 0.45
CA SER A 207 -22.07 -31.09 1.89
C SER A 207 -23.04 -30.02 2.34
N SER A 208 -22.81 -29.47 3.53
CA SER A 208 -23.67 -28.41 4.04
C SER A 208 -23.42 -27.13 3.29
N LYS A 209 -22.20 -26.97 2.77
CA LYS A 209 -21.81 -25.75 2.08
C LYS A 209 -21.44 -25.97 0.62
N TYR A 210 -20.96 -27.16 0.30
CA TYR A 210 -20.56 -27.44 -1.07
C TYR A 210 -21.69 -28.09 -1.85
N ASP A 211 -21.82 -27.70 -3.10
CA ASP A 211 -22.84 -28.25 -3.97
C ASP A 211 -22.45 -28.01 -5.41
N ARG A 212 -22.04 -29.08 -6.08
CA ARG A 212 -21.61 -28.97 -7.46
C ARG A 212 -21.92 -30.23 -8.26
N ARG A 213 -22.29 -30.03 -9.52
CA ARG A 213 -22.60 -31.13 -10.42
C ARG A 213 -21.64 -31.12 -11.59
N PHE A 214 -21.13 -32.29 -11.99
CA PHE A 214 -20.19 -32.36 -13.10
C PHE A 214 -20.69 -33.25 -14.21
N THR A 215 -20.48 -32.80 -15.44
CA THR A 215 -20.91 -33.54 -16.61
C THR A 215 -19.73 -33.83 -17.52
N PRO A 216 -19.61 -35.08 -17.97
CA PRO A 216 -18.50 -35.45 -18.85
C PRO A 216 -18.50 -34.56 -20.10
N GLU A 217 -17.31 -34.21 -20.57
CA GLU A 217 -17.16 -33.38 -21.75
C GLU A 217 -16.25 -34.15 -22.67
N ILE A 218 -16.84 -34.99 -23.51
CA ILE A 218 -16.09 -35.83 -24.45
C ILE A 218 -15.64 -35.05 -25.68
N ALA A 219 -14.35 -35.19 -26.00
CA ALA A 219 -13.75 -34.51 -27.14
C ALA A 219 -12.26 -34.81 -27.19
N ALA A 220 -11.72 -34.95 -28.40
CA ALA A 220 -10.30 -35.23 -28.57
C ALA A 220 -9.56 -33.91 -28.50
N ARG A 221 -8.77 -33.75 -27.45
CA ARG A 221 -8.00 -32.53 -27.26
C ARG A 221 -6.53 -32.79 -27.62
N PRO A 222 -5.77 -31.74 -27.94
CA PRO A 222 -4.37 -32.00 -28.28
C PRO A 222 -3.75 -32.85 -27.17
N LYS A 223 -3.16 -33.97 -27.54
CA LYS A 223 -2.55 -34.88 -26.59
C LYS A 223 -1.46 -34.25 -25.72
N VAL A 224 -1.53 -34.56 -24.43
CA VAL A 224 -0.55 -34.09 -23.46
C VAL A 224 -0.22 -35.36 -22.70
N ARG A 225 1.07 -35.65 -22.55
CA ARG A 225 1.52 -36.86 -21.89
C ARG A 225 0.80 -38.06 -22.50
N GLY A 226 0.61 -38.01 -23.81
CA GLY A 226 -0.06 -39.09 -24.54
C GLY A 226 -1.56 -39.19 -24.37
N GLN A 227 -2.15 -38.28 -23.59
CA GLN A 227 -3.60 -38.31 -23.36
C GLN A 227 -4.39 -37.26 -24.14
N ALA A 228 -5.39 -37.71 -24.89
CA ALA A 228 -6.23 -36.78 -25.65
C ALA A 228 -7.41 -36.36 -24.77
N GLY A 229 -7.61 -37.10 -23.68
CA GLY A 229 -8.68 -36.80 -22.75
C GLY A 229 -8.19 -35.89 -21.63
N ARG A 230 -9.10 -35.47 -20.76
CA ARG A 230 -8.72 -34.60 -19.67
C ARG A 230 -9.31 -35.10 -18.35
N MET A 231 -8.64 -34.76 -17.25
CA MET A 231 -9.08 -35.14 -15.92
C MET A 231 -9.00 -33.88 -15.06
N ASN A 232 -10.15 -33.42 -14.57
CA ASN A 232 -10.17 -32.22 -13.74
C ASN A 232 -10.14 -32.60 -12.27
N TYR A 233 -9.37 -31.83 -11.49
CA TYR A 233 -9.21 -32.08 -10.07
C TYR A 233 -9.92 -31.06 -9.21
N TYR A 234 -10.55 -31.55 -8.16
CA TYR A 234 -11.31 -30.72 -7.24
C TYR A 234 -11.00 -31.00 -5.77
N TRP A 235 -11.31 -30.03 -4.94
CA TRP A 235 -11.09 -30.15 -3.52
C TRP A 235 -12.05 -29.26 -2.77
N THR A 236 -12.23 -29.54 -1.49
CA THR A 236 -13.05 -28.72 -0.64
C THR A 236 -12.62 -29.01 0.78
N LEU A 237 -12.96 -28.11 1.69
CA LEU A 237 -12.62 -28.28 3.09
C LEU A 237 -13.89 -28.61 3.87
N LEU A 238 -14.02 -29.88 4.25
CA LEU A 238 -15.18 -30.33 5.01
C LEU A 238 -15.00 -29.88 6.45
N GLU A 239 -15.97 -29.13 6.95
CA GLU A 239 -15.93 -28.61 8.30
C GLU A 239 -16.24 -29.67 9.35
N PRO A 240 -15.83 -29.40 10.59
CA PRO A 240 -16.06 -30.35 11.69
C PRO A 240 -17.54 -30.73 11.75
N GLY A 241 -17.78 -32.03 11.84
CA GLY A 241 -19.14 -32.54 11.94
C GLY A 241 -19.95 -32.56 10.66
N ASP A 242 -19.47 -31.92 9.61
CA ASP A 242 -20.23 -31.91 8.38
C ASP A 242 -20.10 -33.22 7.61
N THR A 243 -20.99 -33.42 6.65
CA THR A 243 -20.99 -34.64 5.85
C THR A 243 -20.77 -34.32 4.36
N ILE A 244 -20.00 -35.15 3.69
CA ILE A 244 -19.76 -34.96 2.27
C ILE A 244 -20.30 -36.21 1.56
N THR A 245 -21.07 -36.00 0.50
CA THR A 245 -21.69 -37.09 -0.24
C THR A 245 -21.36 -37.09 -1.72
N PHE A 246 -20.89 -38.23 -2.22
CA PHE A 246 -20.56 -38.38 -3.64
C PHE A 246 -21.59 -39.25 -4.33
N GLU A 247 -22.08 -38.77 -5.48
CA GLU A 247 -23.05 -39.51 -6.27
C GLU A 247 -22.48 -39.58 -7.67
N ALA A 248 -22.50 -40.75 -8.29
CA ALA A 248 -21.97 -40.84 -9.63
C ALA A 248 -22.50 -42.02 -10.42
N THR A 249 -22.67 -41.78 -11.73
CA THR A 249 -23.11 -42.79 -12.66
C THR A 249 -21.95 -42.97 -13.61
N GLY A 250 -20.77 -42.51 -13.17
CA GLY A 250 -19.56 -42.65 -13.97
C GLY A 250 -18.65 -41.45 -13.91
N ASN A 251 -17.43 -41.61 -14.43
CA ASN A 251 -16.45 -40.53 -14.50
C ASN A 251 -15.81 -40.01 -13.20
N LEU A 252 -16.19 -40.57 -12.07
CA LEU A 252 -15.64 -40.10 -10.81
C LEU A 252 -14.30 -40.68 -10.41
N VAL A 253 -13.34 -39.81 -10.11
CA VAL A 253 -12.05 -40.29 -9.63
C VAL A 253 -12.20 -40.01 -8.14
N ALA A 254 -12.55 -41.07 -7.40
CA ALA A 254 -12.83 -41.00 -5.98
C ALA A 254 -11.72 -40.72 -4.97
N PRO A 255 -12.09 -40.07 -3.86
CA PRO A 255 -11.12 -39.76 -2.82
C PRO A 255 -10.71 -41.10 -2.21
N ARG A 256 -9.45 -41.21 -1.80
CA ARG A 256 -8.99 -42.43 -1.14
C ARG A 256 -8.43 -41.97 0.21
N TYR A 257 -7.48 -41.04 0.16
CA TYR A 257 -6.88 -40.49 1.38
C TYR A 257 -7.25 -39.01 1.47
N ALA A 258 -7.58 -38.56 2.68
CA ALA A 258 -7.96 -37.17 2.90
C ALA A 258 -7.08 -36.66 4.03
N PHE A 259 -7.07 -35.35 4.28
CA PHE A 259 -6.23 -34.81 5.34
C PHE A 259 -6.96 -33.97 6.38
N ALA A 260 -6.82 -34.34 7.64
CA ALA A 260 -7.41 -33.60 8.74
C ALA A 260 -6.37 -32.51 8.98
N LEU A 261 -6.71 -31.25 8.73
CA LEU A 261 -5.75 -30.16 8.85
C LEU A 261 -5.58 -29.46 10.21
N ASN A 262 -4.35 -29.16 10.56
CA ASN A 262 -4.06 -28.44 11.81
C ASN A 262 -3.48 -27.08 11.46
N ARG A 263 -4.23 -26.01 11.74
CA ARG A 263 -3.75 -24.68 11.46
C ARG A 263 -2.64 -24.42 12.47
N GLY A 264 -1.58 -23.76 12.03
CA GLY A 264 -0.52 -23.51 12.97
C GLY A 264 -0.08 -22.08 13.24
N SER A 265 0.70 -21.53 12.33
CA SER A 265 1.25 -20.20 12.54
C SER A 265 1.45 -19.61 11.17
N GLY A 266 1.97 -18.39 11.14
CA GLY A 266 2.22 -17.83 9.82
C GLY A 266 3.37 -18.67 9.29
N SER A 267 3.08 -19.43 8.25
CA SER A 267 4.08 -20.25 7.63
C SER A 267 3.90 -19.98 6.13
N GLY A 268 4.49 -20.82 5.28
CA GLY A 268 4.31 -20.59 3.87
C GLY A 268 5.06 -21.56 2.99
N ILE A 269 5.05 -21.26 1.70
CA ILE A 269 5.73 -22.07 0.71
C ILE A 269 6.76 -21.13 0.11
N ILE A 270 7.97 -21.64 -0.09
CA ILE A 270 9.04 -20.84 -0.68
C ILE A 270 9.65 -21.62 -1.83
N THR A 271 10.28 -20.91 -2.75
CA THR A 271 10.94 -21.56 -3.88
C THR A 271 12.42 -21.37 -3.62
N SER A 272 13.15 -22.47 -3.49
CA SER A 272 14.58 -22.37 -3.23
C SER A 272 15.32 -23.62 -3.65
N ASP A 273 16.59 -23.43 -4.00
CA ASP A 273 17.41 -24.55 -4.38
C ASP A 273 18.53 -24.70 -3.34
N ALA A 274 18.43 -23.92 -2.27
CA ALA A 274 19.41 -23.99 -1.21
C ALA A 274 19.22 -25.33 -0.52
N PRO A 275 20.31 -25.94 -0.01
CA PRO A 275 20.22 -27.23 0.65
C PRO A 275 19.61 -27.19 2.04
N VAL A 276 19.06 -28.33 2.47
CA VAL A 276 18.48 -28.46 3.79
C VAL A 276 19.61 -29.03 4.64
N HIS A 277 19.74 -28.56 5.88
CA HIS A 277 20.82 -29.03 6.77
C HIS A 277 20.39 -29.15 8.22
N ASP A 278 21.10 -29.98 8.98
CA ASP A 278 20.79 -30.11 10.40
C ASP A 278 21.16 -28.72 10.87
N CYS A 279 20.16 -27.93 11.20
CA CYS A 279 20.44 -26.56 11.58
C CYS A 279 19.16 -25.92 12.13
N ASP A 280 19.31 -24.83 12.88
CA ASP A 280 18.15 -24.13 13.45
C ASP A 280 18.24 -22.64 13.14
N THR A 281 17.10 -21.96 13.23
CA THR A 281 17.04 -20.53 12.94
C THR A 281 15.69 -19.94 13.34
N LYS A 282 15.67 -18.65 13.64
CA LYS A 282 14.43 -17.98 13.99
C LYS A 282 13.96 -17.26 12.74
N CYS A 283 14.89 -17.04 11.81
CA CYS A 283 14.62 -16.35 10.57
C CYS A 283 15.14 -17.09 9.33
N GLN A 284 14.26 -17.38 8.39
CA GLN A 284 14.65 -18.12 7.18
C GLN A 284 14.26 -17.48 5.84
N THR A 285 15.20 -17.43 4.90
CA THR A 285 14.93 -16.89 3.57
C THR A 285 15.24 -17.98 2.56
N PRO A 286 14.82 -17.79 1.29
CA PRO A 286 15.07 -18.76 0.22
C PRO A 286 16.55 -18.89 -0.14
N HIS A 287 17.36 -17.94 0.34
CA HIS A 287 18.81 -17.94 0.09
C HIS A 287 19.58 -18.58 1.23
N GLY A 288 18.99 -18.53 2.41
CA GLY A 288 19.63 -19.09 3.59
C GLY A 288 19.04 -18.46 4.83
N ALA A 289 19.40 -18.99 5.99
CA ALA A 289 18.90 -18.47 7.26
C ALA A 289 19.67 -17.23 7.71
N ILE A 290 19.06 -16.47 8.61
CA ILE A 290 19.67 -15.26 9.13
C ILE A 290 19.70 -15.36 10.65
N ASN A 291 20.82 -14.93 11.23
CA ASN A 291 21.00 -14.94 12.67
C ASN A 291 21.46 -13.53 12.97
N SER A 292 20.50 -12.64 13.23
CA SER A 292 20.85 -11.24 13.48
C SER A 292 19.82 -10.43 14.25
N SER A 293 20.32 -9.41 14.94
CA SER A 293 19.49 -8.52 15.73
C SER A 293 19.25 -7.20 15.00
N LEU A 294 19.91 -7.02 13.87
CA LEU A 294 19.76 -5.76 13.13
C LEU A 294 18.33 -5.53 12.63
N PRO A 295 17.92 -4.25 12.55
CA PRO A 295 16.57 -3.93 12.08
C PRO A 295 16.34 -4.18 10.59
N PHE A 296 17.40 -4.15 9.80
CA PHE A 296 17.25 -4.36 8.36
C PHE A 296 18.12 -5.45 7.77
N GLN A 297 17.68 -5.96 6.62
CA GLN A 297 18.40 -6.99 5.89
C GLN A 297 18.07 -6.77 4.44
N ASN A 298 19.03 -7.02 3.56
CA ASN A 298 18.80 -6.85 2.12
C ASN A 298 18.99 -8.18 1.41
N ILE A 299 18.89 -9.26 2.17
CA ILE A 299 19.06 -10.61 1.65
C ILE A 299 17.92 -11.00 0.72
N HIS A 300 16.70 -11.01 1.26
CA HIS A 300 15.53 -11.42 0.49
C HIS A 300 14.23 -10.87 1.07
N PRO A 301 13.28 -10.50 0.20
CA PRO A 301 11.99 -9.97 0.67
C PRO A 301 11.15 -11.04 1.35
N VAL A 302 11.27 -12.27 0.87
CA VAL A 302 10.53 -13.39 1.42
C VAL A 302 11.20 -13.93 2.67
N THR A 303 10.48 -14.05 3.78
CA THR A 303 11.06 -14.57 5.00
C THR A 303 10.03 -15.36 5.80
N ILE A 304 10.50 -16.28 6.62
CA ILE A 304 9.63 -17.08 7.47
C ILE A 304 10.23 -17.04 8.86
N GLY A 305 9.43 -16.62 9.84
CA GLY A 305 9.89 -16.54 11.22
C GLY A 305 9.94 -15.10 11.73
N GLU A 306 11.01 -14.74 12.45
CA GLU A 306 11.18 -13.39 12.98
C GLU A 306 12.43 -12.84 12.31
N CYS A 307 12.24 -11.95 11.36
CA CYS A 307 13.37 -11.40 10.62
C CYS A 307 13.45 -9.89 10.59
N PRO A 308 14.63 -9.37 10.18
CA PRO A 308 14.83 -7.93 10.09
C PRO A 308 14.01 -7.49 8.88
N LYS A 309 13.61 -6.23 8.84
CA LYS A 309 12.81 -5.72 7.72
C LYS A 309 13.57 -5.70 6.39
N TYR A 310 12.97 -6.25 5.34
CA TYR A 310 13.62 -6.25 4.05
C TYR A 310 13.73 -4.83 3.53
N VAL A 311 14.82 -4.55 2.83
CA VAL A 311 15.08 -3.22 2.31
C VAL A 311 16.02 -3.35 1.12
N LYS A 312 15.89 -2.48 0.13
CA LYS A 312 16.75 -2.57 -1.04
C LYS A 312 18.09 -1.86 -0.86
N SER A 313 18.25 -1.20 0.29
CA SER A 313 19.47 -0.46 0.58
C SER A 313 20.73 -1.30 0.51
N THR A 314 21.81 -0.63 0.11
CA THR A 314 23.13 -1.21 -0.04
C THR A 314 23.92 -1.00 1.24
N LYS A 315 23.68 0.13 1.89
CA LYS A 315 24.38 0.49 3.11
C LYS A 315 23.48 1.28 4.06
N LEU A 316 23.52 0.94 5.35
CA LEU A 316 22.75 1.61 6.39
C LEU A 316 23.61 1.61 7.65
N ARG A 317 24.28 2.73 7.87
CA ARG A 317 25.18 2.86 8.98
C ARG A 317 25.02 4.22 9.65
N MET A 318 24.77 4.20 10.96
CA MET A 318 24.61 5.43 11.72
C MET A 318 25.90 5.80 12.43
N ALA A 319 26.29 7.06 12.33
CA ALA A 319 27.49 7.51 13.03
C ALA A 319 27.07 7.63 14.47
N THR A 320 27.84 7.08 15.38
CA THR A 320 27.53 7.19 16.81
C THR A 320 28.58 8.13 17.39
N GLY A 321 29.81 7.99 16.90
CA GLY A 321 30.90 8.84 17.37
C GLY A 321 30.90 10.16 16.63
N LEU A 322 32.07 10.77 16.48
CA LEU A 322 32.15 12.05 15.79
C LEU A 322 33.10 12.03 14.61
N ARG A 323 33.03 13.07 13.80
CA ARG A 323 33.89 13.21 12.62
C ARG A 323 35.32 12.90 13.10
N ASN A 324 35.95 11.91 12.48
CA ASN A 324 37.30 11.52 12.87
C ASN A 324 38.37 12.37 12.18
N ILE A 325 39.11 13.13 12.99
CA ILE A 325 40.15 14.00 12.46
C ILE A 325 41.48 13.72 13.19
N PRO A 326 42.15 12.61 12.85
CA PRO A 326 43.43 12.27 13.49
C PRO A 326 44.48 13.35 13.24
N ALA A 327 44.23 14.18 12.22
CA ALA A 327 45.13 15.27 11.85
C ALA A 327 46.61 14.84 11.90
N ARG A 328 46.87 13.57 11.62
CA ARG A 328 48.23 13.03 11.65
C ARG A 328 49.18 13.77 10.71
N GLY B 1 30.94 21.81 10.60
CA GLY B 1 30.19 21.78 11.85
C GLY B 1 29.26 22.96 11.97
N LEU B 2 28.04 22.70 12.45
CA LEU B 2 27.04 23.74 12.62
C LEU B 2 27.40 24.68 13.77
N PHE B 3 28.15 24.18 14.74
CA PHE B 3 28.52 25.01 15.89
C PHE B 3 29.93 25.61 15.90
N GLY B 4 30.71 25.36 14.85
CA GLY B 4 32.04 25.95 14.77
C GLY B 4 33.15 25.35 15.60
N ALA B 5 32.84 24.42 16.50
CA ALA B 5 33.89 23.82 17.31
C ALA B 5 34.68 22.77 16.51
N ILE B 6 34.16 21.55 16.47
CA ILE B 6 34.82 20.45 15.74
C ILE B 6 35.09 20.79 14.28
N ALA B 7 36.30 20.47 13.82
CA ALA B 7 36.69 20.77 12.44
C ALA B 7 36.53 22.28 12.23
N GLY B 8 36.55 23.04 13.32
CA GLY B 8 36.41 24.47 13.25
C GLY B 8 37.55 25.18 13.97
N PHE B 9 37.25 25.91 15.04
CA PHE B 9 38.30 26.60 15.76
C PHE B 9 39.16 25.62 16.54
N ILE B 10 38.75 24.35 16.53
CA ILE B 10 39.50 23.28 17.18
C ILE B 10 39.78 22.26 16.07
N GLU B 11 40.54 22.71 15.08
CA GLU B 11 40.91 21.92 13.90
C GLU B 11 40.96 20.39 13.93
N GLY B 12 41.44 19.79 15.02
CA GLY B 12 41.50 18.34 15.02
C GLY B 12 41.27 17.62 16.33
N GLY B 13 41.10 16.30 16.24
CA GLY B 13 40.87 15.51 17.44
C GLY B 13 42.15 14.98 18.02
N TRP B 14 42.07 14.39 19.20
CA TRP B 14 43.27 13.86 19.83
C TRP B 14 43.28 12.34 19.92
N THR B 15 44.07 11.70 19.06
CA THR B 15 44.19 10.25 19.10
C THR B 15 44.72 9.96 20.50
N GLY B 16 45.22 11.02 21.14
CA GLY B 16 45.75 10.91 22.49
C GLY B 16 44.63 10.60 23.46
N LEU B 17 43.59 11.44 23.48
CA LEU B 17 42.46 11.22 24.38
C LEU B 17 41.93 9.82 24.07
N ILE B 18 41.76 8.99 25.10
CA ILE B 18 41.28 7.63 24.88
C ILE B 18 40.35 7.13 25.97
N ASP B 19 39.73 8.04 26.70
CA ASP B 19 38.82 7.65 27.77
C ASP B 19 37.52 8.42 27.65
N GLY B 20 37.27 8.96 26.46
CA GLY B 20 36.06 9.71 26.21
C GLY B 20 36.04 10.35 24.84
N TRP B 21 34.97 11.07 24.54
CA TRP B 21 34.83 11.75 23.25
C TRP B 21 35.28 13.20 23.39
N TYR B 22 35.09 13.75 24.59
CA TYR B 22 35.45 15.13 24.85
C TYR B 22 36.38 15.21 26.07
N GLY B 23 37.55 15.81 25.90
CA GLY B 23 38.46 15.91 27.02
C GLY B 23 39.37 17.13 27.10
N TYR B 24 40.31 17.06 28.03
CA TYR B 24 41.28 18.14 28.24
C TYR B 24 42.68 17.61 27.98
N HIS B 25 43.59 18.52 27.61
CA HIS B 25 44.97 18.12 27.37
C HIS B 25 45.83 18.49 28.58
N HIS B 26 45.94 19.78 28.84
CA HIS B 26 46.72 20.30 29.97
C HIS B 26 48.22 20.01 29.91
N GLN B 27 49.01 21.09 29.91
CA GLN B 27 50.46 20.98 29.88
C GLN B 27 51.02 21.78 31.04
N ASN B 28 50.75 21.27 32.24
CA ASN B 28 51.19 21.88 33.48
C ASN B 28 52.68 21.64 33.69
N GLU B 29 53.32 22.51 34.47
CA GLU B 29 54.75 22.37 34.74
C GLU B 29 55.10 20.97 35.22
N GLN B 30 54.20 20.36 35.98
CA GLN B 30 54.43 19.01 36.50
C GLN B 30 54.44 17.97 35.38
N GLY B 31 53.71 18.24 34.31
CA GLY B 31 53.67 17.31 33.19
C GLY B 31 52.61 17.59 32.14
N SER B 32 52.33 16.60 31.32
CA SER B 32 51.32 16.70 30.27
C SER B 32 50.52 15.41 30.25
N GLY B 33 49.45 15.38 29.47
CA GLY B 33 48.62 14.19 29.39
C GLY B 33 47.23 14.50 28.87
N TYR B 34 46.31 13.56 29.04
CA TYR B 34 44.94 13.74 28.58
C TYR B 34 43.95 13.20 29.59
N ALA B 35 42.82 13.89 29.71
CA ALA B 35 41.77 13.49 30.64
C ALA B 35 40.43 13.81 29.98
N ALA B 36 39.60 12.78 29.82
CA ALA B 36 38.30 12.97 29.20
C ALA B 36 37.27 13.46 30.23
N ASP B 37 36.36 14.32 29.78
CA ASP B 37 35.33 14.84 30.67
C ASP B 37 34.19 13.82 30.74
N GLN B 38 33.93 13.29 31.93
CA GLN B 38 32.86 12.29 32.09
C GLN B 38 31.47 12.87 31.90
N LYS B 39 31.17 13.96 32.61
CA LYS B 39 29.88 14.61 32.50
C LYS B 39 29.44 14.63 31.04
N SER B 40 30.27 15.25 30.19
CA SER B 40 29.98 15.36 28.76
C SER B 40 29.85 14.04 28.03
N THR B 41 30.95 13.28 28.00
CA THR B 41 30.97 11.99 27.31
C THR B 41 29.83 11.04 27.65
N GLN B 42 29.49 10.94 28.93
CA GLN B 42 28.42 10.03 29.33
C GLN B 42 27.05 10.55 28.89
N ASN B 43 26.84 11.86 29.01
CA ASN B 43 25.57 12.42 28.57
C ASN B 43 25.41 12.12 27.10
N ALA B 44 26.48 12.33 26.34
CA ALA B 44 26.47 12.10 24.90
C ALA B 44 26.20 10.63 24.56
N ILE B 45 26.77 9.72 25.34
CA ILE B 45 26.56 8.30 25.09
C ILE B 45 25.12 7.95 25.37
N ASP B 46 24.58 8.39 26.50
CA ASP B 46 23.20 8.09 26.82
C ASP B 46 22.29 8.56 25.69
N GLY B 47 22.50 9.79 25.23
CA GLY B 47 21.69 10.35 24.17
C GLY B 47 21.77 9.59 22.86
N ILE B 48 22.98 9.35 22.39
CA ILE B 48 23.21 8.63 21.16
C ILE B 48 22.71 7.19 21.26
N THR B 49 22.80 6.61 22.45
CA THR B 49 22.35 5.25 22.65
C THR B 49 20.83 5.22 22.55
N ASN B 50 20.18 6.26 23.07
CA ASN B 50 18.74 6.34 23.00
C ASN B 50 18.33 6.57 21.55
N LYS B 51 19.10 7.37 20.83
CA LYS B 51 18.80 7.65 19.42
C LYS B 51 18.78 6.36 18.61
N VAL B 52 19.84 5.55 18.74
CA VAL B 52 19.91 4.30 18.01
C VAL B 52 18.77 3.37 18.44
N ASN B 53 18.49 3.33 19.74
CA ASN B 53 17.41 2.49 20.24
C ASN B 53 16.05 2.93 19.70
N SER B 54 15.84 4.23 19.62
CA SER B 54 14.57 4.78 19.13
C SER B 54 14.37 4.43 17.65
N VAL B 55 15.44 4.56 16.88
CA VAL B 55 15.41 4.25 15.46
C VAL B 55 15.02 2.80 15.24
N ILE B 56 15.61 1.92 16.05
CA ILE B 56 15.34 0.49 15.95
C ILE B 56 13.91 0.13 16.39
N GLU B 57 13.41 0.82 17.41
CA GLU B 57 12.04 0.59 17.89
C GLU B 57 11.04 0.83 16.76
N LYS B 58 11.12 2.03 16.18
CA LYS B 58 10.23 2.43 15.10
C LYS B 58 10.16 1.41 13.97
N MET B 59 11.30 0.88 13.55
CA MET B 59 11.33 -0.09 12.46
C MET B 59 10.73 -1.42 12.94
N ASN B 60 9.57 -1.77 12.39
CA ASN B 60 8.87 -3.00 12.75
C ASN B 60 9.60 -4.22 12.25
N THR B 61 9.53 -5.28 13.04
CA THR B 61 10.15 -6.55 12.63
C THR B 61 9.34 -6.98 11.39
N GLN B 62 9.69 -8.13 10.84
CA GLN B 62 8.98 -8.63 9.68
C GLN B 62 8.79 -10.13 9.88
N PHE B 63 7.55 -10.56 10.03
CA PHE B 63 7.30 -11.98 10.24
C PHE B 63 7.20 -12.74 8.91
N THR B 64 6.38 -13.79 8.87
CA THR B 64 6.24 -14.59 7.65
C THR B 64 5.59 -13.83 6.52
N ALA B 65 6.33 -13.63 5.44
CA ALA B 65 5.82 -12.92 4.27
C ALA B 65 6.15 -13.74 3.03
N VAL B 66 5.21 -14.58 2.57
CA VAL B 66 5.46 -15.40 1.39
C VAL B 66 4.59 -15.03 0.20
N GLY B 67 5.16 -15.22 -1.00
CA GLY B 67 4.43 -14.90 -2.21
C GLY B 67 3.15 -15.69 -2.42
N LYS B 68 2.43 -15.34 -3.48
CA LYS B 68 1.20 -16.01 -3.82
C LYS B 68 1.30 -16.34 -5.30
N GLU B 69 0.51 -17.30 -5.73
CA GLU B 69 0.48 -17.71 -7.13
C GLU B 69 -0.84 -17.22 -7.71
N PHE B 70 -0.87 -17.03 -9.03
CA PHE B 70 -2.04 -16.57 -9.75
C PHE B 70 -2.07 -17.29 -11.08
N ASN B 71 -3.23 -17.73 -11.55
CA ASN B 71 -3.24 -18.40 -12.84
C ASN B 71 -3.16 -17.40 -14.02
N ASN B 72 -3.26 -17.89 -15.25
CA ASN B 72 -3.14 -17.01 -16.42
C ASN B 72 -4.31 -16.07 -16.73
N LEU B 73 -5.33 -16.10 -15.89
CA LEU B 73 -6.47 -15.23 -16.07
C LEU B 73 -6.62 -14.33 -14.85
N GLU B 74 -5.51 -14.11 -14.15
CA GLU B 74 -5.50 -13.24 -12.98
C GLU B 74 -4.28 -12.31 -13.01
N ARG B 75 -3.99 -11.77 -14.18
CA ARG B 75 -2.86 -10.86 -14.35
C ARG B 75 -3.11 -9.55 -13.62
N ARG B 76 -4.38 -9.15 -13.50
CA ARG B 76 -4.70 -7.91 -12.81
C ARG B 76 -4.47 -8.02 -11.30
N ILE B 77 -4.90 -9.11 -10.65
CA ILE B 77 -4.67 -9.18 -9.21
C ILE B 77 -3.21 -9.49 -8.93
N LYS B 78 -2.55 -10.15 -9.87
CA LYS B 78 -1.14 -10.46 -9.71
C LYS B 78 -0.35 -9.15 -9.68
N ASN B 79 -0.62 -8.28 -10.65
CA ASN B 79 0.06 -6.98 -10.74
C ASN B 79 -0.30 -6.09 -9.55
N LEU B 80 -1.54 -6.22 -9.09
CA LEU B 80 -2.02 -5.46 -7.95
C LEU B 80 -1.18 -5.93 -6.76
N ASN B 81 -1.01 -7.24 -6.65
CA ASN B 81 -0.24 -7.83 -5.58
C ASN B 81 1.22 -7.36 -5.64
N LYS B 82 1.75 -7.25 -6.86
CA LYS B 82 3.14 -6.80 -7.00
C LYS B 82 3.27 -5.31 -6.73
N LYS B 83 2.30 -4.54 -7.20
CA LYS B 83 2.30 -3.11 -7.00
C LYS B 83 2.27 -2.82 -5.50
N VAL B 84 1.65 -3.71 -4.74
CA VAL B 84 1.58 -3.53 -3.29
C VAL B 84 2.93 -3.93 -2.68
N ASP B 85 3.53 -5.01 -3.18
CA ASP B 85 4.81 -5.44 -2.64
C ASP B 85 5.94 -4.45 -2.92
N ASP B 86 6.07 -4.01 -4.17
CA ASP B 86 7.10 -3.03 -4.53
C ASP B 86 6.78 -1.70 -3.84
N GLY B 87 5.50 -1.38 -3.75
CA GLY B 87 5.07 -0.14 -3.12
C GLY B 87 5.56 0.02 -1.70
N PHE B 88 5.32 -0.98 -0.87
CA PHE B 88 5.74 -0.90 0.53
C PHE B 88 7.26 -1.06 0.62
N LEU B 89 7.82 -1.84 -0.29
CA LEU B 89 9.25 -2.04 -0.28
C LEU B 89 9.96 -0.70 -0.57
N ASP B 90 9.46 0.06 -1.54
CA ASP B 90 10.05 1.34 -1.87
C ASP B 90 9.92 2.34 -0.72
N VAL B 91 8.71 2.37 -0.14
CA VAL B 91 8.41 3.25 0.98
C VAL B 91 9.34 3.02 2.18
N TRP B 92 9.51 1.76 2.57
CA TRP B 92 10.37 1.49 3.70
C TRP B 92 11.84 1.72 3.40
N THR B 93 12.26 1.45 2.17
CA THR B 93 13.65 1.69 1.80
C THR B 93 13.89 3.20 1.93
N TYR B 94 12.95 3.98 1.44
CA TYR B 94 13.04 5.43 1.51
C TYR B 94 13.08 5.85 2.99
N ASN B 95 12.22 5.25 3.81
CA ASN B 95 12.19 5.59 5.23
C ASN B 95 13.49 5.25 5.94
N ALA B 96 14.08 4.10 5.60
CA ALA B 96 15.32 3.67 6.22
C ALA B 96 16.46 4.61 5.89
N GLU B 97 16.75 4.74 4.60
CA GLU B 97 17.84 5.59 4.16
C GLU B 97 17.68 7.05 4.60
N LEU B 98 16.47 7.58 4.50
CA LEU B 98 16.23 8.98 4.88
C LEU B 98 16.41 9.26 6.37
N LEU B 99 15.96 8.35 7.22
CA LEU B 99 16.09 8.53 8.66
C LEU B 99 17.58 8.52 9.05
N VAL B 100 18.31 7.58 8.48
CA VAL B 100 19.74 7.44 8.73
C VAL B 100 20.49 8.72 8.31
N LEU B 101 20.27 9.19 7.09
CA LEU B 101 20.92 10.41 6.60
C LEU B 101 20.71 11.59 7.55
N LEU B 102 19.45 11.89 7.84
CA LEU B 102 19.09 13.00 8.70
C LEU B 102 19.66 12.86 10.11
N GLU B 103 19.56 11.66 10.69
CA GLU B 103 20.09 11.46 12.03
C GLU B 103 21.61 11.54 12.08
N ASN B 104 22.28 11.19 10.98
CA ASN B 104 23.72 11.26 10.94
C ASN B 104 24.15 12.73 11.01
N GLU B 105 23.45 13.59 10.26
CA GLU B 105 23.72 15.02 10.26
C GLU B 105 23.60 15.50 11.70
N ARG B 106 22.43 15.24 12.29
CA ARG B 106 22.12 15.64 13.66
C ARG B 106 23.11 15.13 14.69
N THR B 107 23.63 13.92 14.48
CA THR B 107 24.57 13.33 15.41
C THR B 107 25.89 14.12 15.46
N LEU B 108 26.47 14.41 14.29
CA LEU B 108 27.71 15.17 14.24
C LEU B 108 27.45 16.54 14.84
N ASP B 109 26.33 17.16 14.47
CA ASP B 109 25.99 18.47 15.02
C ASP B 109 25.93 18.39 16.54
N PHE B 110 25.43 17.27 17.05
CA PHE B 110 25.31 17.05 18.48
C PHE B 110 26.69 17.15 19.14
N HIS B 111 27.63 16.38 18.60
CA HIS B 111 28.99 16.37 19.11
C HIS B 111 29.59 17.77 19.04
N ASP B 112 29.44 18.42 17.88
CA ASP B 112 29.95 19.76 17.66
C ASP B 112 29.38 20.67 18.75
N SER B 113 28.10 20.51 19.02
CA SER B 113 27.43 21.30 20.05
C SER B 113 28.04 21.00 21.40
N ASN B 114 28.34 19.73 21.65
CA ASN B 114 28.92 19.37 22.94
C ASN B 114 30.31 19.95 23.16
N VAL B 115 31.17 19.86 22.15
CA VAL B 115 32.53 20.41 22.24
C VAL B 115 32.44 21.90 22.56
N LYS B 116 31.71 22.62 21.71
CA LYS B 116 31.49 24.05 21.86
C LYS B 116 31.07 24.42 23.28
N ASN B 117 30.08 23.72 23.82
CA ASN B 117 29.60 24.00 25.17
C ASN B 117 30.67 23.74 26.21
N LEU B 118 31.46 22.69 26.00
CA LEU B 118 32.52 22.36 26.94
C LEU B 118 33.54 23.49 26.95
N TYR B 119 33.85 23.98 25.76
CA TYR B 119 34.80 25.08 25.62
C TYR B 119 34.27 26.25 26.43
N GLU B 120 33.12 26.77 26.03
CA GLU B 120 32.47 27.89 26.70
C GLU B 120 32.32 27.72 28.20
N LYS B 121 32.26 26.47 28.67
CA LYS B 121 32.11 26.22 30.09
C LYS B 121 33.46 26.44 30.78
N ALA B 122 34.51 25.81 30.24
CA ALA B 122 35.84 25.95 30.80
C ALA B 122 36.24 27.42 30.72
N ARG B 123 35.77 28.07 29.66
CA ARG B 123 36.07 29.48 29.42
C ARG B 123 35.52 30.43 30.47
N SER B 124 34.21 30.39 30.70
CA SER B 124 33.59 31.27 31.68
C SER B 124 34.10 30.94 33.08
N GLN B 125 34.79 29.82 33.22
CA GLN B 125 35.34 29.41 34.51
C GLN B 125 36.63 30.13 34.83
N LEU B 126 37.47 30.29 33.82
CA LEU B 126 38.76 30.94 34.00
C LEU B 126 38.69 32.46 33.94
N ARG B 127 37.91 32.99 32.99
CA ARG B 127 37.77 34.43 32.85
C ARG B 127 39.10 35.15 32.64
N ASN B 128 39.52 35.86 33.68
CA ASN B 128 40.75 36.63 33.68
C ASN B 128 42.01 35.81 33.97
N ASN B 129 41.85 34.74 34.75
CA ASN B 129 42.98 33.89 35.13
C ASN B 129 43.72 33.16 34.00
N ALA B 130 43.42 33.54 32.75
CA ALA B 130 44.07 32.93 31.59
C ALA B 130 43.57 33.59 30.31
N LYS B 131 44.25 33.33 29.19
CA LYS B 131 43.83 33.93 27.93
C LYS B 131 43.54 32.91 26.82
N GLU B 132 42.62 33.28 25.92
CA GLU B 132 42.25 32.42 24.80
C GLU B 132 43.35 32.46 23.74
N ILE B 133 44.02 31.31 23.61
CA ILE B 133 45.09 31.13 22.65
C ILE B 133 44.51 30.70 21.30
N GLY B 134 43.27 30.21 21.33
CA GLY B 134 42.64 29.73 20.12
C GLY B 134 42.76 28.21 20.17
N ASN B 135 42.53 27.53 19.04
CA ASN B 135 42.60 26.06 18.97
C ASN B 135 41.99 25.36 20.18
N GLY B 136 41.22 26.11 20.98
CA GLY B 136 40.59 25.55 22.15
C GLY B 136 41.49 25.48 23.38
N CYS B 137 42.61 26.19 23.38
CA CYS B 137 43.51 26.16 24.53
C CYS B 137 43.45 27.44 25.37
N PHE B 138 43.71 27.30 26.67
CA PHE B 138 43.74 28.43 27.59
C PHE B 138 45.10 28.48 28.25
N GLU B 139 45.70 29.67 28.29
CA GLU B 139 47.01 29.82 28.91
C GLU B 139 46.89 30.59 30.22
N PHE B 140 47.00 29.85 31.32
CA PHE B 140 46.90 30.44 32.64
C PHE B 140 47.95 31.52 32.84
N TYR B 141 47.63 32.43 33.75
CA TYR B 141 48.53 33.50 34.11
C TYR B 141 49.20 33.08 35.42
N HIS B 142 48.38 32.80 36.42
CA HIS B 142 48.86 32.41 37.75
C HIS B 142 49.45 31.00 37.87
N LYS B 143 49.73 30.34 36.75
CA LYS B 143 50.28 28.99 36.79
C LYS B 143 49.30 28.03 37.50
N CYS B 144 49.07 26.88 36.88
CA CYS B 144 48.10 25.92 37.41
C CYS B 144 48.64 24.49 37.47
N ASP B 145 48.87 24.00 38.69
CA ASP B 145 49.39 22.65 38.90
C ASP B 145 48.31 21.59 38.72
N ASP B 146 48.72 20.32 38.80
CA ASP B 146 47.81 19.19 38.66
C ASP B 146 46.58 19.29 39.55
N ALA B 147 46.79 19.66 40.80
CA ALA B 147 45.69 19.80 41.75
C ALA B 147 44.78 20.95 41.32
N CYS B 148 45.36 21.87 40.55
CA CYS B 148 44.62 23.02 40.05
C CYS B 148 43.89 22.66 38.76
N MET B 149 44.58 21.95 37.86
CA MET B 149 43.99 21.56 36.58
C MET B 149 42.74 20.72 36.81
N GLU B 150 42.80 19.84 37.82
CA GLU B 150 41.68 18.98 38.13
C GLU B 150 40.47 19.78 38.65
N SER B 151 40.72 20.98 39.18
CA SER B 151 39.63 21.80 39.69
C SER B 151 38.85 22.41 38.52
N VAL B 152 39.53 22.59 37.39
CA VAL B 152 38.90 23.15 36.21
C VAL B 152 37.98 22.08 35.63
N ARG B 153 38.52 20.89 35.47
CA ARG B 153 37.79 19.75 34.92
C ARG B 153 36.49 19.47 35.69
N ASN B 154 36.59 19.32 37.01
CA ASN B 154 35.40 19.05 37.80
C ASN B 154 34.66 20.33 38.16
N GLY B 155 34.70 21.29 37.24
CA GLY B 155 34.03 22.57 37.41
C GLY B 155 34.03 23.22 38.78
N THR B 156 35.12 23.09 39.52
CA THR B 156 35.21 23.72 40.83
C THR B 156 35.99 25.02 40.67
N TYR B 157 37.28 24.91 40.38
CA TYR B 157 38.15 26.06 40.19
C TYR B 157 37.66 27.26 40.98
N ASP B 158 36.91 28.14 40.30
CA ASP B 158 36.35 29.33 40.93
C ASP B 158 37.43 30.30 41.44
N TYR B 159 37.47 31.49 40.84
CA TYR B 159 38.43 32.53 41.21
C TYR B 159 38.37 33.64 40.15
N PRO B 160 37.29 34.44 40.14
CA PRO B 160 37.07 35.54 39.19
C PRO B 160 38.31 36.33 38.79
N ASP C 5 38.84 53.17 10.68
CA ASP C 5 38.67 52.14 9.62
C ASP C 5 37.78 51.00 10.10
N THR C 6 36.74 50.70 9.32
CA THR C 6 35.79 49.65 9.71
C THR C 6 35.66 48.49 8.73
N LEU C 7 35.40 47.30 9.28
CA LEU C 7 35.21 46.08 8.51
C LEU C 7 33.98 45.35 9.03
N CYS C 8 33.00 45.11 8.15
CA CYS C 8 31.78 44.43 8.55
C CYS C 8 31.63 43.06 7.90
N ILE C 9 30.78 42.24 8.50
CA ILE C 9 30.48 40.91 8.01
C ILE C 9 28.98 40.82 7.77
N GLY C 10 28.60 40.46 6.56
CA GLY C 10 27.18 40.37 6.24
C GLY C 10 26.82 39.25 5.29
N TYR C 11 25.64 39.32 4.71
CA TYR C 11 25.18 38.28 3.80
C TYR C 11 24.42 38.83 2.61
N HIS C 12 24.44 38.03 1.55
CA HIS C 12 23.79 38.39 0.30
C HIS C 12 22.31 38.69 0.44
N ALA C 13 21.78 39.38 -0.56
CA ALA C 13 20.38 39.76 -0.61
C ALA C 13 20.13 40.29 -2.01
N ASN C 14 18.96 40.00 -2.57
CA ASN C 14 18.64 40.47 -3.92
C ASN C 14 17.19 40.90 -4.01
N ASN C 15 16.65 40.94 -5.21
CA ASN C 15 15.26 41.34 -5.38
C ASN C 15 14.32 40.17 -5.64
N SER C 16 14.80 38.97 -5.34
CA SER C 16 13.99 37.77 -5.52
C SER C 16 12.69 37.79 -4.72
N THR C 17 11.60 37.38 -5.36
CA THR C 17 10.30 37.33 -4.71
C THR C 17 9.92 35.90 -4.35
N ASP C 18 10.86 34.97 -4.57
CA ASP C 18 10.66 33.56 -4.26
C ASP C 18 10.35 33.35 -2.78
N THR C 19 9.37 32.50 -2.49
CA THR C 19 9.02 32.21 -1.10
C THR C 19 8.90 30.70 -0.89
N VAL C 20 9.20 30.26 0.33
CA VAL C 20 9.13 28.85 0.68
C VAL C 20 8.49 28.73 2.06
N ASP C 21 8.04 27.53 2.40
CA ASP C 21 7.44 27.30 3.70
C ASP C 21 8.39 26.47 4.56
N THR C 22 8.28 26.63 5.87
CA THR C 22 9.12 25.87 6.78
C THR C 22 8.20 25.40 7.90
N VAL C 23 8.73 24.59 8.79
CA VAL C 23 7.92 24.09 9.89
C VAL C 23 7.38 25.28 10.70
N LEU C 24 8.30 26.12 11.14
CA LEU C 24 7.98 27.30 11.96
C LEU C 24 7.35 28.50 11.28
N GLU C 25 7.64 28.72 10.01
CA GLU C 25 7.08 29.89 9.34
C GLU C 25 6.68 29.65 7.89
N LYS C 26 5.57 30.26 7.48
CA LYS C 26 5.09 30.13 6.12
C LYS C 26 5.40 31.37 5.29
N ASN C 27 5.52 31.18 3.98
CA ASN C 27 5.77 32.27 3.05
C ASN C 27 6.99 33.13 3.41
N VAL C 28 8.17 32.50 3.37
CA VAL C 28 9.41 33.19 3.68
C VAL C 28 10.17 33.48 2.38
N THR C 29 10.43 34.76 2.13
CA THR C 29 11.13 35.18 0.92
C THR C 29 12.61 34.82 1.01
N VAL C 30 13.13 34.20 -0.05
CA VAL C 30 14.52 33.78 -0.07
C VAL C 30 15.28 34.22 -1.32
N THR C 31 16.60 34.31 -1.18
CA THR C 31 17.47 34.74 -2.28
C THR C 31 17.45 33.78 -3.47
N HIS C 32 17.61 32.49 -3.20
CA HIS C 32 17.59 31.49 -4.27
C HIS C 32 16.86 30.22 -3.81
N SER C 33 16.14 29.59 -4.74
CA SER C 33 15.40 28.37 -4.46
C SER C 33 15.20 27.58 -5.76
N VAL C 34 14.83 26.31 -5.63
CA VAL C 34 14.61 25.45 -6.79
C VAL C 34 13.24 24.76 -6.74
N ASN C 35 12.48 24.90 -7.82
CA ASN C 35 11.17 24.27 -7.91
C ASN C 35 11.41 22.80 -8.24
N LEU C 36 10.76 21.93 -7.48
CA LEU C 36 10.90 20.50 -7.67
C LEU C 36 9.63 19.89 -8.26
N LEU C 37 8.58 20.70 -8.36
CA LEU C 37 7.31 20.22 -8.89
C LEU C 37 7.07 20.68 -10.31
N GLU C 38 6.88 19.72 -11.22
CA GLU C 38 6.61 20.01 -12.61
C GLU C 38 5.09 20.10 -12.80
N ASP C 39 4.63 21.22 -13.37
CA ASP C 39 3.21 21.41 -13.59
C ASP C 39 2.87 21.79 -15.03
N SER C 40 3.82 21.58 -15.94
CA SER C 40 3.59 21.91 -17.35
C SER C 40 3.65 20.71 -18.26
N HIS C 41 2.83 20.74 -19.30
CA HIS C 41 2.77 19.67 -20.29
C HIS C 41 2.28 20.33 -21.57
N ASN C 42 2.55 19.74 -22.72
CA ASN C 42 2.17 20.33 -24.00
C ASN C 42 0.75 20.04 -24.48
N GLY C 43 -0.07 19.46 -23.62
CA GLY C 43 -1.43 19.15 -24.01
C GLY C 43 -1.57 18.30 -25.26
N LYS C 44 -0.54 17.54 -25.61
CA LYS C 44 -0.60 16.69 -26.80
C LYS C 44 -0.16 15.24 -26.58
N LEU C 45 -0.70 14.34 -27.40
CA LEU C 45 -0.33 12.93 -27.33
C LEU C 45 0.77 12.73 -28.36
N CYS C 46 2.01 12.61 -27.88
CA CYS C 46 3.15 12.46 -28.75
C CYS C 46 3.58 11.01 -28.87
N ARG C 47 4.64 10.76 -29.63
CA ARG C 47 5.09 9.39 -29.77
C ARG C 47 6.20 9.05 -28.77
N LEU C 48 6.26 7.77 -28.41
CA LEU C 48 7.24 7.25 -27.47
C LEU C 48 8.07 6.21 -28.17
N GLY C 49 9.34 6.12 -27.79
CA GLY C 49 10.19 5.13 -28.43
C GLY C 49 10.13 5.32 -29.93
N GLY C 50 9.86 6.56 -30.36
CA GLY C 50 9.81 6.90 -31.76
C GLY C 50 8.69 6.27 -32.57
N ILE C 51 7.66 5.81 -31.87
CA ILE C 51 6.52 5.19 -32.52
C ILE C 51 5.22 5.88 -32.10
N ALA C 52 4.31 6.05 -33.06
CA ALA C 52 3.04 6.69 -32.80
C ALA C 52 2.13 5.79 -31.99
N PRO C 53 1.16 6.40 -31.29
CA PRO C 53 0.23 5.60 -30.49
C PRO C 53 -0.91 5.12 -31.37
N LEU C 54 -1.56 4.05 -30.94
CA LEU C 54 -2.70 3.51 -31.66
C LEU C 54 -3.94 4.29 -31.21
N GLN C 55 -4.54 5.03 -32.14
CA GLN C 55 -5.73 5.81 -31.81
C GLN C 55 -6.97 5.04 -32.21
N LEU C 56 -7.72 4.57 -31.21
CA LEU C 56 -8.93 3.79 -31.46
C LEU C 56 -10.12 4.66 -31.81
N GLY C 57 -10.06 5.93 -31.42
CA GLY C 57 -11.16 6.83 -31.69
C GLY C 57 -12.52 6.34 -31.23
N LYS C 58 -13.40 6.15 -32.19
CA LYS C 58 -14.78 5.70 -31.98
C LYS C 58 -14.90 4.23 -31.52
N CYS C 59 -13.77 3.53 -31.52
CA CYS C 59 -13.71 2.12 -31.14
C CYS C 59 -13.03 1.87 -29.80
N ASN C 60 -13.37 0.75 -29.16
CA ASN C 60 -12.74 0.35 -27.90
C ASN C 60 -11.98 -0.94 -28.26
N ILE C 61 -11.10 -1.40 -27.37
CA ILE C 61 -10.32 -2.60 -27.65
C ILE C 61 -11.16 -3.68 -28.33
N ALA C 62 -12.31 -4.00 -27.75
CA ALA C 62 -13.19 -5.02 -28.31
C ALA C 62 -13.45 -4.81 -29.81
N GLY C 63 -13.84 -3.60 -30.18
CA GLY C 63 -14.10 -3.31 -31.59
C GLY C 63 -12.88 -3.59 -32.45
N TRP C 64 -11.72 -3.19 -31.96
CA TRP C 64 -10.46 -3.38 -32.65
C TRP C 64 -10.05 -4.85 -32.83
N LEU C 65 -10.04 -5.63 -31.75
CA LEU C 65 -9.64 -7.03 -31.88
C LEU C 65 -10.66 -7.87 -32.63
N LEU C 66 -11.94 -7.63 -32.39
CA LEU C 66 -12.99 -8.39 -33.10
C LEU C 66 -13.15 -7.89 -34.54
N GLY C 67 -12.87 -6.61 -34.77
CA GLY C 67 -13.00 -6.05 -36.10
C GLY C 67 -14.40 -5.50 -36.36
N ASN C 68 -14.91 -4.73 -35.42
CA ASN C 68 -16.22 -4.11 -35.56
C ASN C 68 -16.13 -3.36 -36.89
N PRO C 69 -17.15 -3.49 -37.74
CA PRO C 69 -17.19 -2.84 -39.07
C PRO C 69 -16.83 -1.35 -39.07
N GLU C 70 -17.09 -0.67 -37.98
CA GLU C 70 -16.79 0.76 -37.89
C GLU C 70 -15.36 1.08 -37.49
N CYS C 71 -14.49 0.07 -37.43
CA CYS C 71 -13.11 0.29 -37.03
C CYS C 71 -12.10 -0.05 -38.11
N ASP C 72 -12.54 0.00 -39.36
CA ASP C 72 -11.68 -0.32 -40.49
C ASP C 72 -10.42 0.53 -40.62
N LEU C 73 -10.42 1.75 -40.08
CA LEU C 73 -9.22 2.59 -40.14
C LEU C 73 -8.04 1.95 -39.42
N LEU C 74 -8.33 1.02 -38.52
CA LEU C 74 -7.29 0.37 -37.72
C LEU C 74 -6.74 -0.92 -38.31
N LEU C 75 -7.43 -1.46 -39.31
CA LEU C 75 -7.02 -2.72 -39.92
C LEU C 75 -5.57 -2.76 -40.41
N THR C 76 -4.98 -1.60 -40.68
CA THR C 76 -3.61 -1.57 -41.18
C THR C 76 -2.55 -1.35 -40.10
N VAL C 77 -2.96 -0.92 -38.92
CA VAL C 77 -2.01 -0.70 -37.85
C VAL C 77 -1.56 -2.03 -37.26
N SER C 78 -0.28 -2.15 -36.94
CA SER C 78 0.24 -3.39 -36.37
C SER C 78 1.35 -3.15 -35.36
N SER C 79 1.69 -1.89 -35.14
CA SER C 79 2.74 -1.50 -34.21
C SER C 79 2.36 -0.18 -33.53
N TRP C 80 2.61 -0.08 -32.22
CA TRP C 80 2.25 1.13 -31.48
C TRP C 80 3.01 1.23 -30.15
N SER C 81 3.17 2.46 -29.64
CA SER C 81 3.88 2.70 -28.38
C SER C 81 2.92 2.76 -27.18
N TYR C 82 1.64 2.93 -27.45
CA TYR C 82 0.60 2.94 -26.41
C TYR C 82 -0.76 3.05 -27.08
N ILE C 83 -1.81 2.64 -26.37
CA ILE C 83 -3.16 2.66 -26.93
C ILE C 83 -4.03 3.79 -26.35
N VAL C 84 -4.77 4.45 -27.23
CA VAL C 84 -5.62 5.55 -26.79
C VAL C 84 -7.10 5.39 -27.05
N GLU C 85 -7.88 5.41 -25.97
CA GLU C 85 -9.34 5.32 -26.08
C GLU C 85 -9.88 6.72 -25.78
N THR C 86 -10.98 7.09 -26.43
CA THR C 86 -11.56 8.41 -26.22
C THR C 86 -12.89 8.34 -25.46
N SER C 87 -13.45 9.51 -25.17
CA SER C 87 -14.73 9.58 -24.47
C SER C 87 -15.79 8.96 -25.35
N ASN C 88 -15.47 8.76 -26.62
CA ASN C 88 -16.42 8.21 -27.57
C ASN C 88 -16.07 6.83 -28.11
N SER C 89 -15.34 6.04 -27.32
CA SER C 89 -14.96 4.71 -27.74
C SER C 89 -16.06 3.72 -27.39
N ASP C 90 -17.16 3.79 -28.14
CA ASP C 90 -18.30 2.93 -27.88
C ASP C 90 -18.48 1.81 -28.89
N ASN C 91 -17.73 1.86 -29.98
CA ASN C 91 -17.82 0.81 -30.96
C ASN C 91 -17.05 -0.42 -30.53
N GLY C 92 -17.79 -1.40 -30.02
CA GLY C 92 -17.19 -2.63 -29.56
C GLY C 92 -17.93 -3.85 -30.07
N THR C 93 -18.67 -4.52 -29.19
CA THR C 93 -19.43 -5.69 -29.61
C THR C 93 -20.77 -5.22 -30.17
N CYS C 94 -20.83 -4.98 -31.48
CA CYS C 94 -22.07 -4.53 -32.09
C CYS C 94 -23.18 -5.58 -31.94
N TYR C 95 -22.85 -6.86 -31.89
CA TYR C 95 -23.89 -7.88 -31.66
C TYR C 95 -23.84 -8.07 -30.14
N PRO C 96 -24.94 -7.78 -29.44
CA PRO C 96 -25.02 -7.92 -27.98
C PRO C 96 -24.61 -9.28 -27.43
N GLY C 97 -23.84 -9.25 -26.35
CA GLY C 97 -23.37 -10.46 -25.71
C GLY C 97 -22.30 -10.16 -24.67
N ASP C 98 -21.71 -11.20 -24.08
CA ASP C 98 -20.68 -10.99 -23.09
C ASP C 98 -19.28 -11.33 -23.60
N PHE C 99 -18.35 -10.43 -23.35
CA PHE C 99 -16.95 -10.62 -23.76
C PHE C 99 -16.27 -11.16 -22.49
N ILE C 100 -16.04 -12.46 -22.47
CA ILE C 100 -15.44 -13.13 -21.33
C ILE C 100 -14.00 -12.73 -21.03
N ASP C 101 -13.75 -12.36 -19.78
CA ASP C 101 -12.42 -11.97 -19.35
C ASP C 101 -11.88 -10.82 -20.19
N TYR C 102 -12.77 -9.88 -20.51
CA TYR C 102 -12.40 -8.74 -21.31
C TYR C 102 -11.31 -7.92 -20.62
N GLU C 103 -11.50 -7.62 -19.34
CA GLU C 103 -10.52 -6.84 -18.59
C GLU C 103 -9.14 -7.51 -18.54
N GLU C 104 -9.13 -8.83 -18.53
CA GLU C 104 -7.89 -9.57 -18.51
C GLU C 104 -7.13 -9.40 -19.83
N LEU C 105 -7.86 -9.45 -20.94
CA LEU C 105 -7.25 -9.30 -22.25
C LEU C 105 -6.61 -7.93 -22.31
N ARG C 106 -7.35 -6.90 -21.91
CA ARG C 106 -6.82 -5.54 -21.92
C ARG C 106 -5.51 -5.47 -21.12
N GLU C 107 -5.49 -6.11 -19.96
CA GLU C 107 -4.29 -6.12 -19.12
C GLU C 107 -3.16 -6.80 -19.89
N GLN C 108 -3.48 -7.89 -20.58
CA GLN C 108 -2.51 -8.66 -21.36
C GLN C 108 -1.86 -7.85 -22.50
N LEU C 109 -2.59 -6.85 -23.00
CA LEU C 109 -2.09 -6.01 -24.08
C LEU C 109 -1.09 -4.99 -23.60
N SER C 110 -1.05 -4.76 -22.29
CA SER C 110 -0.14 -3.79 -21.70
C SER C 110 1.26 -3.76 -22.26
N SER C 111 1.88 -4.92 -22.40
CA SER C 111 3.24 -4.97 -22.91
C SER C 111 3.39 -5.45 -24.35
N VAL C 112 2.31 -5.32 -25.12
CA VAL C 112 2.36 -5.73 -26.52
C VAL C 112 2.81 -4.54 -27.34
N SER C 113 3.99 -4.65 -27.95
CA SER C 113 4.51 -3.56 -28.77
C SER C 113 3.99 -3.66 -30.19
N SER C 114 3.60 -4.86 -30.60
CA SER C 114 3.07 -5.06 -31.94
C SER C 114 2.62 -6.49 -32.16
N PHE C 115 1.90 -6.72 -33.25
CA PHE C 115 1.49 -8.08 -33.55
C PHE C 115 1.58 -8.35 -35.05
N GLU C 116 1.50 -9.62 -35.42
CA GLU C 116 1.53 -10.04 -36.80
C GLU C 116 0.16 -10.64 -37.06
N LYS C 117 -0.73 -9.83 -37.63
CA LYS C 117 -2.07 -10.29 -37.93
C LYS C 117 -1.98 -11.30 -39.07
N PHE C 118 -2.68 -12.41 -38.93
CA PHE C 118 -2.67 -13.42 -39.97
C PHE C 118 -4.02 -14.14 -40.04
N GLU C 119 -4.36 -14.59 -41.24
CA GLU C 119 -5.61 -15.29 -41.45
C GLU C 119 -5.50 -16.76 -41.02
N ILE C 120 -5.61 -16.97 -39.72
CA ILE C 120 -5.51 -18.30 -39.12
C ILE C 120 -6.45 -19.33 -39.77
N PHE C 121 -7.66 -18.92 -40.13
CA PHE C 121 -8.59 -19.84 -40.78
C PHE C 121 -9.15 -19.15 -42.02
N PRO C 122 -8.44 -19.27 -43.15
CA PRO C 122 -8.84 -18.67 -44.43
C PRO C 122 -10.31 -18.98 -44.74
N LYS C 123 -11.10 -17.92 -44.82
CA LYS C 123 -12.51 -18.00 -45.10
C LYS C 123 -12.92 -18.85 -46.29
N THR C 124 -12.31 -18.59 -47.44
CA THR C 124 -12.69 -19.31 -48.66
C THR C 124 -12.15 -20.72 -48.83
N SER C 125 -11.50 -21.28 -47.81
CA SER C 125 -10.98 -22.64 -47.95
C SER C 125 -10.97 -23.48 -46.68
N SER C 126 -11.37 -22.91 -45.55
CA SER C 126 -11.34 -23.64 -44.29
C SER C 126 -12.60 -24.43 -44.01
N TRP C 127 -13.72 -24.00 -44.56
CA TRP C 127 -15.00 -24.66 -44.29
C TRP C 127 -15.75 -25.12 -45.53
N PRO C 128 -15.27 -26.17 -46.18
CA PRO C 128 -15.94 -26.68 -47.40
C PRO C 128 -17.38 -27.13 -47.19
N ASN C 129 -17.70 -27.59 -45.98
CA ASN C 129 -19.04 -28.09 -45.68
C ASN C 129 -19.95 -27.19 -44.85
N HIS C 130 -19.70 -25.89 -44.87
CA HIS C 130 -20.52 -24.96 -44.10
C HIS C 130 -20.66 -23.67 -44.89
N GLU C 131 -21.72 -22.93 -44.61
CA GLU C 131 -21.97 -21.68 -45.30
C GLU C 131 -21.12 -20.58 -44.65
N THR C 132 -20.29 -19.93 -45.47
CA THR C 132 -19.40 -18.88 -44.98
C THR C 132 -19.80 -17.49 -45.51
N THR C 133 -20.92 -17.43 -46.21
CA THR C 133 -21.34 -16.17 -46.81
C THR C 133 -22.63 -15.54 -46.30
N ARG C 134 -23.21 -16.08 -45.24
CA ARG C 134 -24.46 -15.51 -44.73
C ARG C 134 -24.37 -15.02 -43.31
N GLY C 135 -23.15 -14.97 -42.77
CA GLY C 135 -22.96 -14.54 -41.40
C GLY C 135 -22.97 -13.04 -41.18
N VAL C 136 -24.06 -12.38 -41.56
CA VAL C 136 -24.18 -10.94 -41.37
C VAL C 136 -25.36 -10.65 -40.49
N THR C 137 -25.40 -9.43 -39.95
CA THR C 137 -26.47 -9.01 -39.07
C THR C 137 -26.67 -7.51 -39.19
N ALA C 138 -27.91 -7.07 -39.01
CA ALA C 138 -28.20 -5.64 -39.08
C ALA C 138 -27.61 -4.95 -37.85
N ALA C 139 -27.21 -5.76 -36.87
CA ALA C 139 -26.61 -5.25 -35.64
C ALA C 139 -25.21 -4.72 -35.90
N CYS C 140 -24.57 -5.22 -36.95
CA CYS C 140 -23.21 -4.83 -37.31
C CYS C 140 -23.20 -4.40 -38.78
N PRO C 141 -23.84 -3.26 -39.08
CA PRO C 141 -23.94 -2.73 -40.43
C PRO C 141 -22.70 -2.00 -40.91
N TYR C 142 -22.55 -1.96 -42.23
CA TYR C 142 -21.45 -1.27 -42.87
C TYR C 142 -22.02 -0.66 -44.14
N ALA C 143 -21.81 0.63 -44.33
CA ALA C 143 -22.31 1.31 -45.52
C ALA C 143 -23.79 1.04 -45.65
N GLY C 144 -24.51 1.06 -44.53
CA GLY C 144 -25.94 0.81 -44.55
C GLY C 144 -26.36 -0.65 -44.61
N ALA C 145 -25.57 -1.49 -45.27
CA ALA C 145 -25.90 -2.91 -45.38
C ALA C 145 -25.48 -3.73 -44.16
N SER C 146 -26.12 -4.88 -43.97
CA SER C 146 -25.80 -5.75 -42.84
C SER C 146 -24.44 -6.36 -43.09
N SER C 147 -23.61 -6.41 -42.04
CA SER C 147 -22.27 -6.93 -42.16
C SER C 147 -21.90 -7.72 -40.89
N PHE C 148 -20.61 -7.77 -40.57
CA PHE C 148 -20.16 -8.51 -39.40
C PHE C 148 -18.73 -8.10 -39.04
N TYR C 149 -18.20 -8.74 -38.00
CA TYR C 149 -16.84 -8.48 -37.56
C TYR C 149 -15.91 -8.93 -38.68
N ARG C 150 -14.79 -8.23 -38.86
CA ARG C 150 -13.85 -8.60 -39.93
C ARG C 150 -12.97 -9.77 -39.50
N ASN C 151 -12.70 -9.87 -38.21
CA ASN C 151 -11.82 -10.92 -37.72
C ASN C 151 -12.46 -12.24 -37.31
N LEU C 152 -13.79 -12.28 -37.31
CA LEU C 152 -14.50 -13.50 -36.96
C LEU C 152 -15.37 -13.90 -38.16
N LEU C 153 -15.76 -15.18 -38.22
CA LEU C 153 -16.57 -15.64 -39.34
C LEU C 153 -17.78 -16.43 -38.84
N TRP C 154 -18.96 -15.85 -38.95
CA TRP C 154 -20.18 -16.51 -38.48
C TRP C 154 -20.64 -17.61 -39.43
N LEU C 155 -20.33 -18.85 -39.09
CA LEU C 155 -20.70 -19.99 -39.92
C LEU C 155 -22.15 -20.42 -39.68
N VAL C 156 -22.83 -20.82 -40.75
CA VAL C 156 -24.20 -21.30 -40.66
C VAL C 156 -24.30 -22.57 -41.50
N LYS C 157 -25.42 -23.29 -41.39
CA LYS C 157 -25.61 -24.53 -42.13
C LYS C 157 -25.63 -24.35 -43.64
N LYS C 158 -25.24 -25.42 -44.32
CA LYS C 158 -25.20 -25.47 -45.78
C LYS C 158 -26.18 -26.53 -46.24
N GLY C 159 -27.14 -26.14 -47.08
CA GLY C 159 -28.13 -27.08 -47.58
C GLY C 159 -28.76 -27.94 -46.51
N ASN C 160 -29.32 -27.30 -45.48
CA ASN C 160 -29.95 -28.03 -44.37
C ASN C 160 -29.06 -29.02 -43.68
N SER C 161 -27.76 -28.74 -43.66
CA SER C 161 -26.83 -29.65 -43.00
C SER C 161 -25.68 -28.90 -42.32
N TYR C 162 -25.37 -29.31 -41.10
CA TYR C 162 -24.27 -28.72 -40.34
C TYR C 162 -23.50 -29.89 -39.72
N PRO C 163 -22.54 -30.45 -40.48
CA PRO C 163 -21.69 -31.58 -40.07
C PRO C 163 -20.81 -31.16 -38.90
N LYS C 164 -20.37 -32.14 -38.11
CA LYS C 164 -19.48 -31.82 -37.00
C LYS C 164 -18.20 -31.31 -37.65
N LEU C 165 -17.85 -30.06 -37.38
CA LEU C 165 -16.63 -29.49 -37.94
C LEU C 165 -15.49 -29.64 -36.96
N SER C 166 -14.27 -29.77 -37.48
CA SER C 166 -13.08 -29.91 -36.67
C SER C 166 -11.93 -29.19 -37.37
N LYS C 167 -11.44 -28.12 -36.76
CA LYS C 167 -10.38 -27.31 -37.34
C LYS C 167 -9.30 -27.05 -36.32
N SER C 168 -8.04 -27.31 -36.70
CA SER C 168 -6.92 -27.12 -35.80
C SER C 168 -5.84 -26.20 -36.35
N TYR C 169 -5.12 -25.54 -35.45
CA TYR C 169 -4.04 -24.64 -35.84
C TYR C 169 -2.86 -24.81 -34.90
N VAL C 170 -1.68 -24.98 -35.49
CA VAL C 170 -0.45 -25.17 -34.76
C VAL C 170 0.37 -23.87 -34.68
N ASN C 171 0.54 -23.33 -33.48
CA ASN C 171 1.33 -22.10 -33.30
C ASN C 171 2.78 -22.34 -33.72
N ASN C 172 3.03 -21.89 -34.94
CA ASN C 172 4.29 -22.00 -35.64
C ASN C 172 5.12 -20.70 -35.65
N LYS C 173 4.56 -19.63 -35.08
CA LYS C 173 5.19 -18.32 -35.09
C LYS C 173 6.33 -18.07 -34.12
N GLY C 174 6.53 -18.97 -33.16
CA GLY C 174 7.60 -18.76 -32.21
C GLY C 174 7.29 -17.61 -31.29
N LYS C 175 6.02 -17.53 -30.87
CA LYS C 175 5.54 -16.49 -29.97
C LYS C 175 4.07 -16.76 -29.67
N GLU C 176 3.51 -16.01 -28.72
CA GLU C 176 2.10 -16.17 -28.34
C GLU C 176 1.21 -15.79 -29.50
N VAL C 177 0.07 -16.46 -29.60
CA VAL C 177 -0.91 -16.14 -30.64
C VAL C 177 -2.27 -15.98 -29.97
N LEU C 178 -2.80 -14.77 -30.06
CA LEU C 178 -4.10 -14.45 -29.48
C LEU C 178 -5.17 -14.90 -30.46
N VAL C 179 -6.04 -15.81 -30.02
CA VAL C 179 -7.12 -16.33 -30.87
C VAL C 179 -8.48 -15.95 -30.26
N LEU C 180 -9.34 -15.33 -31.06
CA LEU C 180 -10.66 -14.94 -30.59
C LEU C 180 -11.74 -15.64 -31.38
N TRP C 181 -12.83 -15.97 -30.70
CA TRP C 181 -13.97 -16.64 -31.33
C TRP C 181 -15.25 -16.29 -30.58
N GLY C 182 -16.39 -16.64 -31.18
CA GLY C 182 -17.66 -16.36 -30.54
C GLY C 182 -18.58 -17.57 -30.52
N VAL C 183 -19.55 -17.54 -29.62
CA VAL C 183 -20.54 -18.61 -29.50
C VAL C 183 -21.89 -17.91 -29.55
N HIS C 184 -22.68 -18.23 -30.57
CA HIS C 184 -23.99 -17.61 -30.76
C HIS C 184 -25.12 -18.33 -30.04
N HIS C 185 -26.07 -17.54 -29.54
CA HIS C 185 -27.23 -18.04 -28.81
C HIS C 185 -28.50 -17.43 -29.39
N PRO C 186 -29.19 -18.17 -30.29
CA PRO C 186 -30.43 -17.69 -30.91
C PRO C 186 -31.52 -17.47 -29.89
N PRO C 187 -32.49 -16.60 -30.18
CA PRO C 187 -33.59 -16.33 -29.25
C PRO C 187 -34.63 -17.45 -29.21
N THR C 188 -34.75 -18.22 -30.30
CA THR C 188 -35.72 -19.31 -30.34
C THR C 188 -35.16 -20.57 -30.98
N SER C 189 -35.79 -21.69 -30.66
CA SER C 189 -35.40 -22.98 -31.18
C SER C 189 -35.62 -23.11 -32.67
N THR C 190 -36.48 -22.27 -33.24
CA THR C 190 -36.73 -22.33 -34.67
C THR C 190 -35.57 -21.66 -35.40
N ASP C 191 -34.99 -20.65 -34.77
CA ASP C 191 -33.86 -19.96 -35.36
C ASP C 191 -32.64 -20.88 -35.26
N GLN C 192 -32.60 -21.66 -34.18
CA GLN C 192 -31.50 -22.60 -33.96
C GLN C 192 -31.47 -23.63 -35.08
N GLN C 193 -32.66 -24.00 -35.57
CA GLN C 193 -32.75 -24.97 -36.65
C GLN C 193 -32.48 -24.27 -37.98
N SER C 194 -33.05 -23.09 -38.15
CA SER C 194 -32.84 -22.34 -39.39
C SER C 194 -31.36 -22.08 -39.56
N LEU C 195 -30.70 -21.82 -38.44
CA LEU C 195 -29.28 -21.51 -38.44
C LEU C 195 -28.33 -22.69 -38.48
N TYR C 196 -28.54 -23.67 -37.61
CA TYR C 196 -27.62 -24.79 -37.54
C TYR C 196 -28.17 -26.21 -37.58
N GLN C 197 -29.44 -26.39 -37.93
CA GLN C 197 -30.02 -27.73 -37.97
C GLN C 197 -30.05 -28.40 -36.60
N ASN C 198 -28.90 -28.92 -36.20
CA ASN C 198 -28.77 -29.63 -34.93
C ASN C 198 -29.44 -28.90 -33.76
N ALA C 199 -30.41 -29.57 -33.17
CA ALA C 199 -31.13 -29.00 -32.04
C ALA C 199 -30.22 -28.99 -30.81
N ASP C 200 -29.41 -30.02 -30.66
CA ASP C 200 -28.52 -30.06 -29.51
C ASP C 200 -27.08 -29.96 -29.97
N ALA C 201 -26.71 -28.78 -30.43
CA ALA C 201 -25.37 -28.49 -30.90
C ALA C 201 -24.48 -28.11 -29.73
N TYR C 202 -23.17 -28.12 -29.97
CA TYR C 202 -22.21 -27.73 -28.94
C TYR C 202 -20.96 -27.24 -29.63
N VAL C 203 -20.12 -26.53 -28.88
CA VAL C 203 -18.87 -26.01 -29.36
C VAL C 203 -17.81 -26.44 -28.37
N SER C 204 -16.69 -26.91 -28.88
CA SER C 204 -15.60 -27.37 -28.04
C SER C 204 -14.30 -26.71 -28.51
N VAL C 205 -13.53 -26.19 -27.56
CA VAL C 205 -12.27 -25.55 -27.89
C VAL C 205 -11.20 -26.11 -26.98
N GLY C 206 -10.07 -26.51 -27.57
CA GLY C 206 -9.01 -27.05 -26.75
C GLY C 206 -7.58 -26.85 -27.23
N SER C 207 -6.69 -26.71 -26.25
CA SER C 207 -5.25 -26.57 -26.49
C SER C 207 -4.62 -27.39 -25.37
N SER C 208 -3.31 -27.25 -25.17
CA SER C 208 -2.65 -27.98 -24.10
C SER C 208 -3.15 -27.51 -22.75
N LYS C 209 -3.45 -26.22 -22.65
CA LYS C 209 -3.89 -25.62 -21.40
C LYS C 209 -5.37 -25.24 -21.34
N TYR C 210 -5.93 -24.86 -22.48
CA TYR C 210 -7.32 -24.45 -22.56
C TYR C 210 -8.26 -25.60 -22.90
N ASP C 211 -9.40 -25.66 -22.21
CA ASP C 211 -10.40 -26.69 -22.44
C ASP C 211 -11.77 -26.22 -21.97
N ARG C 212 -12.67 -26.00 -22.91
CA ARG C 212 -13.99 -25.52 -22.57
C ARG C 212 -15.04 -25.97 -23.59
N ARG C 213 -16.26 -26.19 -23.13
CA ARG C 213 -17.34 -26.63 -24.00
C ARG C 213 -18.54 -25.71 -23.82
N PHE C 214 -19.12 -25.30 -24.94
CA PHE C 214 -20.25 -24.39 -24.88
C PHE C 214 -21.52 -24.99 -25.47
N THR C 215 -22.63 -24.74 -24.79
CA THR C 215 -23.94 -25.20 -25.20
C THR C 215 -24.85 -24.01 -25.45
N PRO C 216 -25.62 -24.04 -26.54
CA PRO C 216 -26.52 -22.94 -26.85
C PRO C 216 -27.55 -22.71 -25.76
N GLU C 217 -27.75 -21.45 -25.41
CA GLU C 217 -28.74 -21.13 -24.40
C GLU C 217 -29.81 -20.36 -25.14
N ILE C 218 -30.84 -21.08 -25.56
CA ILE C 218 -31.93 -20.46 -26.32
C ILE C 218 -32.89 -19.73 -25.39
N ALA C 219 -33.23 -18.50 -25.76
CA ALA C 219 -34.15 -17.68 -24.98
C ALA C 219 -34.26 -16.30 -25.60
N ALA C 220 -35.43 -15.69 -25.46
CA ALA C 220 -35.66 -14.36 -26.01
C ALA C 220 -35.34 -13.36 -24.93
N ARG C 221 -34.19 -12.71 -25.08
CA ARG C 221 -33.73 -11.73 -24.13
C ARG C 221 -34.13 -10.35 -24.62
N PRO C 222 -34.25 -9.36 -23.72
CA PRO C 222 -34.62 -8.01 -24.15
C PRO C 222 -33.77 -7.65 -25.36
N LYS C 223 -34.38 -7.06 -26.38
CA LYS C 223 -33.64 -6.69 -27.58
C LYS C 223 -32.65 -5.55 -27.40
N VAL C 224 -31.44 -5.79 -27.87
CA VAL C 224 -30.36 -4.80 -27.86
C VAL C 224 -29.88 -4.74 -29.30
N ARG C 225 -29.89 -3.55 -29.88
CA ARG C 225 -29.47 -3.37 -31.27
C ARG C 225 -30.30 -4.27 -32.18
N GLY C 226 -31.55 -4.49 -31.78
CA GLY C 226 -32.44 -5.32 -32.58
C GLY C 226 -32.38 -6.80 -32.26
N GLN C 227 -31.33 -7.26 -31.59
CA GLN C 227 -31.22 -8.69 -31.30
C GLN C 227 -31.83 -9.16 -29.98
N ALA C 228 -32.56 -10.25 -30.05
CA ALA C 228 -33.17 -10.87 -28.88
C ALA C 228 -32.23 -12.01 -28.50
N GLY C 229 -31.37 -12.37 -29.44
CA GLY C 229 -30.38 -13.41 -29.23
C GLY C 229 -29.12 -12.78 -28.63
N ARG C 230 -28.10 -13.59 -28.38
CA ARG C 230 -26.86 -13.07 -27.80
C ARG C 230 -25.67 -13.77 -28.41
N MET C 231 -24.51 -13.11 -28.33
CA MET C 231 -23.26 -13.66 -28.85
C MET C 231 -22.14 -13.41 -27.85
N ASN C 232 -21.53 -14.49 -27.36
CA ASN C 232 -20.45 -14.35 -26.38
C ASN C 232 -19.09 -14.46 -27.08
N TYR C 233 -18.14 -13.64 -26.64
CA TYR C 233 -16.82 -13.65 -27.24
C TYR C 233 -15.76 -14.21 -26.30
N TYR C 234 -14.89 -15.06 -26.84
CA TYR C 234 -13.84 -15.69 -26.03
C TYR C 234 -12.48 -15.55 -26.68
N TRP C 235 -11.45 -15.75 -25.86
CA TRP C 235 -10.07 -15.66 -26.35
C TRP C 235 -9.14 -16.52 -25.49
N THR C 236 -7.94 -16.76 -26.01
CA THR C 236 -6.93 -17.50 -25.30
C THR C 236 -5.61 -17.24 -26.01
N LEU C 237 -4.50 -17.27 -25.25
CA LEU C 237 -3.19 -17.05 -25.84
C LEU C 237 -2.55 -18.40 -26.08
N LEU C 238 -2.36 -18.75 -27.35
CA LEU C 238 -1.77 -20.05 -27.70
C LEU C 238 -0.25 -19.93 -27.63
N GLU C 239 0.38 -20.78 -26.83
CA GLU C 239 1.82 -20.75 -26.67
C GLU C 239 2.60 -21.33 -27.85
N PRO C 240 3.83 -20.85 -28.05
CA PRO C 240 4.67 -21.32 -29.15
C PRO C 240 4.68 -22.84 -29.22
N GLY C 241 4.24 -23.40 -30.34
CA GLY C 241 4.26 -24.84 -30.47
C GLY C 241 2.97 -25.54 -30.12
N ASP C 242 2.15 -24.93 -29.29
CA ASP C 242 0.90 -25.57 -28.92
C ASP C 242 -0.07 -25.58 -30.09
N THR C 243 -1.14 -26.36 -29.95
CA THR C 243 -2.14 -26.47 -31.00
C THR C 243 -3.52 -26.20 -30.44
N ILE C 244 -4.35 -25.49 -31.21
CA ILE C 244 -5.70 -25.23 -30.75
C ILE C 244 -6.65 -25.94 -31.73
N THR C 245 -7.63 -26.63 -31.17
CA THR C 245 -8.61 -27.37 -31.96
C THR C 245 -10.04 -26.90 -31.66
N PHE C 246 -10.79 -26.59 -32.73
CA PHE C 246 -12.19 -26.17 -32.60
C PHE C 246 -13.12 -27.28 -33.09
N GLU C 247 -14.09 -27.67 -32.26
CA GLU C 247 -15.07 -28.69 -32.62
C GLU C 247 -16.44 -28.06 -32.46
N ALA C 248 -17.35 -28.33 -33.38
CA ALA C 248 -18.67 -27.73 -33.27
C ALA C 248 -19.73 -28.36 -34.16
N THR C 249 -20.96 -28.39 -33.66
CA THR C 249 -22.09 -28.91 -34.43
C THR C 249 -23.09 -27.76 -34.57
N GLY C 250 -22.58 -26.54 -34.41
CA GLY C 250 -23.40 -25.36 -34.56
C GLY C 250 -23.00 -24.24 -33.62
N ASN C 251 -23.56 -23.06 -33.84
CA ASN C 251 -23.33 -21.90 -32.97
C ASN C 251 -21.93 -21.30 -32.88
N LEU C 252 -20.98 -21.86 -33.61
CA LEU C 252 -19.62 -21.36 -33.56
C LEU C 252 -19.36 -20.16 -34.46
N VAL C 253 -18.91 -19.06 -33.86
CA VAL C 253 -18.56 -17.88 -34.64
C VAL C 253 -17.04 -18.02 -34.73
N ALA C 254 -16.60 -18.71 -35.77
CA ALA C 254 -15.21 -19.03 -35.99
C ALA C 254 -14.20 -17.91 -36.18
N PRO C 255 -12.96 -18.15 -35.72
CA PRO C 255 -11.88 -17.16 -35.84
C PRO C 255 -11.55 -17.03 -37.32
N ARG C 256 -11.30 -15.81 -37.80
CA ARG C 256 -10.88 -15.65 -39.18
C ARG C 256 -9.45 -15.14 -39.11
N TYR C 257 -9.23 -14.00 -38.45
CA TYR C 257 -7.87 -13.48 -38.30
C TYR C 257 -7.44 -13.61 -36.84
N ALA C 258 -6.17 -13.94 -36.62
CA ALA C 258 -5.66 -14.06 -35.26
C ALA C 258 -4.42 -13.17 -35.19
N PHE C 259 -3.84 -13.00 -34.01
CA PHE C 259 -2.68 -12.12 -33.88
C PHE C 259 -1.49 -12.69 -33.12
N ALA C 260 -0.32 -12.68 -33.76
CA ALA C 260 0.92 -13.15 -33.15
C ALA C 260 1.47 -11.93 -32.41
N LEU C 261 1.54 -12.01 -31.10
CA LEU C 261 1.98 -10.88 -30.28
C LEU C 261 3.49 -10.73 -30.09
N ASN C 262 3.95 -9.49 -30.11
CA ASN C 262 5.35 -9.17 -29.88
C ASN C 262 5.35 -8.32 -28.61
N ARG C 263 6.17 -8.69 -27.65
CA ARG C 263 6.25 -7.96 -26.40
C ARG C 263 7.29 -6.84 -26.53
N GLY C 264 6.93 -5.66 -26.03
CA GLY C 264 7.83 -4.53 -26.09
C GLY C 264 8.26 -4.02 -24.73
N SER C 265 7.64 -2.97 -24.22
CA SER C 265 8.04 -2.46 -22.91
C SER C 265 6.80 -2.05 -22.17
N GLY C 266 6.86 -1.99 -20.85
CA GLY C 266 5.69 -1.58 -20.09
C GLY C 266 5.01 -0.39 -20.74
N SER C 267 3.81 -0.65 -21.25
CA SER C 267 3.03 0.38 -21.87
C SER C 267 1.56 0.18 -21.45
N GLY C 268 0.61 0.59 -22.28
CA GLY C 268 -0.77 0.38 -21.90
C GLY C 268 -1.81 1.21 -22.62
N ILE C 269 -3.03 1.12 -22.10
CA ILE C 269 -4.18 1.81 -22.63
C ILE C 269 -4.48 2.99 -21.73
N ILE C 270 -4.77 4.13 -22.35
CA ILE C 270 -5.13 5.33 -21.60
C ILE C 270 -6.35 5.94 -22.25
N THR C 271 -7.12 6.68 -21.47
CA THR C 271 -8.31 7.33 -22.02
C THR C 271 -7.97 8.81 -22.13
N SER C 272 -8.14 9.37 -23.33
CA SER C 272 -7.82 10.79 -23.54
C SER C 272 -8.47 11.38 -24.78
N ASP C 273 -8.76 12.69 -24.72
CA ASP C 273 -9.34 13.38 -25.85
C ASP C 273 -8.32 14.34 -26.45
N ALA C 274 -7.12 14.37 -25.88
CA ALA C 274 -6.06 15.24 -26.38
C ALA C 274 -5.71 14.79 -27.79
N PRO C 275 -5.18 15.70 -28.61
CA PRO C 275 -4.81 15.41 -30.00
C PRO C 275 -3.41 14.81 -30.17
N VAL C 276 -3.31 13.89 -31.13
CA VAL C 276 -2.04 13.27 -31.44
C VAL C 276 -1.33 14.21 -32.42
N HIS C 277 -0.03 14.43 -32.20
CA HIS C 277 0.75 15.32 -33.06
C HIS C 277 2.11 14.72 -33.41
N ASP C 278 2.68 15.18 -34.53
CA ASP C 278 3.99 14.69 -34.90
C ASP C 278 4.88 15.31 -33.84
N CYS C 279 5.26 14.53 -32.85
CA CYS C 279 6.05 15.05 -31.77
C CYS C 279 6.60 13.90 -30.94
N ASP C 280 7.66 14.15 -30.17
CA ASP C 280 8.27 13.11 -29.36
C ASP C 280 8.34 13.46 -27.87
N THR C 281 8.48 12.44 -27.05
CA THR C 281 8.55 12.61 -25.60
C THR C 281 9.00 11.36 -24.89
N LYS C 282 9.49 11.52 -23.67
CA LYS C 282 9.89 10.38 -22.87
C LYS C 282 8.81 10.10 -21.85
N CYS C 283 7.94 11.09 -21.62
CA CYS C 283 6.88 10.97 -20.64
C CYS C 283 5.53 11.44 -21.16
N GLN C 284 4.56 10.52 -21.21
CA GLN C 284 3.23 10.86 -21.70
C GLN C 284 2.15 10.61 -20.65
N THR C 285 1.18 11.53 -20.57
CA THR C 285 0.04 11.40 -19.64
C THR C 285 -1.20 11.67 -20.48
N PRO C 286 -2.38 11.31 -19.98
CA PRO C 286 -3.63 11.54 -20.73
C PRO C 286 -3.90 13.01 -21.09
N HIS C 287 -3.28 13.93 -20.36
CA HIS C 287 -3.47 15.36 -20.60
C HIS C 287 -2.49 15.95 -21.60
N GLY C 288 -1.29 15.38 -21.68
CA GLY C 288 -0.28 15.88 -22.61
C GLY C 288 1.07 15.31 -22.22
N ALA C 289 2.10 15.57 -23.03
CA ALA C 289 3.43 15.05 -22.74
C ALA C 289 4.23 15.93 -21.79
N ILE C 290 5.14 15.32 -21.05
CA ILE C 290 5.97 16.02 -20.11
C ILE C 290 7.44 15.95 -20.51
N ASN C 291 8.11 17.10 -20.42
CA ASN C 291 9.52 17.22 -20.74
C ASN C 291 10.14 17.89 -19.52
N SER C 292 10.60 17.09 -18.57
CA SER C 292 11.14 17.66 -17.34
C SER C 292 12.18 16.78 -16.65
N SER C 293 12.99 17.40 -15.79
CA SER C 293 14.03 16.69 -15.05
C SER C 293 13.63 16.71 -13.59
N LEU C 294 12.56 17.43 -13.29
CA LEU C 294 12.09 17.55 -11.93
C LEU C 294 11.65 16.19 -11.38
N PRO C 295 11.91 15.95 -10.08
CA PRO C 295 11.53 14.70 -9.44
C PRO C 295 10.01 14.47 -9.27
N PHE C 296 9.22 15.54 -9.32
CA PHE C 296 7.76 15.41 -9.16
C PHE C 296 6.93 16.16 -10.20
N GLN C 297 5.69 15.74 -10.33
CA GLN C 297 4.74 16.36 -11.25
C GLN C 297 3.33 16.19 -10.68
N ASN C 298 2.46 17.17 -10.91
CA ASN C 298 1.08 17.09 -10.42
C ASN C 298 0.15 17.12 -11.61
N ILE C 299 0.65 16.66 -12.74
CA ILE C 299 -0.10 16.63 -14.00
C ILE C 299 -1.12 15.50 -14.03
N HIS C 300 -0.67 14.28 -13.80
CA HIS C 300 -1.58 13.15 -13.87
C HIS C 300 -1.04 11.86 -13.26
N PRO C 301 -1.89 11.14 -12.50
CA PRO C 301 -1.40 9.89 -11.91
C PRO C 301 -0.99 8.87 -12.98
N VAL C 302 -1.67 8.91 -14.13
CA VAL C 302 -1.38 8.00 -15.24
C VAL C 302 -0.24 8.49 -16.13
N THR C 303 0.78 7.65 -16.30
CA THR C 303 1.95 8.01 -17.10
C THR C 303 2.46 6.84 -17.92
N ILE C 304 3.19 7.14 -18.99
CA ILE C 304 3.78 6.12 -19.84
C ILE C 304 5.17 6.57 -20.23
N GLY C 305 6.17 5.73 -19.97
CA GLY C 305 7.56 6.07 -20.26
C GLY C 305 8.31 6.40 -18.98
N GLU C 306 9.15 7.43 -19.01
CA GLU C 306 9.89 7.81 -17.82
C GLU C 306 9.40 9.17 -17.38
N CYS C 307 8.85 9.24 -16.18
CA CYS C 307 8.28 10.46 -15.67
C CYS C 307 8.62 10.81 -14.23
N PRO C 308 8.38 12.08 -13.85
CA PRO C 308 8.64 12.52 -12.48
C PRO C 308 7.53 11.83 -11.68
N LYS C 309 7.74 11.58 -10.39
CA LYS C 309 6.70 10.91 -9.62
C LYS C 309 5.47 11.79 -9.39
N TYR C 310 4.29 11.21 -9.58
CA TYR C 310 3.06 11.95 -9.39
C TYR C 310 2.81 12.20 -7.92
N VAL C 311 2.37 13.41 -7.63
CA VAL C 311 2.12 13.84 -6.28
C VAL C 311 0.94 14.82 -6.33
N LYS C 312 0.17 14.89 -5.25
CA LYS C 312 -0.97 15.79 -5.23
C LYS C 312 -0.60 17.19 -4.76
N SER C 313 0.68 17.44 -4.60
CA SER C 313 1.16 18.74 -4.14
C SER C 313 0.87 19.88 -5.11
N THR C 314 0.74 21.06 -4.55
CA THR C 314 0.47 22.27 -5.30
C THR C 314 1.80 22.97 -5.50
N LYS C 315 2.61 22.95 -4.45
CA LYS C 315 3.90 23.60 -4.49
C LYS C 315 4.97 22.78 -3.78
N LEU C 316 6.16 22.72 -4.38
CA LEU C 316 7.29 22.01 -3.80
C LEU C 316 8.53 22.77 -4.20
N ARG C 317 8.96 23.66 -3.32
CA ARG C 317 10.12 24.49 -3.59
C ARG C 317 11.10 24.46 -2.41
N MET C 318 12.36 24.14 -2.68
CA MET C 318 13.36 24.11 -1.63
C MET C 318 14.17 25.40 -1.63
N ALA C 319 14.47 25.91 -0.44
CA ALA C 319 15.29 27.11 -0.34
C ALA C 319 16.73 26.65 -0.53
N THR C 320 17.49 27.35 -1.36
CA THR C 320 18.89 27.02 -1.59
C THR C 320 19.72 28.16 -1.02
N GLY C 321 19.27 29.39 -1.28
CA GLY C 321 19.97 30.55 -0.77
C GLY C 321 19.52 30.81 0.66
N LEU C 322 19.39 32.07 1.03
CA LEU C 322 18.97 32.40 2.39
C LEU C 322 17.79 33.33 2.48
N ARG C 323 17.44 33.68 3.71
CA ARG C 323 16.33 34.57 3.97
C ARG C 323 16.69 35.89 3.27
N ASN C 324 15.79 36.39 2.43
CA ASN C 324 16.06 37.63 1.68
C ASN C 324 15.65 38.90 2.42
N ILE C 325 16.63 39.54 3.05
CA ILE C 325 16.40 40.77 3.82
C ILE C 325 17.06 41.98 3.14
N PRO C 326 16.44 42.52 2.07
CA PRO C 326 17.00 43.68 1.37
C PRO C 326 17.05 44.91 2.27
N ALA C 327 16.21 44.90 3.31
CA ALA C 327 16.12 45.99 4.28
C ALA C 327 16.07 47.38 3.63
N ARG C 328 15.55 47.44 2.41
CA ARG C 328 15.45 48.70 1.67
C ARG C 328 14.71 49.79 2.47
N GLY D 1 16.26 33.38 13.33
CA GLY D 1 17.20 32.28 13.12
C GLY D 1 17.63 31.59 14.40
N LEU D 2 18.10 30.35 14.27
CA LEU D 2 18.53 29.56 15.41
C LEU D 2 19.88 30.01 15.99
N PHE D 3 20.67 30.72 15.19
CA PHE D 3 21.98 31.17 15.65
C PHE D 3 22.11 32.68 15.88
N GLY D 4 21.00 33.39 15.78
CA GLY D 4 20.96 34.82 16.03
C GLY D 4 21.69 35.76 15.08
N ALA D 5 22.35 35.23 14.06
CA ALA D 5 23.07 36.09 13.11
C ALA D 5 22.13 36.68 12.07
N ILE D 6 21.72 35.88 11.11
CA ILE D 6 20.82 36.36 10.07
C ILE D 6 19.49 36.81 10.69
N ALA D 7 19.05 38.00 10.31
CA ALA D 7 17.82 38.59 10.83
C ALA D 7 17.96 38.72 12.34
N GLY D 8 19.21 38.70 12.81
CA GLY D 8 19.50 38.82 14.23
C GLY D 8 20.35 40.03 14.54
N PHE D 9 21.55 39.82 15.09
CA PHE D 9 22.42 40.95 15.41
C PHE D 9 23.00 41.58 14.15
N ILE D 10 22.64 41.00 13.00
CA ILE D 10 23.05 41.52 11.70
C ILE D 10 21.72 41.64 10.96
N GLU D 11 20.94 42.62 11.40
CA GLU D 11 19.61 42.92 10.88
C GLU D 11 19.25 42.64 9.43
N GLY D 12 20.16 42.86 8.49
CA GLY D 12 19.79 42.62 7.11
C GLY D 12 20.88 42.16 6.17
N GLY D 13 20.52 41.99 4.90
CA GLY D 13 21.47 41.56 3.90
C GLY D 13 21.96 42.70 3.01
N TRP D 14 23.01 42.42 2.25
CA TRP D 14 23.56 43.44 1.38
C TRP D 14 23.25 43.20 -0.08
N THR D 15 22.32 43.98 -0.62
CA THR D 15 22.01 43.86 -2.03
C THR D 15 23.33 44.16 -2.74
N GLY D 16 24.22 44.84 -2.03
CA GLY D 16 25.51 45.20 -2.55
C GLY D 16 26.46 44.03 -2.80
N LEU D 17 26.57 43.12 -1.82
CA LEU D 17 27.43 41.95 -1.99
C LEU D 17 26.85 41.18 -3.16
N ILE D 18 27.68 40.83 -4.14
CA ILE D 18 27.16 40.13 -5.31
C ILE D 18 28.06 39.05 -5.87
N ASP D 19 28.94 38.50 -5.04
CA ASP D 19 29.83 37.45 -5.51
C ASP D 19 29.87 36.26 -4.55
N GLY D 20 28.87 36.22 -3.67
CA GLY D 20 28.76 35.15 -2.70
C GLY D 20 27.60 35.40 -1.75
N TRP D 21 27.31 34.43 -0.90
CA TRP D 21 26.21 34.57 0.05
C TRP D 21 26.69 35.30 1.29
N TYR D 22 27.92 34.99 1.70
CA TYR D 22 28.51 35.58 2.89
C TYR D 22 29.72 36.43 2.48
N GLY D 23 29.88 37.60 3.08
CA GLY D 23 31.01 38.45 2.72
C GLY D 23 31.41 39.56 3.66
N TYR D 24 32.17 40.51 3.15
CA TYR D 24 32.65 41.64 3.94
C TYR D 24 32.28 42.96 3.27
N HIS D 25 32.31 44.04 4.03
CA HIS D 25 32.02 45.35 3.49
C HIS D 25 33.29 46.21 3.52
N HIS D 26 33.77 46.50 4.72
CA HIS D 26 34.98 47.31 4.90
C HIS D 26 34.92 48.73 4.33
N GLN D 27 35.17 49.70 5.20
CA GLN D 27 35.18 51.11 4.81
C GLN D 27 36.50 51.70 5.25
N ASN D 28 37.54 51.30 4.56
CA ASN D 28 38.89 51.75 4.82
C ASN D 28 39.05 53.16 4.25
N GLU D 29 39.99 53.92 4.81
CA GLU D 29 40.21 55.29 4.37
C GLU D 29 40.40 55.40 2.85
N GLN D 30 40.98 54.37 2.24
CA GLN D 30 41.20 54.37 0.79
C GLN D 30 39.86 54.30 0.05
N GLY D 31 38.89 53.61 0.64
CA GLY D 31 37.59 53.49 0.00
C GLY D 31 36.62 52.53 0.65
N SER D 32 35.59 52.15 -0.09
CA SER D 32 34.56 51.23 0.39
C SER D 32 34.14 50.27 -0.72
N GLY D 33 33.55 49.13 -0.33
CA GLY D 33 33.11 48.15 -1.30
C GLY D 33 32.67 46.85 -0.65
N TYR D 34 32.40 45.83 -1.47
CA TYR D 34 31.99 44.53 -0.94
C TYR D 34 32.84 43.40 -1.50
N ALA D 35 33.21 42.46 -0.63
CA ALA D 35 34.01 41.32 -1.04
C ALA D 35 33.49 40.06 -0.35
N ALA D 36 32.95 39.14 -1.15
CA ALA D 36 32.40 37.89 -0.63
C ALA D 36 33.49 36.91 -0.21
N ASP D 37 33.25 36.22 0.90
CA ASP D 37 34.20 35.23 1.41
C ASP D 37 34.00 33.91 0.66
N GLN D 38 35.02 33.49 -0.08
CA GLN D 38 34.98 32.25 -0.85
C GLN D 38 34.85 31.00 0.00
N LYS D 39 35.82 30.80 0.89
CA LYS D 39 35.82 29.66 1.79
C LYS D 39 34.39 29.25 2.17
N SER D 40 33.69 30.17 2.83
CA SER D 40 32.32 29.95 3.28
C SER D 40 31.31 29.73 2.16
N THR D 41 31.21 30.69 1.25
CA THR D 41 30.27 30.60 0.15
C THR D 41 30.35 29.27 -0.59
N GLN D 42 31.55 28.88 -1.00
CA GLN D 42 31.69 27.62 -1.72
C GLN D 42 31.30 26.43 -0.87
N ASN D 43 31.78 26.37 0.38
CA ASN D 43 31.44 25.26 1.25
C ASN D 43 29.93 25.14 1.39
N ALA D 44 29.27 26.28 1.61
CA ALA D 44 27.83 26.31 1.76
C ALA D 44 27.19 25.86 0.46
N ILE D 45 27.76 26.28 -0.66
CA ILE D 45 27.22 25.89 -1.94
C ILE D 45 27.32 24.39 -2.12
N ASP D 46 28.48 23.82 -1.79
CA ASP D 46 28.67 22.38 -1.93
C ASP D 46 27.68 21.61 -1.07
N GLY D 47 27.44 22.09 0.14
CA GLY D 47 26.52 21.42 1.04
C GLY D 47 25.09 21.43 0.54
N ILE D 48 24.63 22.61 0.11
CA ILE D 48 23.27 22.76 -0.38
C ILE D 48 23.06 21.99 -1.69
N THR D 49 24.07 21.96 -2.54
CA THR D 49 23.97 21.23 -3.79
C THR D 49 23.83 19.74 -3.46
N ASN D 50 24.56 19.30 -2.46
CA ASN D 50 24.52 17.91 -2.06
C ASN D 50 23.18 17.55 -1.41
N LYS D 51 22.59 18.49 -0.69
CA LYS D 51 21.31 18.26 -0.04
C LYS D 51 20.24 18.12 -1.11
N VAL D 52 20.27 19.03 -2.08
CA VAL D 52 19.29 19.00 -3.15
C VAL D 52 19.40 17.72 -3.94
N ASN D 53 20.63 17.30 -4.26
CA ASN D 53 20.83 16.07 -5.01
C ASN D 53 20.36 14.85 -4.22
N SER D 54 20.60 14.85 -2.90
CA SER D 54 20.20 13.74 -2.07
C SER D 54 18.67 13.61 -2.06
N VAL D 55 17.97 14.72 -1.90
CA VAL D 55 16.52 14.70 -1.90
C VAL D 55 16.05 14.05 -3.20
N ILE D 56 16.59 14.53 -4.31
CA ILE D 56 16.22 13.98 -5.61
C ILE D 56 16.62 12.51 -5.79
N GLU D 57 17.69 12.07 -5.12
CA GLU D 57 18.13 10.67 -5.24
C GLU D 57 17.11 9.71 -4.65
N LYS D 58 16.64 10.02 -3.44
CA LYS D 58 15.68 9.19 -2.74
C LYS D 58 14.35 9.06 -3.46
N MET D 59 13.87 10.15 -4.03
CA MET D 59 12.59 10.14 -4.74
C MET D 59 12.70 9.36 -6.03
N ASN D 60 12.04 8.21 -6.07
CA ASN D 60 12.06 7.35 -7.25
C ASN D 60 11.29 7.94 -8.43
N THR D 61 11.79 7.67 -9.63
CA THR D 61 11.15 8.11 -10.86
C THR D 61 9.85 7.31 -10.95
N GLN D 62 9.03 7.62 -11.95
CA GLN D 62 7.81 6.88 -12.13
C GLN D 62 7.81 6.42 -13.57
N PHE D 63 7.65 5.13 -13.79
CA PHE D 63 7.63 4.64 -15.15
C PHE D 63 6.19 4.50 -15.62
N THR D 64 5.91 3.50 -16.43
CA THR D 64 4.56 3.31 -16.93
C THR D 64 3.59 2.83 -15.84
N ALA D 65 2.57 3.65 -15.57
CA ALA D 65 1.55 3.33 -14.58
C ALA D 65 0.20 3.72 -15.15
N VAL D 66 -0.56 2.73 -15.61
CA VAL D 66 -1.88 2.97 -16.19
C VAL D 66 -2.98 2.37 -15.34
N GLY D 67 -4.22 2.69 -15.69
CA GLY D 67 -5.35 2.20 -14.94
C GLY D 67 -5.73 0.78 -15.32
N LYS D 68 -6.53 0.15 -14.46
CA LYS D 68 -6.99 -1.20 -14.72
C LYS D 68 -8.52 -1.12 -14.79
N GLU D 69 -9.11 -2.01 -15.58
CA GLU D 69 -10.55 -2.06 -15.72
C GLU D 69 -11.10 -3.26 -14.95
N PHE D 70 -12.36 -3.18 -14.54
CA PHE D 70 -13.03 -4.24 -13.77
C PHE D 70 -14.50 -4.31 -14.20
N ASN D 71 -15.09 -5.51 -14.22
CA ASN D 71 -16.49 -5.62 -14.61
C ASN D 71 -17.42 -5.28 -13.44
N ASN D 72 -18.73 -5.42 -13.65
CA ASN D 72 -19.69 -5.06 -12.60
C ASN D 72 -19.83 -6.06 -11.47
N LEU D 73 -19.03 -7.11 -11.50
CA LEU D 73 -19.05 -8.10 -10.43
C LEU D 73 -17.67 -8.15 -9.76
N GLU D 74 -16.88 -7.10 -9.96
CA GLU D 74 -15.55 -7.02 -9.38
C GLU D 74 -15.39 -5.70 -8.65
N ARG D 75 -16.46 -5.27 -8.00
CA ARG D 75 -16.44 -4.01 -7.27
C ARG D 75 -15.47 -4.07 -6.09
N ARG D 76 -15.32 -5.25 -5.49
CA ARG D 76 -14.41 -5.37 -4.37
C ARG D 76 -12.94 -5.21 -4.76
N ILE D 77 -12.48 -5.88 -5.81
CA ILE D 77 -11.09 -5.71 -6.17
C ILE D 77 -10.84 -4.35 -6.79
N LYS D 78 -11.85 -3.80 -7.48
CA LYS D 78 -11.70 -2.47 -8.05
C LYS D 78 -11.41 -1.50 -6.91
N ASN D 79 -12.21 -1.58 -5.85
CA ASN D 79 -12.03 -0.72 -4.70
C ASN D 79 -10.70 -0.97 -3.99
N LEU D 80 -10.25 -2.22 -4.00
CA LEU D 80 -8.98 -2.60 -3.38
C LEU D 80 -7.87 -1.86 -4.11
N ASN D 81 -7.93 -1.94 -5.43
CA ASN D 81 -6.96 -1.33 -6.30
C ASN D 81 -6.92 0.18 -6.13
N LYS D 82 -8.09 0.79 -5.92
CA LYS D 82 -8.15 2.23 -5.74
C LYS D 82 -7.64 2.61 -4.36
N LYS D 83 -7.87 1.73 -3.39
CA LYS D 83 -7.41 1.97 -2.01
C LYS D 83 -5.90 1.94 -2.02
N VAL D 84 -5.33 1.13 -2.91
CA VAL D 84 -3.89 1.00 -3.03
C VAL D 84 -3.27 2.21 -3.73
N ASP D 85 -3.86 2.63 -4.84
CA ASP D 85 -3.35 3.78 -5.57
C ASP D 85 -3.44 5.05 -4.73
N ASP D 86 -4.55 5.22 -4.02
CA ASP D 86 -4.73 6.40 -3.19
C ASP D 86 -3.82 6.38 -1.97
N GLY D 87 -3.66 5.20 -1.38
CA GLY D 87 -2.82 5.06 -0.20
C GLY D 87 -1.39 5.51 -0.47
N PHE D 88 -0.76 4.92 -1.49
CA PHE D 88 0.59 5.28 -1.85
C PHE D 88 0.68 6.75 -2.29
N LEU D 89 -0.33 7.23 -2.98
CA LEU D 89 -0.34 8.61 -3.44
C LEU D 89 -0.26 9.54 -2.22
N ASP D 90 -1.09 9.29 -1.21
CA ASP D 90 -1.10 10.10 -0.01
C ASP D 90 0.23 9.99 0.75
N VAL D 91 0.81 8.79 0.78
CA VAL D 91 2.07 8.57 1.47
C VAL D 91 3.22 9.36 0.83
N TRP D 92 3.31 9.32 -0.49
CA TRP D 92 4.38 10.05 -1.17
C TRP D 92 4.15 11.54 -1.17
N THR D 93 2.91 11.96 -1.33
CA THR D 93 2.61 13.38 -1.28
C THR D 93 3.09 13.85 0.10
N TYR D 94 2.75 13.06 1.11
CA TYR D 94 3.16 13.33 2.48
C TYR D 94 4.68 13.45 2.60
N ASN D 95 5.41 12.42 2.17
CA ASN D 95 6.87 12.44 2.25
C ASN D 95 7.50 13.62 1.55
N ALA D 96 7.06 13.89 0.33
CA ALA D 96 7.58 14.99 -0.48
C ALA D 96 7.41 16.33 0.21
N GLU D 97 6.18 16.65 0.60
CA GLU D 97 5.91 17.91 1.25
C GLU D 97 6.61 18.06 2.60
N LEU D 98 6.72 16.95 3.33
CA LEU D 98 7.33 16.98 4.64
C LEU D 98 8.85 17.11 4.55
N LEU D 99 9.45 16.39 3.60
CA LEU D 99 10.90 16.45 3.45
C LEU D 99 11.30 17.88 3.10
N VAL D 100 10.60 18.49 2.15
CA VAL D 100 10.91 19.85 1.75
C VAL D 100 10.77 20.82 2.93
N LEU D 101 9.68 20.68 3.68
CA LEU D 101 9.41 21.52 4.84
C LEU D 101 10.55 21.49 5.83
N LEU D 102 10.92 20.28 6.26
CA LEU D 102 11.99 20.09 7.21
C LEU D 102 13.35 20.56 6.73
N GLU D 103 13.69 20.26 5.49
CA GLU D 103 14.98 20.67 4.95
C GLU D 103 15.08 22.18 4.79
N ASN D 104 13.97 22.83 4.44
CA ASN D 104 13.96 24.28 4.28
C ASN D 104 14.32 24.93 5.63
N GLU D 105 13.84 24.33 6.70
CA GLU D 105 14.11 24.83 8.04
C GLU D 105 15.60 24.64 8.32
N ARG D 106 16.12 23.47 7.95
CA ARG D 106 17.52 23.13 8.14
C ARG D 106 18.43 24.06 7.35
N THR D 107 18.04 24.32 6.11
CA THR D 107 18.83 25.17 5.23
C THR D 107 19.01 26.59 5.82
N LEU D 108 17.90 27.25 6.14
CA LEU D 108 17.97 28.59 6.71
C LEU D 108 18.83 28.62 7.99
N ASP D 109 18.77 27.55 8.78
CA ASP D 109 19.56 27.48 10.00
C ASP D 109 21.03 27.25 9.63
N PHE D 110 21.26 26.61 8.48
CA PHE D 110 22.61 26.33 8.00
C PHE D 110 23.29 27.64 7.64
N HIS D 111 22.57 28.47 6.89
CA HIS D 111 23.11 29.76 6.51
C HIS D 111 23.31 30.61 7.75
N ASP D 112 22.32 30.58 8.63
CA ASP D 112 22.38 31.35 9.87
C ASP D 112 23.66 30.96 10.62
N SER D 113 23.93 29.66 10.66
CA SER D 113 25.10 29.12 11.35
C SER D 113 26.38 29.64 10.69
N ASN D 114 26.42 29.58 9.36
CA ASN D 114 27.59 30.02 8.61
C ASN D 114 27.95 31.48 8.88
N VAL D 115 26.99 32.37 8.76
CA VAL D 115 27.25 33.78 9.01
C VAL D 115 27.82 33.94 10.43
N LYS D 116 27.16 33.30 11.39
CA LYS D 116 27.59 33.33 12.78
C LYS D 116 29.05 32.91 12.89
N ASN D 117 29.38 31.78 12.27
CA ASN D 117 30.75 31.27 12.32
C ASN D 117 31.75 32.23 11.67
N LEU D 118 31.33 32.87 10.58
CA LEU D 118 32.19 33.80 9.88
C LEU D 118 32.50 34.98 10.81
N TYR D 119 31.48 35.50 11.48
CA TYR D 119 31.66 36.61 12.38
C TYR D 119 32.64 36.26 13.51
N GLU D 120 32.40 35.13 14.18
CA GLU D 120 33.27 34.71 15.28
C GLU D 120 34.69 34.44 14.78
N LYS D 121 34.83 34.16 13.50
CA LYS D 121 36.14 33.92 12.92
C LYS D 121 36.87 35.26 12.76
N ALA D 122 36.23 36.20 12.09
CA ALA D 122 36.81 37.52 11.87
C ALA D 122 37.03 38.22 13.20
N ARG D 123 36.25 37.83 14.21
CA ARG D 123 36.36 38.42 15.54
C ARG D 123 37.59 37.92 16.31
N SER D 124 37.75 36.61 16.39
CA SER D 124 38.88 36.05 17.11
C SER D 124 40.20 36.40 16.43
N GLN D 125 40.11 36.94 15.22
CA GLN D 125 41.30 37.34 14.48
C GLN D 125 41.79 38.72 14.91
N LEU D 126 40.83 39.61 15.15
CA LEU D 126 41.12 40.97 15.54
C LEU D 126 41.46 41.15 17.03
N ARG D 127 40.67 40.56 17.91
CA ARG D 127 40.91 40.69 19.34
C ARG D 127 40.93 42.15 19.77
N ASN D 128 42.08 42.57 20.28
CA ASN D 128 42.29 43.94 20.76
C ASN D 128 42.43 45.02 19.71
N ASN D 129 42.77 44.64 18.48
CA ASN D 129 42.98 45.64 17.43
C ASN D 129 41.74 46.32 16.85
N ALA D 130 40.58 45.98 17.39
CA ALA D 130 39.33 46.58 16.93
C ALA D 130 38.25 46.34 17.96
N LYS D 131 37.13 47.02 17.81
CA LYS D 131 36.05 46.82 18.77
C LYS D 131 34.78 46.39 18.04
N GLU D 132 33.97 45.57 18.71
CA GLU D 132 32.71 45.09 18.15
C GLU D 132 31.65 46.19 18.23
N ILE D 133 31.30 46.74 17.07
CA ILE D 133 30.30 47.80 16.96
C ILE D 133 28.87 47.25 17.01
N GLY D 134 28.73 45.94 16.88
CA GLY D 134 27.40 45.34 16.84
C GLY D 134 27.08 45.27 15.36
N ASN D 135 25.87 44.87 15.00
CA ASN D 135 25.49 44.77 13.57
C ASN D 135 26.53 44.07 12.69
N GLY D 136 27.44 43.32 13.32
CA GLY D 136 28.45 42.60 12.56
C GLY D 136 29.69 43.37 12.11
N CYS D 137 29.81 44.63 12.48
CA CYS D 137 30.98 45.41 12.08
C CYS D 137 32.07 45.46 13.15
N PHE D 138 33.30 45.66 12.70
CA PHE D 138 34.44 45.78 13.60
C PHE D 138 35.13 47.09 13.24
N GLU D 139 35.40 47.92 14.25
CA GLU D 139 36.09 49.18 13.98
C GLU D 139 37.52 49.05 14.47
N PHE D 140 38.46 49.20 13.54
CA PHE D 140 39.88 49.08 13.87
C PHE D 140 40.43 50.22 14.68
N TYR D 141 41.35 49.88 15.56
CA TYR D 141 42.01 50.87 16.40
C TYR D 141 43.20 51.42 15.61
N HIS D 142 44.06 50.51 15.18
CA HIS D 142 45.27 50.86 14.44
C HIS D 142 45.13 51.22 12.97
N LYS D 143 43.90 51.44 12.48
CA LYS D 143 43.70 51.78 11.08
C LYS D 143 44.17 50.61 10.20
N CYS D 144 43.38 50.31 9.17
CA CYS D 144 43.67 49.16 8.33
C CYS D 144 43.39 49.43 6.85
N ASP D 145 44.46 49.47 6.05
CA ASP D 145 44.35 49.74 4.62
C ASP D 145 43.86 48.54 3.80
N ASP D 146 43.58 48.77 2.53
CA ASP D 146 43.11 47.72 1.62
C ASP D 146 43.97 46.47 1.72
N ALA D 147 45.28 46.67 1.86
CA ALA D 147 46.20 45.55 1.97
C ALA D 147 46.05 44.84 3.31
N CYS D 148 45.57 45.56 4.31
CA CYS D 148 45.36 44.98 5.63
C CYS D 148 43.99 44.33 5.70
N MET D 149 42.99 44.97 5.09
CA MET D 149 41.63 44.44 5.08
C MET D 149 41.63 43.05 4.47
N GLU D 150 42.35 42.90 3.36
CA GLU D 150 42.43 41.63 2.67
C GLU D 150 43.00 40.55 3.58
N SER D 151 43.97 40.91 4.40
CA SER D 151 44.59 39.94 5.30
C SER D 151 43.55 39.36 6.25
N VAL D 152 42.54 40.16 6.57
CA VAL D 152 41.49 39.70 7.46
C VAL D 152 40.64 38.68 6.73
N ARG D 153 40.23 39.03 5.52
CA ARG D 153 39.41 38.16 4.69
C ARG D 153 40.02 36.77 4.52
N ASN D 154 41.29 36.72 4.09
CA ASN D 154 41.97 35.45 3.88
C ASN D 154 42.64 34.93 5.15
N GLY D 155 41.94 35.10 6.27
CA GLY D 155 42.42 34.64 7.56
C GLY D 155 43.92 34.68 7.86
N THR D 156 44.60 35.74 7.46
CA THR D 156 46.02 35.87 7.72
C THR D 156 46.21 36.85 8.88
N TYR D 157 45.95 38.13 8.61
CA TYR D 157 46.06 39.20 9.60
C TYR D 157 47.11 38.94 10.68
N ASP D 158 46.70 38.25 11.73
CA ASP D 158 47.56 37.91 12.87
C ASP D 158 48.28 39.10 13.50
N TYR D 159 48.02 39.30 14.78
CA TYR D 159 48.60 40.39 15.56
C TYR D 159 47.75 40.54 16.82
N PRO D 160 47.92 39.62 17.80
CA PRO D 160 47.17 39.63 19.07
C PRO D 160 47.02 41.01 19.71
N ASP E 5 22.99 46.17 42.04
CA ASP E 5 21.81 45.94 41.16
C ASP E 5 22.08 44.84 40.15
N THR E 6 21.15 43.89 40.05
CA THR E 6 21.30 42.77 39.15
C THR E 6 20.08 42.54 38.25
N LEU E 7 20.33 42.02 37.06
CA LEU E 7 19.28 41.71 36.09
C LEU E 7 19.58 40.33 35.50
N CYS E 8 18.67 39.39 35.70
CA CYS E 8 18.87 38.05 35.19
C CYS E 8 17.95 37.67 34.06
N ILE E 9 18.42 36.73 33.25
CA ILE E 9 17.64 36.21 32.14
C ILE E 9 17.34 34.75 32.39
N GLY E 10 16.05 34.42 32.35
CA GLY E 10 15.63 33.05 32.61
C GLY E 10 14.43 32.63 31.78
N TYR E 11 13.93 31.44 32.06
CA TYR E 11 12.79 30.90 31.33
C TYR E 11 11.73 30.34 32.28
N HIS E 12 10.53 30.18 31.72
CA HIS E 12 9.37 29.69 32.48
C HIS E 12 9.48 28.28 33.05
N ALA E 13 8.73 28.04 34.11
CA ALA E 13 8.67 26.75 34.78
C ALA E 13 7.34 26.72 35.52
N ASN E 14 6.81 25.52 35.76
CA ASN E 14 5.53 25.37 36.45
C ASN E 14 5.43 24.02 37.12
N ASN E 15 4.21 23.63 37.48
CA ASN E 15 4.01 22.36 38.14
C ASN E 15 3.44 21.29 37.21
N SER E 16 3.65 21.45 35.91
CA SER E 16 3.17 20.49 34.93
C SER E 16 3.90 19.16 35.08
N THR E 17 3.19 18.07 34.87
CA THR E 17 3.79 16.75 34.97
C THR E 17 3.76 16.07 33.61
N ASP E 18 3.36 16.83 32.59
CA ASP E 18 3.29 16.31 31.24
C ASP E 18 4.68 15.90 30.78
N THR E 19 4.77 14.74 30.13
CA THR E 19 6.04 14.25 29.65
C THR E 19 5.96 13.85 28.18
N VAL E 20 7.11 13.86 27.52
CA VAL E 20 7.21 13.50 26.11
C VAL E 20 8.55 12.84 25.88
N ASP E 21 8.68 12.11 24.77
CA ASP E 21 9.93 11.46 24.43
C ASP E 21 10.58 12.25 23.30
N THR E 22 11.89 12.11 23.17
CA THR E 22 12.61 12.80 22.11
C THR E 22 13.62 11.79 21.61
N VAL E 23 14.32 12.12 20.54
CA VAL E 23 15.30 11.19 19.98
C VAL E 23 16.41 10.84 20.99
N LEU E 24 16.95 11.85 21.66
CA LEU E 24 18.03 11.64 22.61
C LEU E 24 17.61 11.31 24.04
N GLU E 25 16.34 11.55 24.37
CA GLU E 25 15.89 11.28 25.73
C GLU E 25 14.39 11.02 25.87
N LYS E 26 14.06 9.97 26.60
CA LYS E 26 12.66 9.60 26.84
C LYS E 26 12.18 10.18 28.16
N ASN E 27 10.86 10.27 28.31
CA ASN E 27 10.22 10.78 29.52
C ASN E 27 10.77 12.12 30.01
N VAL E 28 10.65 13.15 29.18
CA VAL E 28 11.11 14.49 29.54
C VAL E 28 9.89 15.30 29.99
N THR E 29 9.96 15.85 31.19
CA THR E 29 8.87 16.65 31.72
C THR E 29 8.94 18.04 31.10
N VAL E 30 7.82 18.53 30.62
CA VAL E 30 7.76 19.84 29.99
C VAL E 30 6.69 20.75 30.58
N THR E 31 6.77 22.04 30.26
CA THR E 31 5.82 23.02 30.77
C THR E 31 4.48 22.98 30.06
N HIS E 32 4.50 22.76 28.75
CA HIS E 32 3.27 22.72 27.97
C HIS E 32 3.36 21.70 26.84
N SER E 33 2.23 21.10 26.51
CA SER E 33 2.18 20.13 25.45
C SER E 33 0.74 19.86 25.01
N VAL E 34 0.59 19.27 23.82
CA VAL E 34 -0.71 18.96 23.30
C VAL E 34 -0.78 17.48 22.93
N ASN E 35 -1.86 16.83 23.35
CA ASN E 35 -2.06 15.41 23.04
C ASN E 35 -2.74 15.37 21.67
N LEU E 36 -2.15 14.62 20.74
CA LEU E 36 -2.71 14.52 19.40
C LEU E 36 -3.51 13.23 19.20
N LEU E 37 -3.44 12.34 20.18
CA LEU E 37 -4.11 11.05 20.09
C LEU E 37 -5.40 10.96 20.86
N GLU E 38 -6.50 10.68 20.15
CA GLU E 38 -7.79 10.53 20.82
C GLU E 38 -7.95 9.06 21.14
N ASP E 39 -8.40 8.76 22.36
CA ASP E 39 -8.58 7.38 22.77
C ASP E 39 -9.88 7.13 23.50
N SER E 40 -10.83 8.05 23.37
CA SER E 40 -12.11 7.90 24.03
C SER E 40 -13.27 7.82 23.05
N HIS E 41 -14.27 7.02 23.39
CA HIS E 41 -15.47 6.90 22.58
C HIS E 41 -16.62 6.68 23.56
N ASN E 42 -17.86 6.87 23.13
CA ASN E 42 -19.00 6.73 24.03
C ASN E 42 -19.62 5.33 24.09
N GLY E 43 -18.99 4.35 23.46
CA GLY E 43 -19.51 3.01 23.47
C GLY E 43 -20.92 2.82 22.92
N LYS E 44 -21.34 3.70 22.02
CA LYS E 44 -22.69 3.63 21.46
C LYS E 44 -22.74 3.79 19.95
N LEU E 45 -23.79 3.24 19.33
CA LEU E 45 -23.97 3.36 17.89
C LEU E 45 -24.94 4.52 17.71
N CYS E 46 -24.41 5.61 17.20
CA CYS E 46 -25.15 6.84 17.02
C CYS E 46 -25.59 7.14 15.60
N ARG E 47 -26.40 8.17 15.44
CA ARG E 47 -26.84 8.49 14.09
C ARG E 47 -25.91 9.52 13.46
N LEU E 48 -25.79 9.47 12.15
CA LEU E 48 -24.93 10.39 11.41
C LEU E 48 -25.81 11.18 10.46
N GLY E 49 -25.63 12.50 10.44
CA GLY E 49 -26.44 13.31 9.55
C GLY E 49 -27.92 13.17 9.90
N GLY E 50 -28.20 12.91 11.17
CA GLY E 50 -29.56 12.75 11.62
C GLY E 50 -30.23 11.46 11.21
N ILE E 51 -29.52 10.55 10.55
CA ILE E 51 -30.16 9.31 10.13
C ILE E 51 -29.73 8.16 11.01
N ALA E 52 -30.70 7.43 11.53
CA ALA E 52 -30.37 6.31 12.39
C ALA E 52 -29.72 5.20 11.60
N PRO E 53 -28.90 4.40 12.26
CA PRO E 53 -28.27 3.31 11.52
C PRO E 53 -29.27 2.16 11.37
N LEU E 54 -28.96 1.23 10.47
CA LEU E 54 -29.83 0.09 10.26
C LEU E 54 -29.34 -1.07 11.12
N GLN E 55 -30.10 -1.42 12.16
CA GLN E 55 -29.70 -2.51 13.02
C GLN E 55 -30.27 -3.83 12.51
N LEU E 56 -29.39 -4.64 11.92
CA LEU E 56 -29.80 -5.93 11.40
C LEU E 56 -30.00 -6.94 12.53
N GLY E 57 -29.45 -6.63 13.70
CA GLY E 57 -29.57 -7.49 14.86
C GLY E 57 -29.28 -8.95 14.62
N LYS E 58 -30.31 -9.78 14.75
CA LYS E 58 -30.22 -11.22 14.56
C LYS E 58 -30.09 -11.62 13.08
N CYS E 59 -30.32 -10.65 12.19
CA CYS E 59 -30.26 -10.89 10.74
C CYS E 59 -29.00 -10.34 10.08
N ASN E 60 -28.67 -10.87 8.91
CA ASN E 60 -27.52 -10.38 8.14
C ASN E 60 -28.05 -9.84 6.79
N ILE E 61 -27.17 -9.31 5.95
CA ILE E 61 -27.62 -8.75 4.68
C ILE E 61 -28.53 -9.71 3.90
N ALA E 62 -28.10 -10.95 3.73
CA ALA E 62 -28.89 -11.94 2.99
C ALA E 62 -30.31 -12.02 3.53
N GLY E 63 -30.43 -12.21 4.84
CA GLY E 63 -31.75 -12.31 5.45
C GLY E 63 -32.62 -11.07 5.26
N TRP E 64 -32.01 -9.90 5.41
CA TRP E 64 -32.69 -8.63 5.23
C TRP E 64 -33.26 -8.46 3.81
N LEU E 65 -32.39 -8.56 2.81
CA LEU E 65 -32.80 -8.41 1.42
C LEU E 65 -33.75 -9.49 0.91
N LEU E 66 -33.61 -10.71 1.42
CA LEU E 66 -34.51 -11.79 0.98
C LEU E 66 -35.85 -11.77 1.71
N GLY E 67 -35.85 -11.22 2.92
CA GLY E 67 -37.08 -11.17 3.70
C GLY E 67 -37.29 -12.43 4.54
N ASN E 68 -36.21 -12.90 5.17
CA ASN E 68 -36.24 -14.06 6.06
C ASN E 68 -37.34 -13.73 7.07
N PRO E 69 -38.23 -14.70 7.40
CA PRO E 69 -39.33 -14.48 8.35
C PRO E 69 -38.91 -13.89 9.69
N GLU E 70 -37.69 -14.18 10.10
CA GLU E 70 -37.17 -13.69 11.37
C GLU E 70 -36.71 -12.23 11.33
N CYS E 71 -36.81 -11.59 10.17
CA CYS E 71 -36.37 -10.21 10.02
C CYS E 71 -37.50 -9.24 9.76
N ASP E 72 -38.74 -9.62 10.09
CA ASP E 72 -39.89 -8.76 9.87
C ASP E 72 -39.76 -7.36 10.45
N LEU E 73 -38.97 -7.23 11.51
CA LEU E 73 -38.76 -5.92 12.13
C LEU E 73 -38.18 -4.91 11.15
N LEU E 74 -37.37 -5.39 10.23
CA LEU E 74 -36.70 -4.56 9.25
C LEU E 74 -37.55 -4.12 8.05
N LEU E 75 -38.63 -4.84 7.79
CA LEU E 75 -39.51 -4.55 6.66
C LEU E 75 -39.84 -3.08 6.33
N THR E 76 -40.09 -2.25 7.35
CA THR E 76 -40.46 -0.86 7.11
C THR E 76 -39.29 0.11 7.03
N VAL E 77 -38.08 -0.39 7.15
CA VAL E 77 -36.90 0.47 7.11
C VAL E 77 -36.38 0.60 5.69
N SER E 78 -36.13 1.83 5.27
CA SER E 78 -35.60 2.03 3.93
C SER E 78 -34.65 3.22 3.80
N SER E 79 -34.12 3.67 4.92
CA SER E 79 -33.18 4.79 4.96
C SER E 79 -32.24 4.57 6.16
N TRP E 80 -30.94 4.77 5.95
CA TRP E 80 -29.98 4.55 7.05
C TRP E 80 -28.66 5.29 6.89
N SER E 81 -27.99 5.56 8.00
CA SER E 81 -26.70 6.24 7.98
C SER E 81 -25.61 5.22 7.66
N TYR E 82 -25.78 4.00 8.19
CA TYR E 82 -24.85 2.89 7.94
C TYR E 82 -25.54 1.60 8.40
N ILE E 83 -25.16 0.47 7.80
CA ILE E 83 -25.75 -0.81 8.14
C ILE E 83 -24.90 -1.55 9.16
N VAL E 84 -25.56 -2.01 10.22
CA VAL E 84 -24.90 -2.71 11.32
C VAL E 84 -25.27 -4.18 11.47
N GLU E 85 -24.24 -5.04 11.44
CA GLU E 85 -24.40 -6.48 11.62
C GLU E 85 -23.76 -6.76 13.00
N THR E 86 -24.39 -7.63 13.78
CA THR E 86 -23.83 -7.96 15.08
C THR E 86 -23.10 -9.30 14.99
N SER E 87 -22.60 -9.77 16.12
CA SER E 87 -21.89 -11.05 16.15
C SER E 87 -22.89 -12.17 15.96
N ASN E 88 -24.16 -11.88 16.21
CA ASN E 88 -25.17 -12.91 16.06
C ASN E 88 -26.05 -12.72 14.86
N SER E 89 -25.51 -12.17 13.79
CA SER E 89 -26.29 -11.99 12.57
C SER E 89 -26.25 -13.30 11.80
N ASP E 90 -27.01 -14.29 12.30
CA ASP E 90 -27.05 -15.62 11.70
C ASP E 90 -28.27 -15.88 10.82
N ASN E 91 -29.26 -15.01 10.90
CA ASN E 91 -30.47 -15.13 10.09
C ASN E 91 -30.38 -14.65 8.66
N GLY E 92 -30.00 -15.57 7.77
CA GLY E 92 -29.87 -15.23 6.37
C GLY E 92 -30.77 -16.13 5.54
N THR E 93 -30.16 -17.04 4.81
CA THR E 93 -30.92 -17.95 4.00
C THR E 93 -31.37 -19.13 4.84
N CYS E 94 -32.63 -19.11 5.28
CA CYS E 94 -33.17 -20.18 6.09
C CYS E 94 -33.34 -21.46 5.26
N TYR E 95 -33.43 -21.32 3.93
CA TYR E 95 -33.51 -22.49 3.08
C TYR E 95 -32.08 -22.60 2.53
N PRO E 96 -31.41 -23.72 2.78
CA PRO E 96 -30.02 -23.95 2.33
C PRO E 96 -29.76 -23.76 0.85
N GLY E 97 -28.58 -23.23 0.54
CA GLY E 97 -28.21 -23.00 -0.84
C GLY E 97 -27.07 -22.02 -0.93
N ASP E 98 -26.65 -21.70 -2.15
CA ASP E 98 -25.57 -20.76 -2.35
C ASP E 98 -26.13 -19.40 -2.77
N PHE E 99 -25.57 -18.33 -2.20
CA PHE E 99 -26.00 -16.98 -2.55
C PHE E 99 -24.91 -16.46 -3.48
N ILE E 100 -25.17 -16.50 -4.79
CA ILE E 100 -24.19 -16.07 -5.77
C ILE E 100 -23.73 -14.61 -5.66
N ASP E 101 -22.40 -14.45 -5.70
CA ASP E 101 -21.77 -13.14 -5.59
C ASP E 101 -22.33 -12.36 -4.42
N TYR E 102 -22.51 -13.06 -3.31
CA TYR E 102 -23.02 -12.42 -2.11
C TYR E 102 -22.12 -11.29 -1.58
N GLU E 103 -20.80 -11.49 -1.62
CA GLU E 103 -19.89 -10.46 -1.12
C GLU E 103 -19.94 -9.18 -1.96
N GLU E 104 -20.06 -9.36 -3.26
CA GLU E 104 -20.13 -8.26 -4.19
C GLU E 104 -21.40 -7.45 -3.92
N LEU E 105 -22.49 -8.13 -3.61
CA LEU E 105 -23.73 -7.43 -3.31
C LEU E 105 -23.57 -6.60 -2.05
N ARG E 106 -22.95 -7.18 -1.03
CA ARG E 106 -22.68 -6.46 0.21
C ARG E 106 -21.86 -5.22 -0.15
N GLU E 107 -20.88 -5.41 -1.02
CA GLU E 107 -20.03 -4.29 -1.44
C GLU E 107 -20.88 -3.19 -2.08
N GLN E 108 -21.82 -3.59 -2.93
CA GLN E 108 -22.71 -2.67 -3.61
C GLN E 108 -23.57 -1.88 -2.61
N LEU E 109 -24.01 -2.54 -1.54
CA LEU E 109 -24.84 -1.87 -0.54
C LEU E 109 -24.09 -0.84 0.28
N SER E 110 -22.76 -0.87 0.23
CA SER E 110 -21.95 0.07 1.00
C SER E 110 -22.10 1.50 0.50
N SER E 111 -22.60 1.66 -0.72
CA SER E 111 -22.79 3.01 -1.28
C SER E 111 -24.27 3.28 -1.54
N VAL E 112 -25.11 2.62 -0.74
CA VAL E 112 -26.54 2.76 -0.83
C VAL E 112 -26.98 3.32 0.48
N SER E 113 -27.49 4.55 0.45
CA SER E 113 -27.93 5.19 1.68
C SER E 113 -29.42 5.02 1.96
N SER E 114 -30.17 4.58 0.96
CA SER E 114 -31.60 4.36 1.11
C SER E 114 -32.17 3.73 -0.16
N PHE E 115 -33.42 3.27 -0.09
CA PHE E 115 -34.06 2.69 -1.25
C PHE E 115 -35.58 2.77 -1.15
N GLU E 116 -36.26 2.25 -2.17
CA GLU E 116 -37.72 2.25 -2.17
C GLU E 116 -38.07 0.85 -2.62
N LYS E 117 -38.63 0.10 -1.68
CA LYS E 117 -39.03 -1.27 -1.91
C LYS E 117 -40.42 -1.22 -2.54
N PHE E 118 -40.62 -1.97 -3.63
CA PHE E 118 -41.92 -2.02 -4.31
C PHE E 118 -42.18 -3.44 -4.76
N GLU E 119 -43.44 -3.85 -4.77
CA GLU E 119 -43.79 -5.20 -5.17
C GLU E 119 -43.67 -5.28 -6.68
N ILE E 120 -42.49 -5.67 -7.15
CA ILE E 120 -42.19 -5.75 -8.57
C ILE E 120 -43.17 -6.67 -9.33
N PHE E 121 -43.43 -7.86 -8.79
CA PHE E 121 -44.38 -8.77 -9.41
C PHE E 121 -45.42 -9.08 -8.33
N PRO E 122 -46.53 -8.31 -8.31
CA PRO E 122 -47.56 -8.58 -7.30
C PRO E 122 -47.95 -10.05 -7.25
N LYS E 123 -48.00 -10.59 -6.04
CA LYS E 123 -48.34 -11.98 -5.78
C LYS E 123 -49.73 -12.42 -6.25
N THR E 124 -50.74 -11.57 -6.10
CA THR E 124 -52.10 -11.97 -6.48
C THR E 124 -52.52 -11.69 -7.91
N SER E 125 -51.61 -11.17 -8.73
CA SER E 125 -51.97 -10.86 -10.11
C SER E 125 -50.93 -11.21 -11.17
N SER E 126 -49.72 -11.54 -10.76
CA SER E 126 -48.65 -11.86 -11.71
C SER E 126 -48.60 -13.29 -12.24
N TRP E 127 -49.19 -14.24 -11.51
CA TRP E 127 -49.12 -15.64 -11.93
C TRP E 127 -50.45 -16.40 -12.02
N PRO E 128 -51.32 -16.03 -12.97
CA PRO E 128 -52.62 -16.68 -13.13
C PRO E 128 -52.56 -18.20 -13.35
N ASN E 129 -51.54 -18.66 -14.07
CA ASN E 129 -51.40 -20.08 -14.39
C ASN E 129 -50.46 -20.90 -13.51
N HIS E 130 -50.19 -20.44 -12.30
CA HIS E 130 -49.28 -21.14 -11.41
C HIS E 130 -49.76 -20.97 -9.99
N GLU E 131 -49.45 -21.96 -9.15
CA GLU E 131 -49.82 -21.94 -7.73
C GLU E 131 -48.93 -20.96 -6.99
N THR E 132 -49.54 -20.03 -6.26
CA THR E 132 -48.81 -19.00 -5.51
C THR E 132 -49.03 -19.11 -4.00
N THR E 133 -49.75 -20.13 -3.57
CA THR E 133 -50.06 -20.26 -2.15
C THR E 133 -49.49 -21.46 -1.42
N ARG E 134 -48.60 -22.20 -2.06
CA ARG E 134 -48.04 -23.39 -1.41
C ARG E 134 -46.52 -23.31 -1.18
N GLY E 135 -45.92 -22.18 -1.53
CA GLY E 135 -44.49 -22.03 -1.38
C GLY E 135 -44.00 -21.70 0.00
N VAL E 136 -44.09 -22.68 0.91
CA VAL E 136 -43.65 -22.54 2.28
C VAL E 136 -42.79 -23.75 2.65
N THR E 137 -42.06 -23.64 3.75
CA THR E 137 -41.19 -24.70 4.20
C THR E 137 -40.96 -24.59 5.69
N ALA E 138 -40.76 -25.72 6.35
CA ALA E 138 -40.52 -25.70 7.79
C ALA E 138 -39.12 -25.15 8.05
N ALA E 139 -38.33 -25.00 6.99
CA ALA E 139 -36.99 -24.47 7.09
C ALA E 139 -37.00 -22.96 7.29
N CYS E 140 -38.13 -22.33 6.94
CA CYS E 140 -38.30 -20.89 7.08
C CYS E 140 -39.60 -20.67 7.84
N PRO E 141 -39.65 -21.14 9.07
CA PRO E 141 -40.86 -21.00 9.89
C PRO E 141 -41.12 -19.59 10.35
N TYR E 142 -42.35 -19.38 10.78
CA TYR E 142 -42.80 -18.11 11.31
C TYR E 142 -43.95 -18.44 12.24
N ALA E 143 -43.80 -18.15 13.52
CA ALA E 143 -44.85 -18.44 14.49
C ALA E 143 -45.09 -19.94 14.51
N GLY E 144 -44.03 -20.71 14.30
CA GLY E 144 -44.15 -22.16 14.31
C GLY E 144 -44.70 -22.79 13.05
N ALA E 145 -45.32 -21.98 12.19
CA ALA E 145 -45.88 -22.49 10.95
C ALA E 145 -44.88 -22.32 9.80
N SER E 146 -44.90 -23.26 8.87
CA SER E 146 -44.02 -23.21 7.72
C SER E 146 -44.33 -21.94 6.97
N SER E 147 -43.29 -21.23 6.57
CA SER E 147 -43.45 -19.97 5.87
C SER E 147 -42.35 -19.83 4.82
N PHE E 148 -42.10 -18.60 4.38
CA PHE E 148 -41.08 -18.35 3.35
C PHE E 148 -40.59 -16.92 3.37
N TYR E 149 -39.63 -16.64 2.50
CA TYR E 149 -39.06 -15.32 2.36
C TYR E 149 -40.18 -14.35 2.00
N ARG E 150 -40.15 -13.15 2.59
CA ARG E 150 -41.17 -12.17 2.32
C ARG E 150 -40.99 -11.51 0.95
N ASN E 151 -39.75 -11.41 0.49
CA ASN E 151 -39.49 -10.74 -0.77
C ASN E 151 -39.35 -11.62 -2.00
N LEU E 152 -39.55 -12.92 -1.83
CA LEU E 152 -39.50 -13.88 -2.94
C LEU E 152 -40.79 -14.68 -2.92
N LEU E 153 -41.13 -15.30 -4.05
CA LEU E 153 -42.36 -16.09 -4.12
C LEU E 153 -42.08 -17.46 -4.76
N TRP E 154 -42.18 -18.51 -3.95
CA TRP E 154 -41.93 -19.86 -4.43
C TRP E 154 -43.13 -20.38 -5.22
N LEU E 155 -42.99 -20.48 -6.54
CA LEU E 155 -44.07 -20.94 -7.39
C LEU E 155 -44.00 -22.45 -7.67
N VAL E 156 -45.15 -23.13 -7.61
CA VAL E 156 -45.22 -24.56 -7.90
C VAL E 156 -46.31 -24.83 -8.95
N LYS E 157 -46.43 -26.09 -9.37
CA LYS E 157 -47.42 -26.45 -10.39
C LYS E 157 -48.85 -26.25 -9.93
N LYS E 158 -49.73 -26.03 -10.89
CA LYS E 158 -51.14 -25.80 -10.62
C LYS E 158 -51.95 -26.90 -11.31
N GLY E 159 -52.57 -27.76 -10.51
CA GLY E 159 -53.35 -28.84 -11.09
C GLY E 159 -52.54 -29.66 -12.07
N ASN E 160 -51.38 -30.12 -11.63
CA ASN E 160 -50.51 -30.93 -12.47
C ASN E 160 -50.07 -30.27 -13.76
N SER E 161 -49.92 -28.96 -13.74
CA SER E 161 -49.51 -28.25 -14.93
C SER E 161 -48.60 -27.06 -14.61
N TYR E 162 -47.44 -27.03 -15.23
CA TYR E 162 -46.52 -25.91 -15.05
C TYR E 162 -46.17 -25.41 -16.44
N PRO E 163 -47.01 -24.52 -17.00
CA PRO E 163 -46.80 -23.96 -18.34
C PRO E 163 -45.58 -23.06 -18.31
N LYS E 164 -44.93 -22.91 -19.46
CA LYS E 164 -43.76 -22.05 -19.53
C LYS E 164 -44.24 -20.66 -19.15
N LEU E 165 -43.59 -20.07 -18.16
CA LEU E 165 -43.96 -18.73 -17.73
C LEU E 165 -42.98 -17.73 -18.32
N SER E 166 -43.46 -16.52 -18.54
CA SER E 166 -42.62 -15.46 -19.10
C SER E 166 -43.12 -14.19 -18.44
N LYS E 167 -42.23 -13.50 -17.74
CA LYS E 167 -42.60 -12.27 -17.03
C LYS E 167 -41.52 -11.23 -17.18
N SER E 168 -41.93 -9.99 -17.41
CA SER E 168 -40.97 -8.92 -17.59
C SER E 168 -41.30 -7.70 -16.77
N TYR E 169 -40.27 -6.96 -16.43
CA TYR E 169 -40.43 -5.73 -15.68
C TYR E 169 -39.52 -4.71 -16.32
N VAL E 170 -40.07 -3.52 -16.56
CA VAL E 170 -39.34 -2.43 -17.18
C VAL E 170 -38.97 -1.42 -16.10
N ASN E 171 -37.67 -1.24 -15.85
CA ASN E 171 -37.23 -0.30 -14.82
C ASN E 171 -37.70 1.12 -15.12
N ASN E 172 -38.72 1.49 -14.38
CA ASN E 172 -39.44 2.74 -14.47
C ASN E 172 -39.07 3.67 -13.30
N LYS E 173 -38.09 3.27 -12.52
CA LYS E 173 -37.74 4.04 -11.33
C LYS E 173 -36.84 5.23 -11.44
N GLY E 174 -36.13 5.34 -12.55
CA GLY E 174 -35.23 6.46 -12.72
C GLY E 174 -33.95 6.26 -11.93
N LYS E 175 -33.71 5.01 -11.51
CA LYS E 175 -32.52 4.65 -10.75
C LYS E 175 -32.34 3.15 -10.84
N GLU E 176 -31.28 2.64 -10.21
CA GLU E 176 -31.00 1.22 -10.22
C GLU E 176 -32.05 0.45 -9.43
N VAL E 177 -32.37 -0.76 -9.90
CA VAL E 177 -33.32 -1.62 -9.21
C VAL E 177 -32.65 -2.96 -8.94
N LEU E 178 -32.43 -3.24 -7.66
CA LEU E 178 -31.84 -4.50 -7.26
C LEU E 178 -32.95 -5.54 -7.34
N VAL E 179 -32.73 -6.58 -8.14
CA VAL E 179 -33.73 -7.62 -8.29
C VAL E 179 -33.17 -8.94 -7.78
N LEU E 180 -33.88 -9.58 -6.87
CA LEU E 180 -33.39 -10.85 -6.37
C LEU E 180 -34.31 -12.00 -6.74
N TRP E 181 -33.74 -13.20 -6.87
CA TRP E 181 -34.56 -14.36 -7.19
C TRP E 181 -33.82 -15.63 -6.78
N GLY E 182 -34.48 -16.77 -6.90
CA GLY E 182 -33.84 -18.01 -6.55
C GLY E 182 -34.21 -19.15 -7.46
N VAL E 183 -33.39 -20.19 -7.45
CA VAL E 183 -33.63 -21.38 -8.26
C VAL E 183 -33.57 -22.53 -7.27
N HIS E 184 -34.64 -23.30 -7.20
CA HIS E 184 -34.73 -24.42 -6.28
C HIS E 184 -34.32 -25.73 -6.94
N HIS E 185 -33.51 -26.49 -6.23
CA HIS E 185 -33.04 -27.77 -6.73
C HIS E 185 -33.56 -28.86 -5.81
N PRO E 186 -34.58 -29.62 -6.25
CA PRO E 186 -35.12 -30.68 -5.39
C PRO E 186 -34.12 -31.84 -5.22
N PRO E 187 -34.27 -32.62 -4.14
CA PRO E 187 -33.39 -33.76 -3.86
C PRO E 187 -33.67 -34.99 -4.74
N THR E 188 -34.90 -35.11 -5.24
CA THR E 188 -35.28 -36.26 -6.06
C THR E 188 -36.11 -35.88 -7.28
N SER E 189 -36.09 -36.77 -8.26
CA SER E 189 -36.85 -36.56 -9.49
C SER E 189 -38.35 -36.59 -9.19
N THR E 190 -38.74 -37.35 -8.18
CA THR E 190 -40.12 -37.43 -7.82
C THR E 190 -40.55 -36.10 -7.21
N ASP E 191 -39.68 -35.49 -6.42
CA ASP E 191 -40.02 -34.19 -5.84
C ASP E 191 -40.11 -33.14 -6.94
N GLN E 192 -39.20 -33.25 -7.90
CA GLN E 192 -39.18 -32.35 -9.04
C GLN E 192 -40.56 -32.38 -9.69
N GLN E 193 -41.07 -33.59 -9.91
CA GLN E 193 -42.36 -33.78 -10.54
C GLN E 193 -43.54 -33.29 -9.71
N SER E 194 -43.55 -33.60 -8.42
CA SER E 194 -44.64 -33.17 -7.55
C SER E 194 -44.70 -31.65 -7.46
N LEU E 195 -43.56 -31.01 -7.68
CA LEU E 195 -43.48 -29.56 -7.59
C LEU E 195 -43.68 -28.82 -8.89
N TYR E 196 -43.08 -29.32 -9.97
CA TYR E 196 -43.14 -28.62 -11.25
C TYR E 196 -43.51 -29.40 -12.51
N GLN E 197 -43.88 -30.68 -12.38
CA GLN E 197 -44.23 -31.51 -13.53
C GLN E 197 -43.05 -31.79 -14.45
N ASN E 198 -42.62 -30.75 -15.15
CA ASN E 198 -41.53 -30.86 -16.10
C ASN E 198 -40.23 -31.46 -15.55
N ALA E 199 -39.93 -32.67 -15.97
CA ALA E 199 -38.71 -33.35 -15.54
C ALA E 199 -37.51 -32.52 -15.93
N ASP E 200 -37.56 -31.96 -17.13
CA ASP E 200 -36.46 -31.16 -17.62
C ASP E 200 -36.85 -29.69 -17.76
N ALA E 201 -36.96 -29.04 -16.61
CA ALA E 201 -37.33 -27.64 -16.54
C ALA E 201 -36.06 -26.79 -16.63
N TYR E 202 -36.25 -25.49 -16.79
CA TYR E 202 -35.11 -24.59 -16.87
C TYR E 202 -35.62 -23.21 -16.47
N VAL E 203 -34.69 -22.35 -16.07
CA VAL E 203 -35.03 -20.99 -15.72
C VAL E 203 -34.08 -20.12 -16.54
N SER E 204 -34.63 -19.05 -17.11
CA SER E 204 -33.86 -18.15 -17.93
C SER E 204 -34.07 -16.72 -17.43
N VAL E 205 -33.01 -15.94 -17.38
CA VAL E 205 -33.13 -14.57 -16.90
C VAL E 205 -32.29 -13.67 -17.77
N GLY E 206 -32.87 -12.58 -18.24
CA GLY E 206 -32.07 -11.70 -19.08
C GLY E 206 -32.48 -10.23 -19.09
N SER E 207 -31.55 -9.39 -19.54
CA SER E 207 -31.76 -7.95 -19.67
C SER E 207 -30.77 -7.52 -20.75
N SER E 208 -30.47 -6.23 -20.84
CA SER E 208 -29.54 -5.76 -21.85
C SER E 208 -28.12 -6.19 -21.55
N LYS E 209 -27.85 -6.44 -20.26
CA LYS E 209 -26.51 -6.85 -19.83
C LYS E 209 -26.49 -8.23 -19.19
N TYR E 210 -27.51 -8.52 -18.39
CA TYR E 210 -27.60 -9.80 -17.70
C TYR E 210 -28.18 -10.85 -18.63
N ASP E 211 -27.60 -12.05 -18.58
CA ASP E 211 -28.04 -13.16 -19.40
C ASP E 211 -27.48 -14.47 -18.84
N ARG E 212 -28.34 -15.25 -18.20
CA ARG E 212 -27.91 -16.51 -17.60
C ARG E 212 -29.03 -17.56 -17.63
N ARG E 213 -28.64 -18.83 -17.76
CA ARG E 213 -29.59 -19.93 -17.79
C ARG E 213 -29.36 -20.90 -16.64
N PHE E 214 -30.44 -21.32 -15.98
CA PHE E 214 -30.32 -22.23 -14.84
C PHE E 214 -30.99 -23.58 -15.07
N THR E 215 -30.28 -24.64 -14.70
CA THR E 215 -30.76 -26.01 -14.84
C THR E 215 -30.87 -26.68 -13.48
N PRO E 216 -32.02 -27.30 -13.19
CA PRO E 216 -32.20 -27.96 -11.90
C PRO E 216 -31.13 -29.05 -11.70
N GLU E 217 -30.54 -29.09 -10.51
CA GLU E 217 -29.56 -30.11 -10.21
C GLU E 217 -30.15 -31.00 -9.13
N ILE E 218 -30.73 -32.11 -9.57
CA ILE E 218 -31.39 -33.05 -8.66
C ILE E 218 -30.41 -34.02 -8.01
N ALA E 219 -30.47 -34.06 -6.67
CA ALA E 219 -29.62 -34.94 -5.87
C ALA E 219 -29.90 -34.70 -4.38
N ALA E 220 -29.79 -35.76 -3.59
CA ALA E 220 -30.00 -35.66 -2.15
C ALA E 220 -28.72 -35.18 -1.48
N ARG E 221 -28.77 -34.01 -0.88
CA ARG E 221 -27.61 -33.46 -0.22
C ARG E 221 -27.76 -33.61 1.28
N PRO E 222 -26.64 -33.57 2.01
CA PRO E 222 -26.73 -33.70 3.47
C PRO E 222 -27.75 -32.66 3.91
N LYS E 223 -28.73 -33.07 4.70
CA LYS E 223 -29.76 -32.14 5.12
C LYS E 223 -29.25 -30.98 5.98
N VAL E 224 -29.81 -29.81 5.70
CA VAL E 224 -29.51 -28.60 6.44
C VAL E 224 -30.90 -28.02 6.69
N ARG E 225 -31.23 -27.81 7.97
CA ARG E 225 -32.52 -27.28 8.34
C ARG E 225 -33.60 -28.19 7.79
N GLY E 226 -33.32 -29.48 7.82
CA GLY E 226 -34.27 -30.47 7.34
C GLY E 226 -34.38 -30.62 5.85
N GLN E 227 -33.67 -29.80 5.07
CA GLN E 227 -33.78 -29.90 3.62
C GLN E 227 -32.63 -30.62 2.95
N ALA E 228 -32.96 -31.57 2.08
CA ALA E 228 -31.96 -32.31 1.33
C ALA E 228 -31.79 -31.59 0.00
N GLY E 229 -32.79 -30.78 -0.35
CA GLY E 229 -32.74 -30.01 -1.58
C GLY E 229 -31.96 -28.75 -1.31
N ARG E 230 -31.82 -27.92 -2.33
CA ARG E 230 -31.06 -26.67 -2.21
C ARG E 230 -31.75 -25.57 -2.98
N MET E 231 -31.53 -24.33 -2.56
CA MET E 231 -32.12 -23.18 -3.23
C MET E 231 -31.02 -22.13 -3.39
N ASN E 232 -30.65 -21.84 -4.64
CA ASN E 232 -29.62 -20.84 -4.87
C ASN E 232 -30.25 -19.48 -5.13
N TYR E 233 -29.58 -18.44 -4.64
CA TYR E 233 -30.07 -17.09 -4.79
C TYR E 233 -29.19 -16.25 -5.71
N TYR E 234 -29.84 -15.44 -6.53
CA TYR E 234 -29.16 -14.56 -7.47
C TYR E 234 -29.76 -13.17 -7.41
N TRP E 235 -29.01 -12.20 -7.95
CA TRP E 235 -29.43 -10.81 -7.97
C TRP E 235 -28.77 -10.16 -9.17
N THR E 236 -29.12 -8.91 -9.40
CA THR E 236 -28.53 -8.14 -10.47
C THR E 236 -29.07 -6.73 -10.31
N LEU E 237 -28.36 -5.76 -10.87
CA LEU E 237 -28.79 -4.39 -10.79
C LEU E 237 -29.39 -4.00 -12.14
N LEU E 238 -30.71 -3.85 -12.19
CA LEU E 238 -31.36 -3.47 -13.45
C LEU E 238 -31.23 -1.96 -13.63
N GLU E 239 -30.58 -1.56 -14.71
CA GLU E 239 -30.36 -0.14 -14.98
C GLU E 239 -31.64 0.59 -15.37
N PRO E 240 -31.65 1.92 -15.17
CA PRO E 240 -32.83 2.73 -15.51
C PRO E 240 -33.30 2.47 -16.95
N GLY E 241 -34.60 2.43 -17.17
CA GLY E 241 -35.11 2.20 -18.52
C GLY E 241 -34.90 0.82 -19.11
N ASP E 242 -34.09 -0.02 -18.47
CA ASP E 242 -33.82 -1.37 -18.98
C ASP E 242 -34.90 -2.36 -18.58
N THR E 243 -34.83 -3.54 -19.17
CA THR E 243 -35.81 -4.58 -18.92
C THR E 243 -35.24 -5.92 -18.46
N ILE E 244 -35.87 -6.51 -17.45
CA ILE E 244 -35.44 -7.81 -16.99
C ILE E 244 -36.59 -8.75 -17.34
N THR E 245 -36.25 -9.90 -17.89
CA THR E 245 -37.26 -10.88 -18.28
C THR E 245 -36.98 -12.24 -17.67
N PHE E 246 -38.02 -12.84 -17.09
CA PHE E 246 -37.91 -14.17 -16.50
C PHE E 246 -38.69 -15.19 -17.32
N GLU E 247 -38.03 -16.30 -17.65
CA GLU E 247 -38.63 -17.39 -18.42
C GLU E 247 -38.39 -18.64 -17.60
N ALA E 248 -39.40 -19.51 -17.48
CA ALA E 248 -39.21 -20.73 -16.69
C ALA E 248 -40.25 -21.81 -16.91
N THR E 249 -39.81 -23.06 -16.85
CA THR E 249 -40.70 -24.20 -16.97
C THR E 249 -40.70 -24.95 -15.65
N GLY E 250 -40.24 -24.24 -14.61
CA GLY E 250 -40.20 -24.80 -13.28
C GLY E 250 -39.03 -24.27 -12.47
N ASN E 251 -39.03 -24.58 -11.18
CA ASN E 251 -37.94 -24.19 -10.26
C ASN E 251 -37.64 -22.72 -10.03
N LEU E 252 -38.48 -21.80 -10.49
CA LEU E 252 -38.17 -20.40 -10.26
C LEU E 252 -38.76 -19.91 -8.97
N VAL E 253 -37.92 -19.38 -8.09
CA VAL E 253 -38.43 -18.80 -6.86
C VAL E 253 -38.42 -17.35 -7.30
N ALA E 254 -39.55 -16.93 -7.87
CA ALA E 254 -39.72 -15.59 -8.41
C ALA E 254 -39.61 -14.41 -7.48
N PRO E 255 -39.20 -13.25 -8.05
CA PRO E 255 -39.05 -12.00 -7.32
C PRO E 255 -40.43 -11.55 -6.88
N ARG E 256 -40.56 -11.03 -5.66
CA ARG E 256 -41.84 -10.50 -5.24
C ARG E 256 -41.64 -9.02 -4.99
N TYR E 257 -40.65 -8.69 -4.17
CA TYR E 257 -40.35 -7.28 -3.91
C TYR E 257 -38.96 -6.99 -4.43
N ALA E 258 -38.77 -5.77 -4.91
CA ALA E 258 -37.47 -5.34 -5.45
C ALA E 258 -37.10 -4.00 -4.82
N PHE E 259 -35.88 -3.53 -5.08
CA PHE E 259 -35.43 -2.28 -4.47
C PHE E 259 -34.88 -1.23 -5.43
N ALA E 260 -35.43 -0.03 -5.38
CA ALA E 260 -34.96 1.06 -6.20
C ALA E 260 -33.90 1.70 -5.31
N LEU E 261 -32.64 1.56 -5.69
CA LEU E 261 -31.52 2.07 -4.89
C LEU E 261 -31.16 3.52 -5.08
N ASN E 262 -30.76 4.16 -3.98
CA ASN E 262 -30.34 5.55 -3.98
C ASN E 262 -28.88 5.59 -3.51
N ARG E 263 -27.95 5.90 -4.41
CA ARG E 263 -26.56 6.00 -4.01
C ARG E 263 -26.57 7.28 -3.18
N GLY E 264 -25.68 7.41 -2.21
CA GLY E 264 -25.74 8.64 -1.45
C GLY E 264 -24.46 9.15 -0.81
N SER E 265 -23.61 8.24 -0.33
CA SER E 265 -22.39 8.73 0.34
C SER E 265 -21.55 7.60 0.87
N GLY E 266 -20.29 7.93 1.19
CA GLY E 266 -19.42 6.89 1.73
C GLY E 266 -20.09 6.44 3.02
N SER E 267 -20.77 5.31 2.91
CA SER E 267 -21.45 4.72 4.03
C SER E 267 -20.94 3.29 4.02
N GLY E 268 -21.59 2.40 4.74
CA GLY E 268 -21.13 1.02 4.72
C GLY E 268 -21.73 0.15 5.79
N ILE E 269 -21.15 -1.04 5.91
CA ILE E 269 -21.59 -2.03 6.87
C ILE E 269 -20.48 -2.19 7.89
N ILE E 270 -20.84 -2.36 9.15
CA ILE E 270 -19.85 -2.58 10.18
C ILE E 270 -20.35 -3.72 11.04
N THR E 271 -19.45 -4.37 11.77
CA THR E 271 -19.87 -5.44 12.64
C THR E 271 -19.62 -4.91 14.03
N SER E 272 -20.70 -4.76 14.79
CA SER E 272 -20.59 -4.25 16.14
C SER E 272 -21.60 -4.88 17.08
N ASP E 273 -21.23 -4.98 18.35
CA ASP E 273 -22.14 -5.51 19.34
C ASP E 273 -22.46 -4.41 20.33
N ALA E 274 -22.12 -3.18 19.93
CA ALA E 274 -22.38 -1.99 20.74
C ALA E 274 -23.84 -1.60 20.53
N PRO E 275 -24.48 -1.04 21.56
CA PRO E 275 -25.89 -0.64 21.41
C PRO E 275 -26.16 0.72 20.76
N VAL E 276 -27.33 0.82 20.14
CA VAL E 276 -27.83 2.03 19.48
C VAL E 276 -28.41 2.98 20.54
N HIS E 277 -28.35 4.29 20.30
CA HIS E 277 -28.87 5.26 21.25
C HIS E 277 -29.37 6.52 20.59
N ASP E 278 -30.19 7.31 21.29
CA ASP E 278 -30.64 8.58 20.73
C ASP E 278 -29.38 9.40 20.94
N CYS E 279 -28.48 9.27 19.99
CA CYS E 279 -27.19 9.92 20.06
C CYS E 279 -26.77 10.33 18.65
N ASP E 280 -26.10 11.47 18.55
CA ASP E 280 -25.62 12.00 17.28
C ASP E 280 -24.09 12.11 17.29
N THR E 281 -23.46 11.94 16.13
CA THR E 281 -22.01 12.02 16.03
C THR E 281 -21.60 12.33 14.59
N LYS E 282 -20.34 12.74 14.40
CA LYS E 282 -19.82 13.01 13.07
C LYS E 282 -18.88 11.86 12.74
N CYS E 283 -18.51 11.11 13.77
CA CYS E 283 -17.59 9.99 13.61
C CYS E 283 -18.03 8.71 14.35
N GLN E 284 -18.22 7.63 13.61
CA GLN E 284 -18.67 6.39 14.21
C GLN E 284 -17.70 5.22 14.02
N THR E 285 -17.41 4.50 15.10
CA THR E 285 -16.55 3.32 15.02
C THR E 285 -17.36 2.13 15.52
N PRO E 286 -16.86 0.92 15.28
CA PRO E 286 -17.59 -0.28 15.74
C PRO E 286 -17.66 -0.41 17.27
N HIS E 287 -16.88 0.39 17.98
CA HIS E 287 -16.86 0.33 19.45
C HIS E 287 -17.68 1.44 20.08
N GLY E 288 -17.89 2.51 19.30
CA GLY E 288 -18.64 3.64 19.81
C GLY E 288 -18.27 4.91 19.06
N ALA E 289 -19.01 5.97 19.29
CA ALA E 289 -18.77 7.25 18.62
C ALA E 289 -17.62 8.08 19.17
N ILE E 290 -16.95 8.79 18.26
CA ILE E 290 -15.84 9.66 18.61
C ILE E 290 -16.24 11.11 18.37
N ASN E 291 -16.05 11.96 19.38
CA ASN E 291 -16.33 13.39 19.27
C ASN E 291 -14.98 14.03 19.55
N SER E 292 -14.22 14.31 18.51
CA SER E 292 -12.88 14.86 18.70
C SER E 292 -12.32 15.65 17.52
N SER E 293 -11.39 16.55 17.81
CA SER E 293 -10.73 17.37 16.80
C SER E 293 -9.29 16.94 16.59
N LEU E 294 -8.81 16.04 17.44
CA LEU E 294 -7.44 15.53 17.34
C LEU E 294 -7.20 14.86 15.98
N PRO E 295 -5.95 14.86 15.51
CA PRO E 295 -5.62 14.25 14.22
C PRO E 295 -5.50 12.72 14.23
N PHE E 296 -5.33 12.14 15.41
CA PHE E 296 -5.18 10.70 15.52
C PHE E 296 -6.10 10.03 16.54
N GLN E 297 -6.35 8.74 16.32
CA GLN E 297 -7.18 7.94 17.20
C GLN E 297 -6.69 6.51 17.14
N ASN E 298 -6.86 5.78 18.23
CA ASN E 298 -6.45 4.37 18.28
C ASN E 298 -7.64 3.54 18.76
N ILE E 299 -8.83 4.07 18.50
CA ILE E 299 -10.07 3.41 18.88
C ILE E 299 -10.38 2.23 17.95
N HIS E 300 -10.29 2.47 16.65
CA HIS E 300 -10.61 1.44 15.68
C HIS E 300 -10.30 1.89 14.25
N PRO E 301 -9.71 1.00 13.43
CA PRO E 301 -9.38 1.35 12.05
C PRO E 301 -10.63 1.59 11.20
N VAL E 302 -11.74 0.98 11.60
CA VAL E 302 -13.00 1.12 10.88
C VAL E 302 -13.80 2.30 11.41
N THR E 303 -14.04 3.28 10.55
CA THR E 303 -14.78 4.47 10.92
C THR E 303 -15.80 4.84 9.85
N ILE E 304 -16.73 5.71 10.22
CA ILE E 304 -17.74 6.18 9.30
C ILE E 304 -17.94 7.65 9.64
N GLY E 305 -17.80 8.51 8.63
CA GLY E 305 -17.97 9.94 8.83
C GLY E 305 -16.64 10.67 8.72
N GLU E 306 -16.45 11.72 9.51
CA GLU E 306 -15.17 12.44 9.50
C GLU E 306 -14.50 12.10 10.81
N CYS E 307 -13.40 11.36 10.71
CA CYS E 307 -12.70 10.90 11.89
C CYS E 307 -11.21 11.16 11.87
N PRO E 308 -10.58 11.04 13.05
CA PRO E 308 -9.14 11.23 13.19
C PRO E 308 -8.55 10.00 12.50
N LYS E 309 -7.33 10.09 12.00
CA LYS E 309 -6.69 8.96 11.34
C LYS E 309 -6.34 7.86 12.32
N TYR E 310 -6.66 6.62 11.95
CA TYR E 310 -6.37 5.50 12.83
C TYR E 310 -4.87 5.23 12.92
N VAL E 311 -4.41 4.99 14.13
CA VAL E 311 -2.99 4.77 14.38
C VAL E 311 -2.83 3.79 15.54
N LYS E 312 -1.81 2.94 15.49
CA LYS E 312 -1.60 1.96 16.55
C LYS E 312 -0.85 2.49 17.77
N SER E 313 -0.65 3.79 17.84
CA SER E 313 0.07 4.37 18.95
C SER E 313 -0.69 4.33 20.26
N THR E 314 0.09 4.34 21.33
CA THR E 314 -0.42 4.34 22.67
C THR E 314 -0.32 5.78 23.18
N LYS E 315 0.65 6.51 22.63
CA LYS E 315 0.85 7.89 23.01
C LYS E 315 1.47 8.74 21.88
N LEU E 316 0.89 9.92 21.69
CA LEU E 316 1.36 10.87 20.70
C LEU E 316 1.14 12.24 21.29
N ARG E 317 2.16 12.73 21.98
CA ARG E 317 2.12 14.04 22.65
C ARG E 317 3.27 14.91 22.16
N MET E 318 2.96 16.12 21.72
CA MET E 318 3.97 17.07 21.24
C MET E 318 4.31 18.08 22.32
N ALA E 319 5.59 18.38 22.48
CA ALA E 319 5.99 19.39 23.46
C ALA E 319 5.79 20.71 22.74
N THR E 320 5.15 21.66 23.41
CA THR E 320 4.95 22.99 22.82
C THR E 320 5.77 23.93 23.67
N GLY E 321 5.76 23.68 24.98
CA GLY E 321 6.51 24.49 25.91
C GLY E 321 7.95 24.03 25.98
N LEU E 322 8.64 24.34 27.06
CA LEU E 322 10.02 23.93 27.18
C LEU E 322 10.27 23.02 28.35
N ARG E 323 11.49 22.46 28.40
CA ARG E 323 11.88 21.57 29.46
C ARG E 323 11.52 22.24 30.78
N ASN E 324 10.70 21.56 31.58
CA ASN E 324 10.27 22.12 32.86
C ASN E 324 11.31 21.81 33.93
N ILE E 325 11.96 22.86 34.43
CA ILE E 325 12.98 22.70 35.46
C ILE E 325 12.63 23.57 36.68
N PRO E 326 11.65 23.12 37.49
CA PRO E 326 11.23 23.88 38.69
C PRO E 326 12.38 24.08 39.67
N ALA E 327 13.37 23.18 39.60
CA ALA E 327 14.56 23.24 40.46
C ALA E 327 14.22 23.50 41.94
N ARG E 328 13.01 23.13 42.34
CA ARG E 328 12.56 23.31 43.72
C ARG E 328 13.56 22.75 44.73
N GLY F 1 20.87 20.57 26.54
CA GLY F 1 20.54 21.59 25.57
C GLY F 1 21.56 21.67 24.45
N LEU F 2 21.08 21.91 23.23
CA LEU F 2 21.94 22.00 22.07
C LEU F 2 22.66 23.35 22.03
N PHE F 3 22.15 24.34 22.76
CA PHE F 3 22.77 25.65 22.77
C PHE F 3 23.29 26.07 24.15
N GLY F 4 23.48 25.09 25.02
CA GLY F 4 24.03 25.35 26.35
C GLY F 4 23.28 26.26 27.32
N ALA F 5 22.20 26.89 26.91
CA ALA F 5 21.46 27.79 27.81
C ALA F 5 20.52 27.06 28.79
N ILE F 6 19.37 26.59 28.31
CA ILE F 6 18.41 25.88 29.16
C ILE F 6 19.04 24.64 29.77
N ALA F 7 18.88 24.46 31.06
CA ALA F 7 19.46 23.31 31.75
C ALA F 7 20.96 23.30 31.50
N GLY F 8 21.49 24.46 31.11
CA GLY F 8 22.90 24.59 30.84
C GLY F 8 23.56 25.61 31.76
N PHE F 9 23.98 26.75 31.21
CA PHE F 9 24.61 27.75 32.04
C PHE F 9 23.57 28.57 32.78
N ILE F 10 22.31 28.15 32.63
CA ILE F 10 21.18 28.75 33.33
C ILE F 10 20.42 27.52 33.83
N GLU F 11 21.01 26.88 34.84
CA GLU F 11 20.51 25.65 35.46
C GLU F 11 19.03 25.35 35.57
N GLY F 12 18.21 26.33 35.95
CA GLY F 12 16.78 26.07 36.09
C GLY F 12 15.84 27.15 35.60
N GLY F 13 14.54 26.85 35.67
CA GLY F 13 13.53 27.79 35.24
C GLY F 13 12.90 28.51 36.43
N TRP F 14 12.08 29.51 36.14
CA TRP F 14 11.45 30.28 37.19
C TRP F 14 9.94 30.06 37.28
N THR F 15 9.50 29.38 38.34
CA THR F 15 8.07 29.18 38.52
C THR F 15 7.54 30.59 38.73
N GLY F 16 8.43 31.47 39.17
CA GLY F 16 8.09 32.86 39.42
C GLY F 16 7.73 33.64 38.18
N LEU F 17 8.31 33.27 37.04
CA LEU F 17 7.99 33.95 35.79
C LEU F 17 6.63 33.38 35.41
N ILE F 18 5.65 34.24 35.13
CA ILE F 18 4.33 33.73 34.80
C ILE F 18 3.56 34.44 33.69
N ASP F 19 4.26 35.16 32.83
CA ASP F 19 3.58 35.84 31.73
C ASP F 19 4.26 35.59 30.39
N GLY F 20 5.10 34.55 30.35
CA GLY F 20 5.78 34.21 29.13
C GLY F 20 6.76 33.07 29.33
N TRP F 21 7.42 32.64 28.25
CA TRP F 21 8.39 31.55 28.34
C TRP F 21 9.78 32.07 28.69
N TYR F 22 10.13 33.24 28.14
CA TYR F 22 11.43 33.84 28.40
C TYR F 22 11.25 35.22 29.03
N GLY F 23 12.02 35.51 30.07
CA GLY F 23 11.89 36.80 30.71
C GLY F 23 13.08 37.20 31.55
N TYR F 24 12.88 38.20 32.40
CA TYR F 24 13.93 38.70 33.28
C TYR F 24 13.53 38.64 34.75
N HIS F 25 14.52 38.73 35.63
CA HIS F 25 14.25 38.73 37.06
C HIS F 25 14.43 40.15 37.57
N HIS F 26 15.68 40.59 37.65
CA HIS F 26 16.04 41.93 38.10
C HIS F 26 15.85 42.16 39.60
N GLN F 27 16.95 42.47 40.28
CA GLN F 27 16.91 42.74 41.71
C GLN F 27 17.49 44.12 41.97
N ASN F 28 16.74 45.13 41.52
CA ASN F 28 17.10 46.53 41.67
C ASN F 28 16.83 47.00 43.10
N GLU F 29 17.61 47.96 43.56
CA GLU F 29 17.46 48.51 44.91
C GLU F 29 16.02 48.83 45.29
N GLN F 30 15.20 49.18 44.29
CA GLN F 30 13.81 49.51 44.54
C GLN F 30 12.98 48.27 44.87
N GLY F 31 13.45 47.11 44.40
CA GLY F 31 12.72 45.88 44.67
C GLY F 31 13.09 44.72 43.75
N SER F 32 12.26 43.68 43.76
CA SER F 32 12.50 42.52 42.92
C SER F 32 11.22 42.09 42.24
N GLY F 33 11.36 41.18 41.26
CA GLY F 33 10.21 40.68 40.53
C GLY F 33 10.57 39.94 39.27
N TYR F 34 9.58 39.65 38.44
CA TYR F 34 9.81 38.96 37.17
C TYR F 34 9.05 39.69 36.07
N ALA F 35 9.63 39.71 34.89
CA ALA F 35 9.02 40.36 33.74
C ALA F 35 9.39 39.58 32.50
N ALA F 36 8.38 39.02 31.82
CA ALA F 36 8.61 38.23 30.63
C ALA F 36 8.82 39.07 29.38
N ASP F 37 9.72 38.61 28.52
CA ASP F 37 10.02 39.30 27.27
C ASP F 37 8.95 38.92 26.25
N GLN F 38 8.17 39.91 25.80
CA GLN F 38 7.12 39.67 24.82
C GLN F 38 7.67 39.29 23.46
N LYS F 39 8.59 40.11 22.96
CA LYS F 39 9.23 39.88 21.68
C LYS F 39 9.54 38.39 21.53
N SER F 40 10.38 37.88 22.43
CA SER F 40 10.77 36.49 22.41
C SER F 40 9.60 35.53 22.50
N THR F 41 8.85 35.63 23.60
CA THR F 41 7.71 34.76 23.85
C THR F 41 6.68 34.68 22.72
N GLN F 42 6.27 35.83 22.19
CA GLN F 42 5.28 35.79 21.12
C GLN F 42 5.86 35.16 19.86
N ASN F 43 7.11 35.48 19.52
CA ASN F 43 7.72 34.89 18.34
C ASN F 43 7.74 33.38 18.45
N ALA F 44 8.11 32.90 19.64
CA ALA F 44 8.15 31.47 19.89
C ALA F 44 6.75 30.88 19.76
N ILE F 45 5.78 31.54 20.38
CA ILE F 45 4.41 31.07 20.33
C ILE F 45 3.92 30.98 18.89
N ASP F 46 4.27 31.96 18.07
CA ASP F 46 3.85 31.94 16.66
C ASP F 46 4.43 30.75 15.91
N GLY F 47 5.70 30.44 16.17
CA GLY F 47 6.37 29.35 15.51
C GLY F 47 5.90 27.95 15.91
N ILE F 48 5.74 27.73 17.21
CA ILE F 48 5.29 26.44 17.71
C ILE F 48 3.86 26.20 17.30
N THR F 49 3.05 27.26 17.30
CA THR F 49 1.66 27.14 16.89
C THR F 49 1.67 26.70 15.43
N ASN F 50 2.47 27.38 14.62
CA ASN F 50 2.57 27.07 13.22
C ASN F 50 3.11 25.65 13.02
N LYS F 51 4.00 25.23 13.92
CA LYS F 51 4.58 23.90 13.84
C LYS F 51 3.52 22.84 14.08
N VAL F 52 2.70 23.03 15.11
CA VAL F 52 1.65 22.09 15.44
C VAL F 52 0.63 22.00 14.31
N ASN F 53 0.18 23.15 13.81
CA ASN F 53 -0.78 23.16 12.71
C ASN F 53 -0.22 22.49 11.47
N SER F 54 1.08 22.65 11.22
CA SER F 54 1.72 22.05 10.06
C SER F 54 1.63 20.53 10.18
N VAL F 55 1.95 20.03 11.36
CA VAL F 55 1.89 18.60 11.61
C VAL F 55 0.48 18.11 11.29
N ILE F 56 -0.52 18.78 11.86
CA ILE F 56 -1.91 18.42 11.64
C ILE F 56 -2.35 18.55 10.18
N GLU F 57 -1.88 19.59 9.48
CA GLU F 57 -2.25 19.77 8.07
C GLU F 57 -1.84 18.55 7.26
N LYS F 58 -0.60 18.12 7.42
CA LYS F 58 -0.05 16.98 6.70
C LYS F 58 -0.82 15.68 6.89
N MET F 59 -1.25 15.41 8.12
CA MET F 59 -1.99 14.18 8.40
C MET F 59 -3.41 14.28 7.83
N ASN F 60 -3.77 13.32 7.00
CA ASN F 60 -5.09 13.32 6.38
C ASN F 60 -6.18 12.81 7.32
N THR F 61 -7.35 13.43 7.22
CA THR F 61 -8.50 13.03 8.01
C THR F 61 -8.88 11.64 7.49
N GLN F 62 -9.66 10.90 8.26
CA GLN F 62 -10.08 9.59 7.82
C GLN F 62 -11.60 9.62 7.64
N PHE F 63 -12.07 9.26 6.46
CA PHE F 63 -13.50 9.24 6.23
C PHE F 63 -14.06 7.85 6.49
N THR F 64 -15.01 7.42 5.66
CA THR F 64 -15.59 6.10 5.85
C THR F 64 -14.68 5.07 5.23
N ALA F 65 -14.26 4.11 6.06
CA ALA F 65 -13.39 3.02 5.63
C ALA F 65 -13.99 1.76 6.24
N VAL F 66 -14.57 0.90 5.42
CA VAL F 66 -15.17 -0.33 5.94
C VAL F 66 -14.66 -1.58 5.23
N GLY F 67 -14.58 -2.66 6.00
CA GLY F 67 -14.09 -3.91 5.46
C GLY F 67 -14.92 -4.52 4.35
N LYS F 68 -14.36 -5.56 3.74
CA LYS F 68 -15.00 -6.28 2.67
C LYS F 68 -15.03 -7.72 3.13
N GLU F 69 -16.01 -8.48 2.68
CA GLU F 69 -16.12 -9.87 3.06
C GLU F 69 -15.63 -10.67 1.86
N PHE F 70 -15.14 -11.87 2.10
CA PHE F 70 -14.64 -12.74 1.02
C PHE F 70 -15.19 -14.13 1.25
N ASN F 71 -15.42 -14.90 0.20
CA ASN F 71 -15.92 -16.25 0.42
C ASN F 71 -14.75 -17.20 0.67
N ASN F 72 -15.07 -18.47 0.93
CA ASN F 72 -14.05 -19.45 1.25
C ASN F 72 -13.10 -19.80 0.10
N LEU F 73 -13.36 -19.20 -1.06
CA LEU F 73 -12.53 -19.44 -2.22
C LEU F 73 -11.78 -18.18 -2.64
N GLU F 74 -11.71 -17.20 -1.75
CA GLU F 74 -11.00 -15.96 -2.08
C GLU F 74 -10.04 -15.56 -0.99
N ARG F 75 -9.24 -16.51 -0.53
CA ARG F 75 -8.29 -16.26 0.53
C ARG F 75 -7.11 -15.41 0.09
N ARG F 76 -6.70 -15.58 -1.17
CA ARG F 76 -5.59 -14.78 -1.67
C ARG F 76 -5.92 -13.30 -1.67
N ILE F 77 -7.03 -12.90 -2.29
CA ILE F 77 -7.36 -11.47 -2.30
C ILE F 77 -7.73 -10.97 -0.91
N LYS F 78 -8.24 -11.88 -0.09
CA LYS F 78 -8.58 -11.50 1.28
C LYS F 78 -7.26 -11.19 2.03
N ASN F 79 -6.23 -12.02 1.84
CA ASN F 79 -4.97 -11.77 2.50
C ASN F 79 -4.33 -10.54 1.92
N LEU F 80 -4.47 -10.36 0.61
CA LEU F 80 -3.93 -9.18 -0.07
C LEU F 80 -4.57 -7.94 0.54
N ASN F 81 -5.89 -7.98 0.69
CA ASN F 81 -6.62 -6.85 1.25
C ASN F 81 -6.11 -6.50 2.64
N LYS F 82 -5.82 -7.53 3.43
CA LYS F 82 -5.33 -7.33 4.78
C LYS F 82 -3.89 -6.82 4.79
N LYS F 83 -3.10 -7.27 3.82
CA LYS F 83 -1.71 -6.84 3.74
C LYS F 83 -1.69 -5.34 3.43
N VAL F 84 -2.67 -4.89 2.65
CA VAL F 84 -2.77 -3.49 2.30
C VAL F 84 -3.20 -2.63 3.51
N ASP F 85 -4.18 -3.11 4.28
CA ASP F 85 -4.63 -2.36 5.45
C ASP F 85 -3.55 -2.30 6.52
N ASP F 86 -2.91 -3.45 6.75
CA ASP F 86 -1.83 -3.55 7.73
C ASP F 86 -0.61 -2.73 7.29
N GLY F 87 -0.34 -2.73 5.99
CA GLY F 87 0.79 -1.99 5.47
C GLY F 87 0.66 -0.49 5.70
N PHE F 88 -0.44 0.08 5.25
CA PHE F 88 -0.60 1.50 5.44
C PHE F 88 -0.70 1.91 6.89
N LEU F 89 -1.28 1.03 7.71
CA LEU F 89 -1.40 1.31 9.13
C LEU F 89 0.00 1.40 9.75
N ASP F 90 0.85 0.41 9.46
CA ASP F 90 2.20 0.41 9.99
C ASP F 90 2.95 1.65 9.51
N VAL F 91 2.75 2.03 8.25
CA VAL F 91 3.43 3.20 7.70
C VAL F 91 3.01 4.50 8.38
N TRP F 92 1.71 4.71 8.49
CA TRP F 92 1.19 5.91 9.13
C TRP F 92 1.49 5.99 10.61
N THR F 93 1.51 4.84 11.28
CA THR F 93 1.81 4.84 12.69
C THR F 93 3.27 5.27 12.82
N TYR F 94 4.11 4.76 11.94
CA TYR F 94 5.52 5.11 11.92
C TYR F 94 5.69 6.61 11.63
N ASN F 95 5.03 7.10 10.58
CA ASN F 95 5.11 8.51 10.23
C ASN F 95 4.69 9.41 11.39
N ALA F 96 3.58 9.07 12.03
CA ALA F 96 3.08 9.87 13.14
C ALA F 96 4.01 9.87 14.36
N GLU F 97 4.52 8.72 14.76
CA GLU F 97 5.40 8.67 15.93
C GLU F 97 6.76 9.26 15.67
N LEU F 98 7.26 9.09 14.47
CA LEU F 98 8.58 9.61 14.10
C LEU F 98 8.54 11.14 14.01
N LEU F 99 7.54 11.68 13.32
CA LEU F 99 7.42 13.12 13.18
C LEU F 99 7.30 13.81 14.54
N VAL F 100 6.58 13.19 15.47
CA VAL F 100 6.40 13.77 16.79
C VAL F 100 7.70 13.71 17.60
N LEU F 101 8.47 12.63 17.45
CA LEU F 101 9.74 12.50 18.14
C LEU F 101 10.75 13.54 17.64
N LEU F 102 10.89 13.61 16.33
CA LEU F 102 11.82 14.54 15.70
C LEU F 102 11.48 15.98 16.02
N GLU F 103 10.21 16.34 15.93
CA GLU F 103 9.82 17.71 16.22
C GLU F 103 9.97 18.05 17.70
N ASN F 104 9.70 17.08 18.57
CA ASN F 104 9.84 17.33 20.00
C ASN F 104 11.31 17.69 20.29
N GLU F 105 12.23 17.04 19.58
CA GLU F 105 13.65 17.31 19.73
C GLU F 105 13.91 18.74 19.23
N ARG F 106 13.41 19.05 18.03
CA ARG F 106 13.58 20.37 17.46
C ARG F 106 13.05 21.43 18.42
N THR F 107 11.79 21.25 18.83
CA THR F 107 11.13 22.20 19.73
C THR F 107 11.93 22.56 20.97
N LEU F 108 12.48 21.57 21.65
CA LEU F 108 13.27 21.85 22.83
C LEU F 108 14.52 22.64 22.47
N ASP F 109 15.13 22.32 21.32
CA ASP F 109 16.31 23.06 20.87
C ASP F 109 15.92 24.50 20.58
N PHE F 110 14.76 24.66 19.94
CA PHE F 110 14.24 25.99 19.58
C PHE F 110 14.17 26.90 20.79
N HIS F 111 13.66 26.36 21.90
CA HIS F 111 13.56 27.14 23.12
C HIS F 111 14.96 27.47 23.62
N ASP F 112 15.80 26.45 23.69
CA ASP F 112 17.17 26.62 24.16
C ASP F 112 17.82 27.77 23.38
N SER F 113 17.67 27.74 22.06
CA SER F 113 18.22 28.79 21.20
C SER F 113 17.64 30.15 21.54
N ASN F 114 16.35 30.22 21.77
CA ASN F 114 15.72 31.49 22.08
C ASN F 114 16.25 32.11 23.36
N VAL F 115 16.46 31.29 24.39
CA VAL F 115 16.99 31.77 25.65
C VAL F 115 18.40 32.31 25.40
N LYS F 116 19.22 31.50 24.75
CA LYS F 116 20.59 31.84 24.41
C LYS F 116 20.64 33.19 23.70
N ASN F 117 19.85 33.33 22.63
CA ASN F 117 19.83 34.59 21.88
C ASN F 117 19.39 35.78 22.74
N LEU F 118 18.53 35.52 23.72
CA LEU F 118 18.06 36.58 24.59
C LEU F 118 19.22 37.00 25.49
N TYR F 119 19.94 36.03 26.02
CA TYR F 119 21.09 36.31 26.87
C TYR F 119 22.08 37.18 26.12
N GLU F 120 22.57 36.66 24.99
CA GLU F 120 23.53 37.36 24.16
C GLU F 120 23.05 38.74 23.74
N LYS F 121 21.74 38.90 23.62
CA LYS F 121 21.18 40.18 23.22
C LYS F 121 21.31 41.17 24.37
N ALA F 122 20.90 40.75 25.57
CA ALA F 122 20.96 41.60 26.74
C ALA F 122 22.41 41.84 27.12
N ARG F 123 23.28 40.91 26.75
CA ARG F 123 24.70 41.02 27.05
C ARG F 123 25.41 42.06 26.19
N SER F 124 25.08 42.09 24.91
CA SER F 124 25.70 43.04 23.99
C SER F 124 25.13 44.44 24.18
N GLN F 125 24.10 44.57 25.01
CA GLN F 125 23.51 45.87 25.27
C GLN F 125 24.23 46.52 26.43
N LEU F 126 24.60 45.70 27.41
CA LEU F 126 25.26 46.17 28.61
C LEU F 126 26.77 46.42 28.48
N ARG F 127 27.50 45.45 27.94
CA ARG F 127 28.94 45.61 27.78
C ARG F 127 29.73 45.79 29.07
N ASN F 128 30.35 46.97 29.19
CA ASN F 128 31.17 47.32 30.33
C ASN F 128 30.35 47.73 31.54
N ASN F 129 29.12 48.17 31.30
CA ASN F 129 28.26 48.63 32.37
C ASN F 129 27.79 47.55 33.34
N ALA F 130 28.19 46.31 33.10
CA ALA F 130 27.81 45.20 33.96
C ALA F 130 28.70 44.00 33.71
N LYS F 131 28.87 43.14 34.71
CA LYS F 131 29.69 41.96 34.52
C LYS F 131 28.84 40.69 34.54
N GLU F 132 29.30 39.68 33.81
CA GLU F 132 28.62 38.40 33.74
C GLU F 132 28.92 37.59 34.99
N ILE F 133 27.90 37.40 35.83
CA ILE F 133 28.03 36.63 37.07
C ILE F 133 27.85 35.14 36.80
N GLY F 134 27.34 34.82 35.60
CA GLY F 134 27.09 33.43 35.26
C GLY F 134 25.60 33.22 35.43
N ASN F 135 25.15 31.96 35.50
CA ASN F 135 23.73 31.65 35.66
C ASN F 135 22.81 32.62 34.90
N GLY F 136 23.35 33.28 33.88
CA GLY F 136 22.56 34.20 33.09
C GLY F 136 22.27 35.55 33.73
N CYS F 137 22.95 35.89 34.82
CA CYS F 137 22.71 37.17 35.47
C CYS F 137 23.79 38.22 35.18
N PHE F 138 23.37 39.48 35.15
CA PHE F 138 24.31 40.57 34.92
C PHE F 138 24.28 41.51 36.12
N GLU F 139 25.44 41.75 36.72
CA GLU F 139 25.51 42.64 37.86
C GLU F 139 25.99 44.00 37.35
N PHE F 140 25.17 45.02 37.53
CA PHE F 140 25.52 46.36 37.06
C PHE F 140 26.63 47.00 37.88
N TYR F 141 27.33 47.94 37.26
CA TYR F 141 28.40 48.67 37.90
C TYR F 141 27.83 50.00 38.36
N HIS F 142 27.05 50.61 37.48
CA HIS F 142 26.45 51.92 37.75
C HIS F 142 25.08 51.96 38.41
N LYS F 143 24.63 50.87 39.02
CA LYS F 143 23.31 50.85 39.66
C LYS F 143 22.23 51.22 38.64
N CYS F 144 21.20 50.38 38.55
CA CYS F 144 20.13 50.56 37.57
C CYS F 144 18.74 50.44 38.19
N ASP F 145 18.00 51.55 38.19
CA ASP F 145 16.66 51.58 38.78
C ASP F 145 15.62 50.95 37.86
N ASP F 146 14.38 50.84 38.36
CA ASP F 146 13.28 50.26 37.60
C ASP F 146 13.16 50.93 36.23
N ALA F 147 13.26 52.25 36.22
CA ALA F 147 13.17 53.00 34.97
C ALA F 147 14.27 52.49 34.03
N CYS F 148 15.43 52.21 34.61
CA CYS F 148 16.57 51.72 33.86
C CYS F 148 16.46 50.25 33.45
N MET F 149 16.05 49.39 34.37
CA MET F 149 15.89 47.97 34.07
C MET F 149 14.98 47.80 32.86
N GLU F 150 13.90 48.57 32.83
CA GLU F 150 12.95 48.50 31.74
C GLU F 150 13.60 48.82 30.41
N SER F 151 14.57 49.72 30.41
CA SER F 151 15.23 50.08 29.17
C SER F 151 15.97 48.86 28.60
N VAL F 152 16.48 48.02 29.50
CA VAL F 152 17.20 46.82 29.07
C VAL F 152 16.26 45.80 28.45
N ARG F 153 15.08 45.65 29.05
CA ARG F 153 14.08 44.70 28.57
C ARG F 153 13.60 45.05 27.17
N ASN F 154 13.23 46.31 26.95
CA ASN F 154 12.75 46.72 25.64
C ASN F 154 13.88 47.19 24.73
N GLY F 155 15.04 46.57 24.90
CA GLY F 155 16.21 46.89 24.08
C GLY F 155 16.56 48.32 23.75
N THR F 156 16.48 49.22 24.72
CA THR F 156 16.83 50.61 24.48
C THR F 156 18.15 50.94 25.18
N TYR F 157 18.16 50.82 26.50
CA TYR F 157 19.34 51.08 27.33
C TYR F 157 20.36 52.00 26.66
N ASP F 158 21.31 51.38 25.96
CA ASP F 158 22.36 52.10 25.24
C ASP F 158 23.30 52.91 26.14
N TYR F 159 24.57 52.52 26.14
CA TYR F 159 25.61 53.18 26.91
C TYR F 159 26.85 52.29 26.90
N PRO F 160 27.61 52.29 25.78
CA PRO F 160 28.82 51.48 25.63
C PRO F 160 29.71 51.48 26.87
#